data_3GS5
# 
_entry.id   3GS5 
# 
_audit_conform.dict_name       mmcif_pdbx.dic 
_audit_conform.dict_version    5.387 
_audit_conform.dict_location   http://mmcif.pdb.org/dictionaries/ascii/mmcif_pdbx.dic 
# 
loop_
_database_2.database_id 
_database_2.database_code 
_database_2.pdbx_database_accession 
_database_2.pdbx_DOI 
PDB   3GS5         pdb_00003gs5 10.2210/pdb3gs5/pdb 
NDB   UR0194       ?            ?                   
RCSB  RCSB052243   ?            ?                   
WWPDB D_1000052243 ?            ?                   
# 
loop_
_pdbx_audit_revision_history.ordinal 
_pdbx_audit_revision_history.data_content_type 
_pdbx_audit_revision_history.major_revision 
_pdbx_audit_revision_history.minor_revision 
_pdbx_audit_revision_history.revision_date 
1 'Structure model' 1 0 2009-04-21 
2 'Structure model' 1 1 2011-07-13 
3 'Structure model' 1 2 2024-02-21 
# 
_pdbx_audit_revision_details.ordinal             1 
_pdbx_audit_revision_details.revision_ordinal    1 
_pdbx_audit_revision_details.data_content_type   'Structure model' 
_pdbx_audit_revision_details.provider            repository 
_pdbx_audit_revision_details.type                'Initial release' 
_pdbx_audit_revision_details.description         ? 
_pdbx_audit_revision_details.details             ? 
# 
loop_
_pdbx_audit_revision_group.ordinal 
_pdbx_audit_revision_group.revision_ordinal 
_pdbx_audit_revision_group.data_content_type 
_pdbx_audit_revision_group.group 
1 2 'Structure model' 'Version format compliance' 
2 3 'Structure model' 'Data collection'           
3 3 'Structure model' 'Database references'       
4 3 'Structure model' 'Derived calculations'      
# 
loop_
_pdbx_audit_revision_category.ordinal 
_pdbx_audit_revision_category.revision_ordinal 
_pdbx_audit_revision_category.data_content_type 
_pdbx_audit_revision_category.category 
1 3 'Structure model' chem_comp_atom 
2 3 'Structure model' chem_comp_bond 
3 3 'Structure model' database_2     
4 3 'Structure model' struct_conn    
5 3 'Structure model' struct_site    
# 
loop_
_pdbx_audit_revision_item.ordinal 
_pdbx_audit_revision_item.revision_ordinal 
_pdbx_audit_revision_item.data_content_type 
_pdbx_audit_revision_item.item 
1 3 'Structure model' '_database_2.pdbx_DOI'                
2 3 'Structure model' '_database_2.pdbx_database_accession' 
3 3 'Structure model' '_struct_conn.pdbx_leaving_atom_flag' 
4 3 'Structure model' '_struct_site.pdbx_auth_asym_id'      
5 3 'Structure model' '_struct_site.pdbx_auth_comp_id'      
6 3 'Structure model' '_struct_site.pdbx_auth_seq_id'       
# 
_pdbx_database_status.status_code                     REL 
_pdbx_database_status.entry_id                        3GS5 
_pdbx_database_status.recvd_initial_deposition_date   2009-03-26 
_pdbx_database_status.deposit_site                    RCSB 
_pdbx_database_status.process_site                    RCSB 
_pdbx_database_status.status_code_sf                  REL 
_pdbx_database_status.status_code_mr                  ? 
_pdbx_database_status.SG_entry                        ? 
_pdbx_database_status.pdb_format_compatible           Y 
_pdbx_database_status.status_code_cs                  ? 
_pdbx_database_status.status_code_nmr_data            ? 
_pdbx_database_status.methods_development_category    ? 
# 
loop_
_pdbx_database_related.db_name 
_pdbx_database_related.db_id 
_pdbx_database_related.details 
_pdbx_database_related.content_type 
PDB 3GS1 . unspecified 
PDB 3GS8 . unspecified 
# 
loop_
_audit_author.name 
_audit_author.pdbx_ordinal 
'Spitale, R.C.'  1 
'Volpini, R.'    2 
'Heller, M.G.'   3 
'Krucinska, J.'  4 
'Cristalli, G.'  5 
'Wedekind, J.E.' 6 
# 
_citation.id                        primary 
_citation.title                     'Identification of an imino group indispensable for cleavage by a small ribozyme.' 
_citation.journal_abbrev            J.Am.Chem.Soc. 
_citation.journal_volume            131 
_citation.page_first                6093 
_citation.page_last                 6095 
_citation.year                      2009 
_citation.journal_id_ASTM           JACSAT 
_citation.country                   US 
_citation.journal_id_ISSN           0002-7863 
_citation.journal_id_CSD            0004 
_citation.book_publisher            ? 
_citation.pdbx_database_id_PubMed   19354216 
_citation.pdbx_database_id_DOI      10.1021/ja900450h 
# 
loop_
_citation_author.citation_id 
_citation_author.name 
_citation_author.ordinal 
_citation_author.identifier_ORCID 
primary 'Spitale, R.C.'  1 ? 
primary 'Volpini, R.'    2 ? 
primary 'Heller, M.G.'   3 ? 
primary 'Krucinska, J.'  4 ? 
primary 'Cristalli, G.'  5 ? 
primary 'Wedekind, J.E.' 6 ? 
# 
loop_
_entity.id 
_entity.type 
_entity.src_method 
_entity.pdbx_description 
_entity.formula_weight 
_entity.pdbx_number_of_molecules 
_entity.pdbx_ec 
_entity.pdbx_mutation 
_entity.pdbx_fragment 
_entity.details 
1 polymer     syn 'RNA (25-MER)'                                            8067.876  1 ? ? ? ? 
2 polymer     syn 'RNA (36-MER)'                                            11571.971 1 ? ? ? ? 
3 non-polymer syn '2-[2-(2-HYDROXYETHOXY)ETHOXY]ETHYL DIHYDROGEN PHOSPHATE' 230.153   1 ? ? ? ? 
4 non-polymer syn 'COBALT HEXAMMINE(III)'                                   161.116   2 ? ? ? ? 
5 non-polymer syn 'SULFATE ION'                                             96.063    1 ? ? ? ? 
# 
loop_
_entity_poly.entity_id 
_entity_poly.type 
_entity_poly.nstd_linkage 
_entity_poly.nstd_monomer 
_entity_poly.pdbx_seq_one_letter_code 
_entity_poly.pdbx_seq_one_letter_code_can 
_entity_poly.pdbx_strand_id 
_entity_poly.pdbx_target_identifier 
1 polyribonucleotide no no UCCCAGUCCACCGCGGUGAGAAGGG            UCCCAGUCCACCGCGGUGAGAAGGG            A ? 
2 polyribonucleotide no no GGCAGAGAAACACACGAUCGUGGUACAUUACCUGCC GGCAGAGAAACACACGAUCGUGGUACAUUACCUGCC C ? 
# 
loop_
_pdbx_entity_nonpoly.entity_id 
_pdbx_entity_nonpoly.name 
_pdbx_entity_nonpoly.comp_id 
3 '2-[2-(2-HYDROXYETHOXY)ETHOXY]ETHYL DIHYDROGEN PHOSPHATE' S9L 
4 'COBALT HEXAMMINE(III)'                                   NCO 
5 'SULFATE ION'                                             SO4 
# 
loop_
_entity_poly_seq.entity_id 
_entity_poly_seq.num 
_entity_poly_seq.mon_id 
_entity_poly_seq.hetero 
1 1  U n 
1 2  C n 
1 3  C n 
1 4  C n 
1 5  A n 
1 6  G n 
1 7  U n 
1 8  C n 
1 9  C n 
1 10 A n 
1 11 C n 
1 12 C n 
1 13 G n 
1 14 C n 
1 15 G n 
1 16 G n 
1 17 U n 
1 18 G n 
1 19 A n 
1 20 G n 
1 21 A n 
1 22 A n 
1 23 G n 
1 24 G n 
1 25 G n 
2 1  G n 
2 2  G n 
2 3  C n 
2 4  A n 
2 5  G n 
2 6  A n 
2 7  G n 
2 8  A n 
2 9  A n 
2 10 A n 
2 11 C n 
2 12 A n 
2 13 C n 
2 14 A n 
2 15 C n 
2 16 G n 
2 17 A n 
2 18 U n 
2 19 C n 
2 20 G n 
2 21 U n 
2 22 G n 
2 23 G n 
2 24 U n 
2 25 A n 
2 26 C n 
2 27 A n 
2 28 U n 
2 29 U n 
2 30 A n 
2 31 C n 
2 32 C n 
2 33 U n 
2 34 G n 
2 35 C n 
2 36 C n 
# 
loop_
_chem_comp.id 
_chem_comp.type 
_chem_comp.mon_nstd_flag 
_chem_comp.name 
_chem_comp.pdbx_synonyms 
_chem_comp.formula 
_chem_comp.formula_weight 
A   'RNA linking' y "ADENOSINE-5'-MONOPHOSPHATE"                              ? 'C10 H14 N5 O7 P' 347.221 
C   'RNA linking' y "CYTIDINE-5'-MONOPHOSPHATE"                               ? 'C9 H14 N3 O8 P'  323.197 
G   'RNA linking' y "GUANOSINE-5'-MONOPHOSPHATE"                              ? 'C10 H14 N5 O8 P' 363.221 
NCO non-polymer   . 'COBALT HEXAMMINE(III)'                                   ? 'Co H18 N6 3'     161.116 
S9L non-polymer   . '2-[2-(2-HYDROXYETHOXY)ETHOXY]ETHYL DIHYDROGEN PHOSPHATE' ? 'C6 H15 O7 P'     230.153 
SO4 non-polymer   . 'SULFATE ION'                                             ? 'O4 S -2'         96.063  
U   'RNA linking' y "URIDINE-5'-MONOPHOSPHATE"                                ? 'C9 H13 N2 O9 P'  324.181 
# 
loop_
_pdbx_poly_seq_scheme.asym_id 
_pdbx_poly_seq_scheme.entity_id 
_pdbx_poly_seq_scheme.seq_id 
_pdbx_poly_seq_scheme.mon_id 
_pdbx_poly_seq_scheme.ndb_seq_num 
_pdbx_poly_seq_scheme.pdb_seq_num 
_pdbx_poly_seq_scheme.auth_seq_num 
_pdbx_poly_seq_scheme.pdb_mon_id 
_pdbx_poly_seq_scheme.auth_mon_id 
_pdbx_poly_seq_scheme.pdb_strand_id 
_pdbx_poly_seq_scheme.pdb_ins_code 
_pdbx_poly_seq_scheme.hetero 
A 1 1  U 1  1  1  U U A . n 
A 1 2  C 2  2  2  C C A . n 
A 1 3  C 3  3  3  C C A . n 
A 1 4  C 4  4  4  C C A . n 
A 1 5  A 5  5  5  A A A . n 
A 1 6  G 6  6  6  G G A . n 
A 1 7  U 7  7  7  U U A . n 
A 1 8  C 8  8  8  C C A . n 
A 1 9  C 9  9  9  C C A . n 
A 1 10 A 10 10 10 A A A . n 
A 1 11 C 11 11 11 C C A . n 
A 1 12 C 12 12 12 C C A . n 
A 1 13 G 13 13 13 G G A . n 
A 1 14 C 14 14 14 C C A . n 
A 1 15 G 15 15 15 G G A . n 
A 1 16 G 16 16 16 G G A . n 
A 1 17 U 17 17 17 U U A . n 
A 1 18 G 18 18 18 G G A . n 
A 1 19 A 19 19 19 A A A . n 
A 1 20 G 20 20 20 G G A . n 
A 1 21 A 21 21 21 A A A . n 
A 1 22 A 22 22 22 A A A . n 
A 1 23 G 23 23 23 G G A . n 
A 1 24 G 24 24 24 G G A . n 
A 1 25 G 25 25 25 G G A . n 
B 2 1  G 1  27 27 G G C . n 
B 2 2  G 2  28 28 G G C . n 
B 2 3  C 3  29 29 C C C . n 
B 2 4  A 4  30 30 A A C . n 
B 2 5  G 5  31 31 G G C . n 
B 2 6  A 6  32 32 A A C . n 
B 2 7  G 7  33 33 G G C . n 
B 2 8  A 8  34 34 A A C . n 
B 2 9  A 9  35 35 A A C . n 
B 2 10 A 10 36 36 A A C . n 
B 2 11 C 11 37 37 C C C . n 
B 2 12 A 12 38 38 A A C . n 
B 2 13 C 13 39 39 C C C . n 
B 2 14 A 14 40 40 A A C . n 
B 2 15 C 15 41 41 C C C . n 
B 2 16 G 16 42 42 G G C . n 
B 2 17 A 17 43 43 A A C . n 
B 2 18 U 18 44 44 U U C . n 
B 2 19 C 19 45 45 C C C . n 
B 2 20 G 20 46 46 G G C . n 
B 2 21 U 21 47 47 U U C . n 
B 2 22 G 22 48 48 G G C . n 
B 2 23 G 23 49 49 G G C . n 
B 2 24 U 24 50 50 U U C . n 
B 2 25 A 25 51 51 A A C . n 
B 2 26 C 26 52 52 C C C . n 
B 2 27 A 27 53 53 A A C . n 
B 2 28 U 28 54 54 U U C . n 
B 2 29 U 29 55 55 U U C . n 
B 2 30 A 30 56 56 A A C . n 
B 2 31 C 31 57 57 C C C . n 
B 2 32 C 32 58 58 C C C . n 
B 2 33 U 33 59 59 U U C . n 
B 2 34 G 34 60 60 G G C . n 
B 2 35 C 35 61 61 C C C . n 
B 2 36 C 36 62 62 C C C . n 
# 
loop_
_pdbx_nonpoly_scheme.asym_id 
_pdbx_nonpoly_scheme.entity_id 
_pdbx_nonpoly_scheme.mon_id 
_pdbx_nonpoly_scheme.ndb_seq_num 
_pdbx_nonpoly_scheme.pdb_seq_num 
_pdbx_nonpoly_scheme.auth_seq_num 
_pdbx_nonpoly_scheme.pdb_mon_id 
_pdbx_nonpoly_scheme.auth_mon_id 
_pdbx_nonpoly_scheme.pdb_strand_id 
_pdbx_nonpoly_scheme.pdb_ins_code 
C 3 S9L 1 26 26 S9L S9L A . 
D 4 NCO 1 27 2  NCO NCO A . 
E 5 SO4 1 28 23 SO4 SO4 A . 
F 4 NCO 1 1  1  NCO NCO C . 
# 
loop_
_pdbx_unobs_or_zero_occ_atoms.id 
_pdbx_unobs_or_zero_occ_atoms.PDB_model_num 
_pdbx_unobs_or_zero_occ_atoms.polymer_flag 
_pdbx_unobs_or_zero_occ_atoms.occupancy_flag 
_pdbx_unobs_or_zero_occ_atoms.auth_asym_id 
_pdbx_unobs_or_zero_occ_atoms.auth_comp_id 
_pdbx_unobs_or_zero_occ_atoms.auth_seq_id 
_pdbx_unobs_or_zero_occ_atoms.PDB_ins_code 
_pdbx_unobs_or_zero_occ_atoms.auth_atom_id 
_pdbx_unobs_or_zero_occ_atoms.label_alt_id 
_pdbx_unobs_or_zero_occ_atoms.label_asym_id 
_pdbx_unobs_or_zero_occ_atoms.label_comp_id 
_pdbx_unobs_or_zero_occ_atoms.label_seq_id 
_pdbx_unobs_or_zero_occ_atoms.label_atom_id 
1 1 Y 1 A G 6  ? P   ? A G 6  P   
2 1 Y 1 A G 6  ? OP1 ? A G 6  OP1 
3 1 Y 1 A G 6  ? OP2 ? A G 6  OP2 
4 1 Y 1 A C 14 ? P   ? A C 14 P   
5 1 Y 1 A C 14 ? OP1 ? A C 14 OP1 
6 1 Y 1 A C 14 ? OP2 ? A C 14 OP2 
7 1 Y 1 C U 44 ? P   ? B U 18 P   
8 1 Y 1 C U 44 ? OP1 ? B U 18 OP1 
9 1 Y 1 C U 44 ? OP2 ? B U 18 OP2 
# 
loop_
_software.name 
_software.classification 
_software.version 
_software.citation_id 
_software.pdbx_ordinal 
CrystalClear 'data collection' . ? 1 
CNS          refinement        . ? 2 
CrystalClear 'data reduction'  . ? 3 
CrystalClear 'data scaling'    . ? 4 
CNS          phasing           . ? 5 
# 
_cell.entry_id           3GS5 
_cell.length_a           93.830 
_cell.length_b           93.830 
_cell.length_c           132.090 
_cell.angle_alpha        90.00 
_cell.angle_beta         90.00 
_cell.angle_gamma        120.00 
_cell.Z_PDB              12 
_cell.pdbx_unique_axis   ? 
_cell.length_a_esd       ? 
_cell.length_b_esd       ? 
_cell.length_c_esd       ? 
_cell.angle_alpha_esd    ? 
_cell.angle_beta_esd     ? 
_cell.angle_gamma_esd    ? 
# 
_symmetry.entry_id                         3GS5 
_symmetry.space_group_name_H-M             'P 61 2 2' 
_symmetry.pdbx_full_space_group_name_H-M   ? 
_symmetry.cell_setting                     ? 
_symmetry.Int_Tables_number                178 
_symmetry.space_group_name_Hall            ? 
# 
_exptl.entry_id          3GS5 
_exptl.method            'X-RAY DIFFRACTION' 
_exptl.crystals_number   1 
# 
_exptl_crystal.id                    1 
_exptl_crystal.density_meas          ? 
_exptl_crystal.density_Matthews      4.27 
_exptl_crystal.density_percent_sol   71.22 
_exptl_crystal.description           ? 
_exptl_crystal.F_000                 ? 
_exptl_crystal.preparation           ? 
# 
_exptl_crystal_grow.crystal_id      1 
_exptl_crystal_grow.method          'VAPOR DIFFUSION, HANGING DROP' 
_exptl_crystal_grow.temp            293 
_exptl_crystal_grow.temp_details    ? 
_exptl_crystal_grow.pH              7.0 
_exptl_crystal_grow.pdbx_details    
;20.5% (w/v) PEG 2K MME, 0.10 M Na-Cacodylate, 0.25 M Li2SO4, 2.5 mM Co(NH3)6Cl3, 2 mM spermidine-HCl, pH 7.0, VAPOR DIFFUSION, HANGING DROP, temperature 293K
;
_exptl_crystal_grow.pdbx_pH_range   ? 
# 
loop_
_exptl_crystal_grow_comp.crystal_id 
_exptl_crystal_grow_comp.id 
_exptl_crystal_grow_comp.sol_id 
_exptl_crystal_grow_comp.name 
_exptl_crystal_grow_comp.volume 
_exptl_crystal_grow_comp.conc 
_exptl_crystal_grow_comp.details 
1 1  1 'PEG 2K MME'   ? ? ? 
1 2  1 Na-Cacodylate  ? ? ? 
1 3  1 Li2SO4         ? ? ? 
1 4  1 'Co(NH3)6Cl3'  ? ? ? 
1 5  1 spermidine-HCl ? ? ? 
1 6  2 'PEG 2K MME'   ? ? ? 
1 7  2 Na-Cacodylate  ? ? ? 
1 8  2 Li2SO4         ? ? ? 
1 9  2 'Co(NH3)6Cl3'  ? ? ? 
1 10 2 spermidine-HCl ? ? ? 
# 
_diffrn.id                     1 
_diffrn.ambient_temp           100 
_diffrn.ambient_temp_details   ? 
_diffrn.crystal_id             1 
# 
_diffrn_detector.diffrn_id              1 
_diffrn_detector.detector               'IMAGE PLATE' 
_diffrn_detector.type                   'RIGAKU RAXIS IV' 
_diffrn_detector.pdbx_collection_date   2008-09-08 
_diffrn_detector.details                'VariMax optics (Rigaku)' 
# 
_diffrn_radiation.diffrn_id                        1 
_diffrn_radiation.wavelength_id                    1 
_diffrn_radiation.pdbx_monochromatic_or_laue_m_l   M 
_diffrn_radiation.monochromator                    '0.3 x 3 mm focusing cup' 
_diffrn_radiation.pdbx_diffrn_protocol             'SINGLE WAVELENGTH' 
_diffrn_radiation.pdbx_scattering_type             x-ray 
# 
_diffrn_radiation_wavelength.id           1 
_diffrn_radiation_wavelength.wavelength   1.54 
_diffrn_radiation_wavelength.wt           1.0 
# 
_diffrn_source.diffrn_id                   1 
_diffrn_source.source                      'ROTATING ANODE' 
_diffrn_source.type                        'RIGAKU RUH2R' 
_diffrn_source.pdbx_synchrotron_site       ? 
_diffrn_source.pdbx_synchrotron_beamline   ? 
_diffrn_source.pdbx_wavelength             ? 
_diffrn_source.pdbx_wavelength_list        1.54 
# 
_reflns.entry_id                     3GS5 
_reflns.observed_criterion_sigma_I   2.3 
_reflns.observed_criterion_sigma_F   ? 
_reflns.d_resolution_low             29.91 
_reflns.d_resolution_high            2.75 
_reflns.number_obs                   9256 
_reflns.number_all                   ? 
_reflns.percent_possible_obs         ? 
_reflns.pdbx_Rmerge_I_obs            0.488 
_reflns.pdbx_Rsym_value              ? 
_reflns.pdbx_netI_over_sigmaI        24.4 
_reflns.B_iso_Wilson_estimate        64.4 
_reflns.pdbx_redundancy              4.75 
_reflns.R_free_details               ? 
_reflns.limit_h_max                  ? 
_reflns.limit_h_min                  ? 
_reflns.limit_k_max                  ? 
_reflns.limit_k_min                  ? 
_reflns.limit_l_max                  ? 
_reflns.limit_l_min                  ? 
_reflns.observed_criterion_F_max     ? 
_reflns.observed_criterion_F_min     ? 
_reflns.pdbx_chi_squared             ? 
_reflns.pdbx_scaling_rejects         ? 
_reflns.pdbx_diffrn_id               1 
_reflns.pdbx_ordinal                 1 
# 
_reflns_shell.d_res_high             2.75 
_reflns_shell.d_res_low              2.85 
_reflns_shell.percent_possible_all   ? 
_reflns_shell.Rmerge_I_obs           0.488 
_reflns_shell.pdbx_Rsym_value        ? 
_reflns_shell.meanI_over_sigI_obs    2.3 
_reflns_shell.pdbx_redundancy        4.75 
_reflns_shell.percent_possible_obs   ? 
_reflns_shell.number_unique_all      894 
_reflns_shell.number_measured_all    ? 
_reflns_shell.number_measured_obs    ? 
_reflns_shell.number_unique_obs      ? 
_reflns_shell.pdbx_chi_squared       ? 
_reflns_shell.pdbx_diffrn_id         ? 
_reflns_shell.pdbx_ordinal           1 
# 
_refine.entry_id                                 3GS5 
_refine.ls_number_reflns_obs                     9221 
_refine.ls_number_reflns_all                     ? 
_refine.pdbx_ls_sigma_I                          ? 
_refine.pdbx_ls_sigma_F                          0.0 
_refine.pdbx_data_cutoff_high_absF               54013.67 
_refine.pdbx_data_cutoff_low_absF                0.000000 
_refine.pdbx_data_cutoff_high_rms_absF           ? 
_refine.ls_d_res_low                             27.85 
_refine.ls_d_res_high                            2.75 
_refine.ls_percent_reflns_obs                    97.6 
_refine.ls_R_factor_obs                          0.218 
_refine.ls_R_factor_all                          ? 
_refine.ls_R_factor_R_work                       0.218 
_refine.ls_R_factor_R_free                       0.243 
_refine.ls_R_factor_R_free_error                 0.009 
_refine.ls_R_factor_R_free_error_details         ? 
_refine.ls_percent_reflns_R_free                 7.5 
_refine.ls_number_reflns_R_free                  694 
_refine.ls_number_parameters                     ? 
_refine.ls_number_restraints                     ? 
_refine.occupancy_min                            ? 
_refine.occupancy_max                            ? 
_refine.correlation_coeff_Fo_to_Fc               ? 
_refine.correlation_coeff_Fo_to_Fc_free          ? 
_refine.B_iso_mean                               74.8 
_refine.aniso_B[1][1]                            -11.57 
_refine.aniso_B[2][2]                            -11.57 
_refine.aniso_B[3][3]                            23.14 
_refine.aniso_B[1][2]                            0.00 
_refine.aniso_B[1][3]                            0.00 
_refine.aniso_B[2][3]                            0.00 
_refine.solvent_model_details                    'FLAT MODEL' 
_refine.solvent_model_param_ksol                 0.35 
_refine.solvent_model_param_bsol                 54.6298 
_refine.pdbx_solvent_vdw_probe_radii             ? 
_refine.pdbx_solvent_ion_probe_radii             ? 
_refine.pdbx_solvent_shrinkage_radii             ? 
_refine.pdbx_ls_cross_valid_method               THROUGHOUT 
_refine.details                                  'BULK SOLVENT MODEL USED' 
_refine.pdbx_starting_model                      ? 
_refine.pdbx_method_to_determine_struct          'FOURIER SYNTHESIS' 
_refine.pdbx_isotropic_thermal_model             RESTRAINED 
_refine.pdbx_stereochemistry_target_values       ? 
_refine.pdbx_stereochem_target_val_spec_case     ? 
_refine.pdbx_R_Free_selection_details            RANDOM 
_refine.pdbx_overall_ESU_R                       ? 
_refine.pdbx_overall_ESU_R_Free                  ? 
_refine.overall_SU_ML                            ? 
_refine.overall_SU_B                             ? 
_refine.ls_redundancy_reflns_obs                 ? 
_refine.B_iso_min                                ? 
_refine.B_iso_max                                ? 
_refine.overall_SU_R_Cruickshank_DPI             ? 
_refine.overall_SU_R_free                        ? 
_refine.ls_wR_factor_R_free                      ? 
_refine.ls_wR_factor_R_work                      ? 
_refine.overall_FOM_free_R_set                   ? 
_refine.overall_FOM_work_R_set                   ? 
_refine.pdbx_overall_phase_error                 ? 
_refine.pdbx_refine_id                           'X-RAY DIFFRACTION' 
_refine.pdbx_diffrn_id                           1 
_refine.pdbx_TLS_residual_ADP_flag               ? 
_refine.pdbx_overall_SU_R_free_Cruickshank_DPI   ? 
_refine.pdbx_overall_SU_R_Blow_DPI               ? 
_refine.pdbx_overall_SU_R_free_Blow_DPI          ? 
# 
_refine_analyze.entry_id                        3GS5 
_refine_analyze.Luzzati_coordinate_error_obs    0.51 
_refine_analyze.Luzzati_sigma_a_obs             0.72 
_refine_analyze.Luzzati_d_res_low_obs           5.00 
_refine_analyze.Luzzati_coordinate_error_free   0.48 
_refine_analyze.Luzzati_sigma_a_free            0.68 
_refine_analyze.Luzzati_d_res_low_free          ? 
_refine_analyze.number_disordered_residues      ? 
_refine_analyze.occupancy_sum_hydrogen          ? 
_refine_analyze.occupancy_sum_non_hydrogen      ? 
_refine_analyze.pdbx_Luzzati_d_res_high_obs     ? 
_refine_analyze.pdbx_refine_id                  'X-RAY DIFFRACTION' 
# 
_refine_hist.pdbx_refine_id                   'X-RAY DIFFRACTION' 
_refine_hist.cycle_id                         LAST 
_refine_hist.pdbx_number_atoms_protein        0 
_refine_hist.pdbx_number_atoms_nucleic_acid   1334 
_refine_hist.pdbx_number_atoms_ligand         32 
_refine_hist.number_atoms_solvent             0 
_refine_hist.number_atoms_total               1366 
_refine_hist.d_res_high                       2.75 
_refine_hist.d_res_low                        27.85 
# 
loop_
_refine_ls_restr.type 
_refine_ls_restr.dev_ideal 
_refine_ls_restr.dev_ideal_target 
_refine_ls_restr.weight 
_refine_ls_restr.number 
_refine_ls_restr.pdbx_refine_id 
_refine_ls_restr.pdbx_restraint_function 
c_bond_d           0.007 ? ? ? 'X-RAY DIFFRACTION' ? 
c_angle_deg        1.3   ? ? ? 'X-RAY DIFFRACTION' ? 
c_dihedral_angle_d 17.2  ? ? ? 'X-RAY DIFFRACTION' ? 
c_improper_angle_d 1.73  ? ? ? 'X-RAY DIFFRACTION' ? 
# 
_refine_ls_shell.pdbx_total_number_of_bins_used   6 
_refine_ls_shell.d_res_high                       2.75 
_refine_ls_shell.d_res_low                        2.85 
_refine_ls_shell.number_reflns_R_work             1394 
_refine_ls_shell.R_factor_R_work                  0.527 
_refine_ls_shell.percent_reflns_obs               98.8 
_refine_ls_shell.R_factor_R_free                  0.521 
_refine_ls_shell.R_factor_R_free_error            0.050 
_refine_ls_shell.percent_reflns_R_free            7.1 
_refine_ls_shell.number_reflns_R_free             107 
_refine_ls_shell.number_reflns_all                ? 
_refine_ls_shell.R_factor_all                     ? 
_refine_ls_shell.number_reflns_obs                ? 
_refine_ls_shell.redundancy_reflns_obs            ? 
_refine_ls_shell.pdbx_refine_id                   'X-RAY DIFFRACTION' 
# 
loop_
_pdbx_xplor_file.serial_no 
_pdbx_xplor_file.param_file 
_pdbx_xplor_file.topol_file 
_pdbx_xplor_file.pdbx_refine_id 
1 dna-rnaATT protein.top 'X-RAY DIFFRACTION' 
2 cobalt.par ?           'X-RAY DIFFRACTION' 
# 
_struct.entry_id                  3GS5 
_struct.title                     'An all-RNA hairpin ribozyme A38N1dA variant with a product mimic substrate strand' 
_struct.pdbx_model_details        ? 
_struct.pdbx_CASP_flag            ? 
_struct.pdbx_model_type_details   ? 
# 
_struct_keywords.entry_id        3GS5 
_struct_keywords.pdbx_keywords   RNA 
_struct_keywords.text            'hairpin ribozyme, RNA ribozyme, N1-deazaadenosine, RNA' 
# 
loop_
_struct_asym.id 
_struct_asym.pdbx_blank_PDB_chainid_flag 
_struct_asym.pdbx_modified 
_struct_asym.entity_id 
_struct_asym.details 
A N N 1 ? 
B N N 2 ? 
C N N 3 ? 
D N N 4 ? 
E N N 5 ? 
F N N 4 ? 
# 
loop_
_struct_ref.id 
_struct_ref.db_name 
_struct_ref.db_code 
_struct_ref.pdbx_db_accession 
_struct_ref.entity_id 
_struct_ref.pdbx_align_begin 
_struct_ref.pdbx_seq_one_letter_code 
_struct_ref.pdbx_db_isoform 
1 PDB 3GS5 3GS5 1 ? ? ? 
2 PDB 3GS5 3GS5 2 ? ? ? 
# 
loop_
_struct_ref_seq.align_id 
_struct_ref_seq.ref_id 
_struct_ref_seq.pdbx_PDB_id_code 
_struct_ref_seq.pdbx_strand_id 
_struct_ref_seq.seq_align_beg 
_struct_ref_seq.pdbx_seq_align_beg_ins_code 
_struct_ref_seq.seq_align_end 
_struct_ref_seq.pdbx_seq_align_end_ins_code 
_struct_ref_seq.pdbx_db_accession 
_struct_ref_seq.db_align_beg 
_struct_ref_seq.pdbx_db_align_beg_ins_code 
_struct_ref_seq.db_align_end 
_struct_ref_seq.pdbx_db_align_end_ins_code 
_struct_ref_seq.pdbx_auth_seq_align_beg 
_struct_ref_seq.pdbx_auth_seq_align_end 
1 1 3GS5 A 1 ? 25 ? 3GS5 1  ? 25 ? 1  25 
2 2 3GS5 C 1 ? 36 ? 3GS5 27 ? 62 ? 27 62 
# 
_pdbx_struct_assembly.id                   1 
_pdbx_struct_assembly.details              author_defined_assembly 
_pdbx_struct_assembly.method_details       ? 
_pdbx_struct_assembly.oligomeric_details   dimeric 
_pdbx_struct_assembly.oligomeric_count     2 
# 
_pdbx_struct_assembly_gen.assembly_id       1 
_pdbx_struct_assembly_gen.oper_expression   1 
_pdbx_struct_assembly_gen.asym_id_list      A,B,C,D,E,F 
# 
_pdbx_struct_oper_list.id                   1 
_pdbx_struct_oper_list.type                 'identity operation' 
_pdbx_struct_oper_list.name                 1_555 
_pdbx_struct_oper_list.symmetry_operation   x,y,z 
_pdbx_struct_oper_list.matrix[1][1]         1.0000000000 
_pdbx_struct_oper_list.matrix[1][2]         0.0000000000 
_pdbx_struct_oper_list.matrix[1][3]         0.0000000000 
_pdbx_struct_oper_list.vector[1]            0.0000000000 
_pdbx_struct_oper_list.matrix[2][1]         0.0000000000 
_pdbx_struct_oper_list.matrix[2][2]         1.0000000000 
_pdbx_struct_oper_list.matrix[2][3]         0.0000000000 
_pdbx_struct_oper_list.vector[2]            0.0000000000 
_pdbx_struct_oper_list.matrix[3][1]         0.0000000000 
_pdbx_struct_oper_list.matrix[3][2]         0.0000000000 
_pdbx_struct_oper_list.matrix[3][3]         1.0000000000 
_pdbx_struct_oper_list.vector[3]            0.0000000000 
# 
_struct_biol.id        1 
_struct_biol.details   ? 
# 
loop_
_struct_conn.id 
_struct_conn.conn_type_id 
_struct_conn.pdbx_leaving_atom_flag 
_struct_conn.pdbx_PDB_id 
_struct_conn.ptnr1_label_asym_id 
_struct_conn.ptnr1_label_comp_id 
_struct_conn.ptnr1_label_seq_id 
_struct_conn.ptnr1_label_atom_id 
_struct_conn.pdbx_ptnr1_label_alt_id 
_struct_conn.pdbx_ptnr1_PDB_ins_code 
_struct_conn.pdbx_ptnr1_standard_comp_id 
_struct_conn.ptnr1_symmetry 
_struct_conn.ptnr2_label_asym_id 
_struct_conn.ptnr2_label_comp_id 
_struct_conn.ptnr2_label_seq_id 
_struct_conn.ptnr2_label_atom_id 
_struct_conn.pdbx_ptnr2_label_alt_id 
_struct_conn.pdbx_ptnr2_PDB_ins_code 
_struct_conn.ptnr1_auth_asym_id 
_struct_conn.ptnr1_auth_comp_id 
_struct_conn.ptnr1_auth_seq_id 
_struct_conn.ptnr2_auth_asym_id 
_struct_conn.ptnr2_auth_comp_id 
_struct_conn.ptnr2_auth_seq_id 
_struct_conn.ptnr2_symmetry 
_struct_conn.pdbx_ptnr3_label_atom_id 
_struct_conn.pdbx_ptnr3_label_seq_id 
_struct_conn.pdbx_ptnr3_label_comp_id 
_struct_conn.pdbx_ptnr3_label_asym_id 
_struct_conn.pdbx_ptnr3_label_alt_id 
_struct_conn.pdbx_ptnr3_PDB_ins_code 
_struct_conn.details 
_struct_conn.pdbx_dist_value 
_struct_conn.pdbx_value_order 
_struct_conn.pdbx_role 
covale1  covale both ? A G   25 "O3'" ? ? ? 1_555 C S9L .  P  ? ? A G   25 A S9L 26 1_555 ? ? ? ? ? ? ?                    1.597 ? 
? 
covale2  covale both ? C S9L .  "O3'" ? ? ? 1_555 B G   1  P  ? ? A S9L 26 C G   27 1_555 ? ? ? ? ? ? ?                    1.608 ? 
? 
hydrog1  hydrog ?    ? A C   2  N3    ? ? ? 1_555 A G   25 N1 ? ? A C   2  A G   25 1_555 ? ? ? ? ? ? WATSON-CRICK         ?     ? 
? 
hydrog2  hydrog ?    ? A C   2  N4    ? ? ? 1_555 A G   25 O6 ? ? A C   2  A G   25 1_555 ? ? ? ? ? ? WATSON-CRICK         ?     ? 
? 
hydrog3  hydrog ?    ? A C   2  O2    ? ? ? 1_555 A G   25 N2 ? ? A C   2  A G   25 1_555 ? ? ? ? ? ? WATSON-CRICK         ?     ? 
? 
hydrog4  hydrog ?    ? A C   3  N3    ? ? ? 1_555 A G   24 N1 ? ? A C   3  A G   24 1_555 ? ? ? ? ? ? WATSON-CRICK         ?     ? 
? 
hydrog5  hydrog ?    ? A C   3  N4    ? ? ? 1_555 A G   24 O6 ? ? A C   3  A G   24 1_555 ? ? ? ? ? ? WATSON-CRICK         ?     ? 
? 
hydrog6  hydrog ?    ? A C   3  O2    ? ? ? 1_555 A G   24 N2 ? ? A C   3  A G   24 1_555 ? ? ? ? ? ? WATSON-CRICK         ?     ? 
? 
hydrog7  hydrog ?    ? A C   4  N3    ? ? ? 1_555 A G   23 N1 ? ? A C   4  A G   23 1_555 ? ? ? ? ? ? WATSON-CRICK         ?     ? 
? 
hydrog8  hydrog ?    ? A C   4  N4    ? ? ? 1_555 A G   23 O6 ? ? A C   4  A G   23 1_555 ? ? ? ? ? ? WATSON-CRICK         ?     ? 
? 
hydrog9  hydrog ?    ? A C   4  O2    ? ? ? 1_555 A G   23 N2 ? ? A C   4  A G   23 1_555 ? ? ? ? ? ? WATSON-CRICK         ?     ? 
? 
hydrog10 hydrog ?    ? A A   5  N3    ? ? ? 1_555 A A   21 N6 ? ? A A   5  A A   21 1_555 ? ? ? ? ? ? 'A-A MISPAIR'        ?     ? 
? 
hydrog11 hydrog ?    ? A A   5  N3    ? ? ? 1_555 A A   22 N6 ? ? A A   5  A A   22 1_555 ? ? ? ? ? ? 'A-A MISPAIR'        ?     ? 
? 
hydrog12 hydrog ?    ? A G   6  N1    ? ? ? 1_555 B C   11 N3 ? ? A G   6  C C   37 1_555 ? ? ? ? ? ? WATSON-CRICK         ?     ? 
? 
hydrog13 hydrog ?    ? A G   6  N2    ? ? ? 1_555 B C   11 O2 ? ? A G   6  C C   37 1_555 ? ? ? ? ? ? WATSON-CRICK         ?     ? 
? 
hydrog14 hydrog ?    ? A G   6  O6    ? ? ? 1_555 B C   11 N4 ? ? A G   6  C C   37 1_555 ? ? ? ? ? ? WATSON-CRICK         ?     ? 
? 
hydrog15 hydrog ?    ? A U   7  O4    ? ? ? 1_555 A G   20 N2 A ? A U   7  A G   20 1_555 ? ? ? ? ? ? 'U-G MISPAIR'        ?     ? 
? 
hydrog16 hydrog ?    ? A C   8  N4    ? ? ? 1_555 A A   19 N1 ? ? A C   8  A A   19 1_555 ? ? ? ? ? ? 'C-A MISPAIR'        ?     ? 
? 
hydrog17 hydrog ?    ? A C   9  N3    ? ? ? 1_555 A G   18 N1 ? ? A C   9  A G   18 1_555 ? ? ? ? ? ? WATSON-CRICK         ?     ? 
? 
hydrog18 hydrog ?    ? A C   9  N4    ? ? ? 1_555 A G   18 O6 ? ? A C   9  A G   18 1_555 ? ? ? ? ? ? WATSON-CRICK         ?     ? 
? 
hydrog19 hydrog ?    ? A C   9  O2    ? ? ? 1_555 A G   18 N2 ? ? A C   9  A G   18 1_555 ? ? ? ? ? ? WATSON-CRICK         ?     ? 
? 
hydrog20 hydrog ?    ? A A   10 N1    ? ? ? 1_555 A U   17 N3 ? ? A A   10 A U   17 1_555 ? ? ? ? ? ? WATSON-CRICK         ?     ? 
? 
hydrog21 hydrog ?    ? A A   10 N6    ? ? ? 1_555 A U   17 O4 ? ? A A   10 A U   17 1_555 ? ? ? ? ? ? WATSON-CRICK         ?     ? 
? 
hydrog22 hydrog ?    ? A C   11 N3    ? ? ? 1_555 A G   16 N1 ? ? A C   11 A G   16 1_555 ? ? ? ? ? ? WATSON-CRICK         ?     ? 
? 
hydrog23 hydrog ?    ? A C   11 N4    ? ? ? 1_555 A G   16 O6 ? ? A C   11 A G   16 1_555 ? ? ? ? ? ? WATSON-CRICK         ?     ? 
? 
hydrog24 hydrog ?    ? A C   11 O2    ? ? ? 1_555 A G   16 N2 ? ? A C   11 A G   16 1_555 ? ? ? ? ? ? WATSON-CRICK         ?     ? 
? 
hydrog25 hydrog ?    ? A C   12 N3    ? ? ? 1_555 A G   15 N1 ? ? A C   12 A G   15 1_555 ? ? ? ? ? ? WATSON-CRICK         ?     ? 
? 
hydrog26 hydrog ?    ? A C   12 N4    ? ? ? 1_555 A G   15 O6 ? ? A C   12 A G   15 1_555 ? ? ? ? ? ? WATSON-CRICK         ?     ? 
? 
hydrog27 hydrog ?    ? A C   12 O2    ? ? ? 1_555 A G   15 N2 ? ? A C   12 A G   15 1_555 ? ? ? ? ? ? WATSON-CRICK         ?     ? 
? 
hydrog28 hydrog ?    ? A G   13 N1    ? ? ? 1_555 A C   14 N3 ? ? A G   13 A C   14 1_555 ? ? ? ? ? ? WATSON-CRICK         ?     ? 
? 
hydrog29 hydrog ?    ? A G   13 N2    ? ? ? 1_555 A C   14 O2 ? ? A G   13 A C   14 1_555 ? ? ? ? ? ? WATSON-CRICK         ?     ? 
? 
hydrog30 hydrog ?    ? A G   13 O6    ? ? ? 1_555 A C   14 N4 ? ? A G   13 A C   14 1_555 ? ? ? ? ? ? WATSON-CRICK         ?     ? 
? 
hydrog31 hydrog ?    ? B G   1  N1    ? ? ? 1_555 B C   36 N3 ? ? C G   27 C C   62 1_555 ? ? ? ? ? ? WATSON-CRICK         ?     ? 
? 
hydrog32 hydrog ?    ? B G   1  N2    ? ? ? 1_555 B C   36 O2 ? ? C G   27 C C   62 1_555 ? ? ? ? ? ? WATSON-CRICK         ?     ? 
? 
hydrog33 hydrog ?    ? B G   1  O6    ? ? ? 1_555 B C   36 N4 ? ? C G   27 C C   62 1_555 ? ? ? ? ? ? WATSON-CRICK         ?     ? 
? 
hydrog34 hydrog ?    ? B G   2  N1    ? ? ? 1_555 B C   35 N3 ? ? C G   28 C C   61 1_555 ? ? ? ? ? ? WATSON-CRICK         ?     ? 
? 
hydrog35 hydrog ?    ? B G   2  N2    ? ? ? 1_555 B C   35 O2 ? ? C G   28 C C   61 1_555 ? ? ? ? ? ? WATSON-CRICK         ?     ? 
? 
hydrog36 hydrog ?    ? B G   2  O6    ? ? ? 1_555 B C   35 N4 ? ? C G   28 C C   61 1_555 ? ? ? ? ? ? WATSON-CRICK         ?     ? 
? 
hydrog37 hydrog ?    ? B C   3  N3    ? ? ? 1_555 B G   34 N1 ? ? C C   29 C G   60 1_555 ? ? ? ? ? ? WATSON-CRICK         ?     ? 
? 
hydrog38 hydrog ?    ? B C   3  N4    ? ? ? 1_555 B G   34 O6 ? ? C C   29 C G   60 1_555 ? ? ? ? ? ? WATSON-CRICK         ?     ? 
? 
hydrog39 hydrog ?    ? B C   3  O2    ? ? ? 1_555 B G   34 N2 ? ? C C   29 C G   60 1_555 ? ? ? ? ? ? WATSON-CRICK         ?     ? 
? 
hydrog40 hydrog ?    ? B A   4  N1    ? ? ? 1_555 B U   33 N3 ? ? C A   30 C U   59 1_555 ? ? ? ? ? ? WATSON-CRICK         ?     ? 
? 
hydrog41 hydrog ?    ? B A   4  N6    ? ? ? 1_555 B U   33 O4 ? ? C A   30 C U   59 1_555 ? ? ? ? ? ? WATSON-CRICK         ?     ? 
? 
hydrog42 hydrog ?    ? B G   5  N1    ? ? ? 1_555 B C   32 N3 ? ? C G   31 C C   58 1_555 ? ? ? ? ? ? WATSON-CRICK         ?     ? 
? 
hydrog43 hydrog ?    ? B G   5  N2    ? ? ? 1_555 B C   32 O2 ? ? C G   31 C C   58 1_555 ? ? ? ? ? ? WATSON-CRICK         ?     ? 
? 
hydrog44 hydrog ?    ? B G   5  O6    ? ? ? 1_555 B C   32 N4 ? ? C G   31 C C   58 1_555 ? ? ? ? ? ? WATSON-CRICK         ?     ? 
? 
hydrog45 hydrog ?    ? B A   6  N1    ? ? ? 1_555 B C   31 N4 ? ? C A   32 C C   57 1_555 ? ? ? ? ? ? 'A-C MISPAIR'        ?     ? 
? 
hydrog46 hydrog ?    ? B G   7  N2    ? ? ? 1_555 B A   30 N7 ? ? C G   33 C A   56 1_555 ? ? ? ? ? ? TYPE_11_PAIR         ?     ? 
? 
hydrog47 hydrog ?    ? B G   7  N3    ? ? ? 1_555 B A   30 N6 ? ? C G   33 C A   56 1_555 ? ? ? ? ? ? TYPE_11_PAIR         ?     ? 
? 
hydrog48 hydrog ?    ? B A   8  N6    ? ? ? 1_555 B U   28 O2 ? ? C A   34 C U   54 1_555 ? ? ? ? ? ? 'REVERSED HOOGSTEEN' ?     ? 
? 
hydrog49 hydrog ?    ? B A   8  N7    ? ? ? 1_555 B U   28 N3 ? ? C A   34 C U   54 1_555 ? ? ? ? ? ? 'REVERSED HOOGSTEEN' ?     ? 
? 
hydrog50 hydrog ?    ? B A   9  N6    ? ? ? 1_555 B A   27 N1 ? ? C A   35 C A   53 1_555 ? ? ? ? ? ? 'A-A MISPAIR'        ?     ? 
? 
hydrog51 hydrog ?    ? B A   10 N6    ? ? ? 1_555 B A   25 N7 ? ? C A   36 C A   51 1_555 ? ? ? ? ? ? 'A-A MISPAIR'        ?     ? 
? 
hydrog52 hydrog ?    ? B A   12 N1    ? ? ? 1_555 B G   23 N1 ? ? C A   38 C G   49 1_555 ? ? ? ? ? ? TYPE_8_PAIR          ?     ? 
? 
hydrog53 hydrog ?    ? B A   12 N6    ? ? ? 1_555 B G   23 O6 ? ? C A   38 C G   49 1_555 ? ? ? ? ? ? TYPE_8_PAIR          ?     ? 
? 
hydrog54 hydrog ?    ? B C   13 N3    ? ? ? 1_555 B G   22 N1 ? ? C C   39 C G   48 1_555 ? ? ? ? ? ? WATSON-CRICK         ?     ? 
? 
hydrog55 hydrog ?    ? B C   13 N4    ? ? ? 1_555 B G   22 O6 ? ? C C   39 C G   48 1_555 ? ? ? ? ? ? WATSON-CRICK         ?     ? 
? 
hydrog56 hydrog ?    ? B C   13 O2    ? ? ? 1_555 B G   22 N2 ? ? C C   39 C G   48 1_555 ? ? ? ? ? ? WATSON-CRICK         ?     ? 
? 
hydrog57 hydrog ?    ? B A   14 N1    ? ? ? 1_555 B U   21 N3 ? ? C A   40 C U   47 1_555 ? ? ? ? ? ? WATSON-CRICK         ?     ? 
? 
hydrog58 hydrog ?    ? B A   14 N6    ? ? ? 1_555 B U   21 O4 ? ? C A   40 C U   47 1_555 ? ? ? ? ? ? WATSON-CRICK         ?     ? 
? 
hydrog59 hydrog ?    ? B C   15 N3    ? ? ? 1_555 B G   20 N1 ? ? C C   41 C G   46 1_555 ? ? ? ? ? ? WATSON-CRICK         ?     ? 
? 
hydrog60 hydrog ?    ? B C   15 N4    ? ? ? 1_555 B G   20 O6 ? ? C C   41 C G   46 1_555 ? ? ? ? ? ? WATSON-CRICK         ?     ? 
? 
hydrog61 hydrog ?    ? B C   15 O2    ? ? ? 1_555 B G   20 N2 ? ? C C   41 C G   46 1_555 ? ? ? ? ? ? WATSON-CRICK         ?     ? 
? 
hydrog62 hydrog ?    ? B G   16 N1    ? ? ? 1_555 B C   19 N3 ? ? C G   42 C C   45 1_555 ? ? ? ? ? ? WATSON-CRICK         ?     ? 
? 
hydrog63 hydrog ?    ? B G   16 N2    ? ? ? 1_555 B C   19 O2 ? ? C G   42 C C   45 1_555 ? ? ? ? ? ? WATSON-CRICK         ?     ? 
? 
hydrog64 hydrog ?    ? B G   16 O6    ? ? ? 1_555 B C   19 N4 ? ? C G   42 C C   45 1_555 ? ? ? ? ? ? WATSON-CRICK         ?     ? 
? 
hydrog65 hydrog ?    ? B A   17 N1    ? ? ? 1_555 B U   18 N3 ? ? C A   43 C U   44 1_555 ? ? ? ? ? ? WATSON-CRICK         ?     ? 
? 
hydrog66 hydrog ?    ? B A   17 N6    ? ? ? 1_555 B U   18 O4 ? ? C A   43 C U   44 1_555 ? ? ? ? ? ? WATSON-CRICK         ?     ? 
? 
# 
loop_
_struct_conn_type.id 
_struct_conn_type.criteria 
_struct_conn_type.reference 
covale ? ? 
hydrog ? ? 
# 
loop_
_struct_site.id 
_struct_site.pdbx_evidence_code 
_struct_site.pdbx_auth_asym_id 
_struct_site.pdbx_auth_comp_id 
_struct_site.pdbx_auth_seq_id 
_struct_site.pdbx_auth_ins_code 
_struct_site.pdbx_num_residues 
_struct_site.details 
AC1 Software A S9L 26 ? 4 'BINDING SITE FOR RESIDUE S9L A 26' 
AC2 Software C NCO 1  ? 4 'BINDING SITE FOR RESIDUE NCO C 1'  
AC3 Software A NCO 27 ? 6 'BINDING SITE FOR RESIDUE NCO A 27' 
AC4 Software A SO4 28 ? 3 'BINDING SITE FOR RESIDUE SO4 A 28' 
# 
loop_
_struct_site_gen.id 
_struct_site_gen.site_id 
_struct_site_gen.pdbx_num_res 
_struct_site_gen.label_comp_id 
_struct_site_gen.label_asym_id 
_struct_site_gen.label_seq_id 
_struct_site_gen.pdbx_auth_ins_code 
_struct_site_gen.auth_comp_id 
_struct_site_gen.auth_asym_id 
_struct_site_gen.auth_seq_id 
_struct_site_gen.label_atom_id 
_struct_site_gen.label_alt_id 
_struct_site_gen.symmetry 
_struct_site_gen.details 
1  AC1 4 U   A 1  ? U   A 1  . ? 10_665 ? 
2  AC1 4 G   A 25 ? G   A 25 . ? 1_555  ? 
3  AC1 4 G   B 1  ? G   C 27 . ? 1_555  ? 
4  AC1 4 A   B 17 ? A   C 43 . ? 9_665  ? 
5  AC2 4 A   B 6  ? A   C 32 . ? 1_555  ? 
6  AC2 4 G   B 7  ? G   C 33 . ? 1_555  ? 
7  AC2 4 A   B 27 ? A   C 53 . ? 1_555  ? 
8  AC2 4 U   B 28 ? U   C 54 . ? 1_555  ? 
9  AC3 6 C   A 2  ? C   A 2  . ? 1_555  ? 
10 AC3 6 C   A 3  ? C   A 3  . ? 1_555  ? 
11 AC3 6 G   A 23 ? G   A 23 . ? 1_555  ? 
12 AC3 6 G   A 24 ? G   A 24 . ? 1_555  ? 
13 AC3 6 G   A 25 ? G   A 25 . ? 1_555  ? 
14 AC3 6 SO4 E .  ? SO4 A 28 . ? 1_555  ? 
15 AC4 3 U   A 1  ? U   A 1  . ? 1_555  ? 
16 AC4 3 C   A 2  ? C   A 2  . ? 1_555  ? 
17 AC4 3 NCO D .  ? NCO A 27 . ? 1_555  ? 
# 
_pdbx_validate_rmsd_bond.id                        1 
_pdbx_validate_rmsd_bond.PDB_model_num             1 
_pdbx_validate_rmsd_bond.auth_atom_id_1            P 
_pdbx_validate_rmsd_bond.auth_asym_id_1            A 
_pdbx_validate_rmsd_bond.auth_comp_id_1            G 
_pdbx_validate_rmsd_bond.auth_seq_id_1             20 
_pdbx_validate_rmsd_bond.PDB_ins_code_1            ? 
_pdbx_validate_rmsd_bond.label_alt_id_1            A 
_pdbx_validate_rmsd_bond.auth_atom_id_2            OP2 
_pdbx_validate_rmsd_bond.auth_asym_id_2            A 
_pdbx_validate_rmsd_bond.auth_comp_id_2            G 
_pdbx_validate_rmsd_bond.auth_seq_id_2             20 
_pdbx_validate_rmsd_bond.PDB_ins_code_2            ? 
_pdbx_validate_rmsd_bond.label_alt_id_2            A 
_pdbx_validate_rmsd_bond.bond_value                1.383 
_pdbx_validate_rmsd_bond.bond_target_value         1.485 
_pdbx_validate_rmsd_bond.bond_deviation            -0.102 
_pdbx_validate_rmsd_bond.bond_standard_deviation   0.017 
_pdbx_validate_rmsd_bond.linker_flag               N 
# 
_pdbx_validate_rmsd_angle.id                         1 
_pdbx_validate_rmsd_angle.PDB_model_num              1 
_pdbx_validate_rmsd_angle.auth_atom_id_1             N9 
_pdbx_validate_rmsd_angle.auth_asym_id_1             C 
_pdbx_validate_rmsd_angle.auth_comp_id_1             A 
_pdbx_validate_rmsd_angle.auth_seq_id_1              51 
_pdbx_validate_rmsd_angle.PDB_ins_code_1             ? 
_pdbx_validate_rmsd_angle.label_alt_id_1             ? 
_pdbx_validate_rmsd_angle.auth_atom_id_2             "C1'" 
_pdbx_validate_rmsd_angle.auth_asym_id_2             C 
_pdbx_validate_rmsd_angle.auth_comp_id_2             A 
_pdbx_validate_rmsd_angle.auth_seq_id_2              51 
_pdbx_validate_rmsd_angle.PDB_ins_code_2             ? 
_pdbx_validate_rmsd_angle.label_alt_id_2             ? 
_pdbx_validate_rmsd_angle.auth_atom_id_3             "C2'" 
_pdbx_validate_rmsd_angle.auth_asym_id_3             C 
_pdbx_validate_rmsd_angle.auth_comp_id_3             A 
_pdbx_validate_rmsd_angle.auth_seq_id_3              51 
_pdbx_validate_rmsd_angle.PDB_ins_code_3             ? 
_pdbx_validate_rmsd_angle.label_alt_id_3             ? 
_pdbx_validate_rmsd_angle.angle_value                122.81 
_pdbx_validate_rmsd_angle.angle_target_value         114.00 
_pdbx_validate_rmsd_angle.angle_deviation            8.81 
_pdbx_validate_rmsd_angle.angle_standard_deviation   1.30 
_pdbx_validate_rmsd_angle.linker_flag                N 
# 
loop_
_chem_comp_atom.comp_id 
_chem_comp_atom.atom_id 
_chem_comp_atom.type_symbol 
_chem_comp_atom.pdbx_aromatic_flag 
_chem_comp_atom.pdbx_stereo_config 
_chem_comp_atom.pdbx_ordinal 
A   OP3    O  N N 1   
A   P      P  N N 2   
A   OP1    O  N N 3   
A   OP2    O  N N 4   
A   "O5'"  O  N N 5   
A   "C5'"  C  N N 6   
A   "C4'"  C  N R 7   
A   "O4'"  O  N N 8   
A   "C3'"  C  N S 9   
A   "O3'"  O  N N 10  
A   "C2'"  C  N R 11  
A   "O2'"  O  N N 12  
A   "C1'"  C  N R 13  
A   N9     N  Y N 14  
A   C8     C  Y N 15  
A   N7     N  Y N 16  
A   C5     C  Y N 17  
A   C6     C  Y N 18  
A   N6     N  N N 19  
A   N1     N  Y N 20  
A   C2     C  Y N 21  
A   N3     N  Y N 22  
A   C4     C  Y N 23  
A   HOP3   H  N N 24  
A   HOP2   H  N N 25  
A   "H5'"  H  N N 26  
A   "H5''" H  N N 27  
A   "H4'"  H  N N 28  
A   "H3'"  H  N N 29  
A   "HO3'" H  N N 30  
A   "H2'"  H  N N 31  
A   "HO2'" H  N N 32  
A   "H1'"  H  N N 33  
A   H8     H  N N 34  
A   H61    H  N N 35  
A   H62    H  N N 36  
A   H2     H  N N 37  
C   OP3    O  N N 38  
C   P      P  N N 39  
C   OP1    O  N N 40  
C   OP2    O  N N 41  
C   "O5'"  O  N N 42  
C   "C5'"  C  N N 43  
C   "C4'"  C  N R 44  
C   "O4'"  O  N N 45  
C   "C3'"  C  N S 46  
C   "O3'"  O  N N 47  
C   "C2'"  C  N R 48  
C   "O2'"  O  N N 49  
C   "C1'"  C  N R 50  
C   N1     N  N N 51  
C   C2     C  N N 52  
C   O2     O  N N 53  
C   N3     N  N N 54  
C   C4     C  N N 55  
C   N4     N  N N 56  
C   C5     C  N N 57  
C   C6     C  N N 58  
C   HOP3   H  N N 59  
C   HOP2   H  N N 60  
C   "H5'"  H  N N 61  
C   "H5''" H  N N 62  
C   "H4'"  H  N N 63  
C   "H3'"  H  N N 64  
C   "HO3'" H  N N 65  
C   "H2'"  H  N N 66  
C   "HO2'" H  N N 67  
C   "H1'"  H  N N 68  
C   H41    H  N N 69  
C   H42    H  N N 70  
C   H5     H  N N 71  
C   H6     H  N N 72  
G   OP3    O  N N 73  
G   P      P  N N 74  
G   OP1    O  N N 75  
G   OP2    O  N N 76  
G   "O5'"  O  N N 77  
G   "C5'"  C  N N 78  
G   "C4'"  C  N R 79  
G   "O4'"  O  N N 80  
G   "C3'"  C  N S 81  
G   "O3'"  O  N N 82  
G   "C2'"  C  N R 83  
G   "O2'"  O  N N 84  
G   "C1'"  C  N R 85  
G   N9     N  Y N 86  
G   C8     C  Y N 87  
G   N7     N  Y N 88  
G   C5     C  Y N 89  
G   C6     C  N N 90  
G   O6     O  N N 91  
G   N1     N  N N 92  
G   C2     C  N N 93  
G   N2     N  N N 94  
G   N3     N  N N 95  
G   C4     C  Y N 96  
G   HOP3   H  N N 97  
G   HOP2   H  N N 98  
G   "H5'"  H  N N 99  
G   "H5''" H  N N 100 
G   "H4'"  H  N N 101 
G   "H3'"  H  N N 102 
G   "HO3'" H  N N 103 
G   "H2'"  H  N N 104 
G   "HO2'" H  N N 105 
G   "H1'"  H  N N 106 
G   H8     H  N N 107 
G   H1     H  N N 108 
G   H21    H  N N 109 
G   H22    H  N N 110 
NCO CO     CO N N 111 
NCO N1     N  N N 112 
NCO N2     N  N N 113 
NCO N3     N  N N 114 
NCO N4     N  N N 115 
NCO N5     N  N N 116 
NCO N6     N  N N 117 
NCO HN11   H  N N 118 
NCO HN12   H  N N 119 
NCO HN13   H  N N 120 
NCO HN21   H  N N 121 
NCO HN22   H  N N 122 
NCO HN23   H  N N 123 
NCO HN31   H  N N 124 
NCO HN32   H  N N 125 
NCO HN33   H  N N 126 
NCO HN41   H  N N 127 
NCO HN42   H  N N 128 
NCO HN43   H  N N 129 
NCO HN51   H  N N 130 
NCO HN52   H  N N 131 
NCO HN53   H  N N 132 
NCO HN61   H  N N 133 
NCO HN62   H  N N 134 
NCO HN63   H  N N 135 
S9L O3P    O  N N 136 
S9L P      P  N N 137 
S9L O1P    O  N N 138 
S9L O2P    O  N N 139 
S9L "O5'"  O  N N 140 
S9L C12    C  N N 141 
S9L C22    C  N N 142 
S9L OH3    O  N N 143 
S9L C13    C  N N 144 
S9L C23    C  N N 145 
S9L OH4    O  N N 146 
S9L C14    C  N N 147 
S9L C24    C  N N 148 
S9L "O3'"  O  N N 149 
S9L HO3P   H  N N 150 
S9L HO1P   H  N N 151 
S9L H121   H  N N 152 
S9L H122   H  N N 153 
S9L H221   H  N N 154 
S9L H222   H  N N 155 
S9L H131   H  N N 156 
S9L H132   H  N N 157 
S9L H231   H  N N 158 
S9L H232   H  N N 159 
S9L H141   H  N N 160 
S9L H142   H  N N 161 
S9L H241   H  N N 162 
S9L H242   H  N N 163 
S9L "HO3'" H  N N 164 
SO4 S      S  N N 165 
SO4 O1     O  N N 166 
SO4 O2     O  N N 167 
SO4 O3     O  N N 168 
SO4 O4     O  N N 169 
U   OP3    O  N N 170 
U   P      P  N N 171 
U   OP1    O  N N 172 
U   OP2    O  N N 173 
U   "O5'"  O  N N 174 
U   "C5'"  C  N N 175 
U   "C4'"  C  N R 176 
U   "O4'"  O  N N 177 
U   "C3'"  C  N S 178 
U   "O3'"  O  N N 179 
U   "C2'"  C  N R 180 
U   "O2'"  O  N N 181 
U   "C1'"  C  N R 182 
U   N1     N  N N 183 
U   C2     C  N N 184 
U   O2     O  N N 185 
U   N3     N  N N 186 
U   C4     C  N N 187 
U   O4     O  N N 188 
U   C5     C  N N 189 
U   C6     C  N N 190 
U   HOP3   H  N N 191 
U   HOP2   H  N N 192 
U   "H5'"  H  N N 193 
U   "H5''" H  N N 194 
U   "H4'"  H  N N 195 
U   "H3'"  H  N N 196 
U   "HO3'" H  N N 197 
U   "H2'"  H  N N 198 
U   "HO2'" H  N N 199 
U   "H1'"  H  N N 200 
U   H3     H  N N 201 
U   H5     H  N N 202 
U   H6     H  N N 203 
# 
loop_
_chem_comp_bond.comp_id 
_chem_comp_bond.atom_id_1 
_chem_comp_bond.atom_id_2 
_chem_comp_bond.value_order 
_chem_comp_bond.pdbx_aromatic_flag 
_chem_comp_bond.pdbx_stereo_config 
_chem_comp_bond.pdbx_ordinal 
A   OP3   P      sing N N 1   
A   OP3   HOP3   sing N N 2   
A   P     OP1    doub N N 3   
A   P     OP2    sing N N 4   
A   P     "O5'"  sing N N 5   
A   OP2   HOP2   sing N N 6   
A   "O5'" "C5'"  sing N N 7   
A   "C5'" "C4'"  sing N N 8   
A   "C5'" "H5'"  sing N N 9   
A   "C5'" "H5''" sing N N 10  
A   "C4'" "O4'"  sing N N 11  
A   "C4'" "C3'"  sing N N 12  
A   "C4'" "H4'"  sing N N 13  
A   "O4'" "C1'"  sing N N 14  
A   "C3'" "O3'"  sing N N 15  
A   "C3'" "C2'"  sing N N 16  
A   "C3'" "H3'"  sing N N 17  
A   "O3'" "HO3'" sing N N 18  
A   "C2'" "O2'"  sing N N 19  
A   "C2'" "C1'"  sing N N 20  
A   "C2'" "H2'"  sing N N 21  
A   "O2'" "HO2'" sing N N 22  
A   "C1'" N9     sing N N 23  
A   "C1'" "H1'"  sing N N 24  
A   N9    C8     sing Y N 25  
A   N9    C4     sing Y N 26  
A   C8    N7     doub Y N 27  
A   C8    H8     sing N N 28  
A   N7    C5     sing Y N 29  
A   C5    C6     sing Y N 30  
A   C5    C4     doub Y N 31  
A   C6    N6     sing N N 32  
A   C6    N1     doub Y N 33  
A   N6    H61    sing N N 34  
A   N6    H62    sing N N 35  
A   N1    C2     sing Y N 36  
A   C2    N3     doub Y N 37  
A   C2    H2     sing N N 38  
A   N3    C4     sing Y N 39  
C   OP3   P      sing N N 40  
C   OP3   HOP3   sing N N 41  
C   P     OP1    doub N N 42  
C   P     OP2    sing N N 43  
C   P     "O5'"  sing N N 44  
C   OP2   HOP2   sing N N 45  
C   "O5'" "C5'"  sing N N 46  
C   "C5'" "C4'"  sing N N 47  
C   "C5'" "H5'"  sing N N 48  
C   "C5'" "H5''" sing N N 49  
C   "C4'" "O4'"  sing N N 50  
C   "C4'" "C3'"  sing N N 51  
C   "C4'" "H4'"  sing N N 52  
C   "O4'" "C1'"  sing N N 53  
C   "C3'" "O3'"  sing N N 54  
C   "C3'" "C2'"  sing N N 55  
C   "C3'" "H3'"  sing N N 56  
C   "O3'" "HO3'" sing N N 57  
C   "C2'" "O2'"  sing N N 58  
C   "C2'" "C1'"  sing N N 59  
C   "C2'" "H2'"  sing N N 60  
C   "O2'" "HO2'" sing N N 61  
C   "C1'" N1     sing N N 62  
C   "C1'" "H1'"  sing N N 63  
C   N1    C2     sing N N 64  
C   N1    C6     sing N N 65  
C   C2    O2     doub N N 66  
C   C2    N3     sing N N 67  
C   N3    C4     doub N N 68  
C   C4    N4     sing N N 69  
C   C4    C5     sing N N 70  
C   N4    H41    sing N N 71  
C   N4    H42    sing N N 72  
C   C5    C6     doub N N 73  
C   C5    H5     sing N N 74  
C   C6    H6     sing N N 75  
G   OP3   P      sing N N 76  
G   OP3   HOP3   sing N N 77  
G   P     OP1    doub N N 78  
G   P     OP2    sing N N 79  
G   P     "O5'"  sing N N 80  
G   OP2   HOP2   sing N N 81  
G   "O5'" "C5'"  sing N N 82  
G   "C5'" "C4'"  sing N N 83  
G   "C5'" "H5'"  sing N N 84  
G   "C5'" "H5''" sing N N 85  
G   "C4'" "O4'"  sing N N 86  
G   "C4'" "C3'"  sing N N 87  
G   "C4'" "H4'"  sing N N 88  
G   "O4'" "C1'"  sing N N 89  
G   "C3'" "O3'"  sing N N 90  
G   "C3'" "C2'"  sing N N 91  
G   "C3'" "H3'"  sing N N 92  
G   "O3'" "HO3'" sing N N 93  
G   "C2'" "O2'"  sing N N 94  
G   "C2'" "C1'"  sing N N 95  
G   "C2'" "H2'"  sing N N 96  
G   "O2'" "HO2'" sing N N 97  
G   "C1'" N9     sing N N 98  
G   "C1'" "H1'"  sing N N 99  
G   N9    C8     sing Y N 100 
G   N9    C4     sing Y N 101 
G   C8    N7     doub Y N 102 
G   C8    H8     sing N N 103 
G   N7    C5     sing Y N 104 
G   C5    C6     sing N N 105 
G   C5    C4     doub Y N 106 
G   C6    O6     doub N N 107 
G   C6    N1     sing N N 108 
G   N1    C2     sing N N 109 
G   N1    H1     sing N N 110 
G   C2    N2     sing N N 111 
G   C2    N3     doub N N 112 
G   N2    H21    sing N N 113 
G   N2    H22    sing N N 114 
G   N3    C4     sing N N 115 
NCO CO    N1     sing N N 116 
NCO CO    N2     sing N N 117 
NCO CO    N3     sing N N 118 
NCO CO    N4     sing N N 119 
NCO CO    N5     sing N N 120 
NCO CO    N6     sing N N 121 
NCO N1    HN11   sing N N 122 
NCO N1    HN12   sing N N 123 
NCO N1    HN13   sing N N 124 
NCO N2    HN21   sing N N 125 
NCO N2    HN22   sing N N 126 
NCO N2    HN23   sing N N 127 
NCO N3    HN31   sing N N 128 
NCO N3    HN32   sing N N 129 
NCO N3    HN33   sing N N 130 
NCO N4    HN41   sing N N 131 
NCO N4    HN42   sing N N 132 
NCO N4    HN43   sing N N 133 
NCO N5    HN51   sing N N 134 
NCO N5    HN52   sing N N 135 
NCO N5    HN53   sing N N 136 
NCO N6    HN61   sing N N 137 
NCO N6    HN62   sing N N 138 
NCO N6    HN63   sing N N 139 
S9L O3P   P      sing N N 140 
S9L O3P   HO3P   sing N N 141 
S9L P     O2P    doub N N 142 
S9L P     O1P    sing N N 143 
S9L P     "O5'"  sing N N 144 
S9L O1P   HO1P   sing N N 145 
S9L "O5'" C12    sing N N 146 
S9L C12   C22    sing N N 147 
S9L C12   H121   sing N N 148 
S9L C12   H122   sing N N 149 
S9L C22   OH3    sing N N 150 
S9L C22   H221   sing N N 151 
S9L C22   H222   sing N N 152 
S9L OH3   C23    sing N N 153 
S9L C13   C23    sing N N 154 
S9L C13   OH4    sing N N 155 
S9L C13   H131   sing N N 156 
S9L C13   H132   sing N N 157 
S9L C23   H231   sing N N 158 
S9L C23   H232   sing N N 159 
S9L OH4   C24    sing N N 160 
S9L C14   C24    sing N N 161 
S9L C14   "O3'"  sing N N 162 
S9L C14   H141   sing N N 163 
S9L C14   H142   sing N N 164 
S9L C24   H241   sing N N 165 
S9L C24   H242   sing N N 166 
S9L "O3'" "HO3'" sing N N 167 
SO4 S     O1     doub N N 168 
SO4 S     O2     doub N N 169 
SO4 S     O3     sing N N 170 
SO4 S     O4     sing N N 171 
U   OP3   P      sing N N 172 
U   OP3   HOP3   sing N N 173 
U   P     OP1    doub N N 174 
U   P     OP2    sing N N 175 
U   P     "O5'"  sing N N 176 
U   OP2   HOP2   sing N N 177 
U   "O5'" "C5'"  sing N N 178 
U   "C5'" "C4'"  sing N N 179 
U   "C5'" "H5'"  sing N N 180 
U   "C5'" "H5''" sing N N 181 
U   "C4'" "O4'"  sing N N 182 
U   "C4'" "C3'"  sing N N 183 
U   "C4'" "H4'"  sing N N 184 
U   "O4'" "C1'"  sing N N 185 
U   "C3'" "O3'"  sing N N 186 
U   "C3'" "C2'"  sing N N 187 
U   "C3'" "H3'"  sing N N 188 
U   "O3'" "HO3'" sing N N 189 
U   "C2'" "O2'"  sing N N 190 
U   "C2'" "C1'"  sing N N 191 
U   "C2'" "H2'"  sing N N 192 
U   "O2'" "HO2'" sing N N 193 
U   "C1'" N1     sing N N 194 
U   "C1'" "H1'"  sing N N 195 
U   N1    C2     sing N N 196 
U   N1    C6     sing N N 197 
U   C2    O2     doub N N 198 
U   C2    N3     sing N N 199 
U   N3    C4     sing N N 200 
U   N3    H3     sing N N 201 
U   C4    O4     doub N N 202 
U   C4    C5     sing N N 203 
U   C5    C6     doub N N 204 
U   C5    H5     sing N N 205 
U   C6    H6     sing N N 206 
# 
loop_
_ndb_struct_conf_na.entry_id 
_ndb_struct_conf_na.feature 
3GS5 'double helix'         
3GS5 'a-form double helix'  
3GS5 'bulge loop'           
3GS5 'mismatched base pair' 
3GS5 'internal loop'        
# 
loop_
_ndb_struct_na_base_pair.model_number 
_ndb_struct_na_base_pair.i_label_asym_id 
_ndb_struct_na_base_pair.i_label_comp_id 
_ndb_struct_na_base_pair.i_label_seq_id 
_ndb_struct_na_base_pair.i_symmetry 
_ndb_struct_na_base_pair.j_label_asym_id 
_ndb_struct_na_base_pair.j_label_comp_id 
_ndb_struct_na_base_pair.j_label_seq_id 
_ndb_struct_na_base_pair.j_symmetry 
_ndb_struct_na_base_pair.shear 
_ndb_struct_na_base_pair.stretch 
_ndb_struct_na_base_pair.stagger 
_ndb_struct_na_base_pair.buckle 
_ndb_struct_na_base_pair.propeller 
_ndb_struct_na_base_pair.opening 
_ndb_struct_na_base_pair.pair_number 
_ndb_struct_na_base_pair.pair_name 
_ndb_struct_na_base_pair.i_auth_asym_id 
_ndb_struct_na_base_pair.i_auth_seq_id 
_ndb_struct_na_base_pair.i_PDB_ins_code 
_ndb_struct_na_base_pair.j_auth_asym_id 
_ndb_struct_na_base_pair.j_auth_seq_id 
_ndb_struct_na_base_pair.j_PDB_ins_code 
_ndb_struct_na_base_pair.hbond_type_28 
_ndb_struct_na_base_pair.hbond_type_12 
1 A C 2  1_555 A G 25 1_555 0.187  -0.016 -0.186 4.621   -18.683 8.016    1  A_C2:G25_A  A 2  ? A 25 ? 19 1  
1 A C 3  1_555 A G 24 1_555 0.355  -0.150 0.094  -5.570  -5.567  2.755    2  A_C3:G24_A  A 3  ? A 24 ? 19 1  
1 A C 4  1_555 A G 23 1_555 0.575  -0.126 0.242  1.103   6.271   6.198    3  A_C4:G23_A  A 4  ? A 23 ? 19 1  
1 A A 5  1_555 A A 21 1_555 6.669  -4.170 -0.427 13.455  2.032   -28.142  4  A_A5:A21_A  A 5  ? A 21 ? ?  10 
1 A U 7  1_555 A G 20 1_555 -7.695 -2.169 0.005  8.032   10.338  0.899    5  A_U7:G20_A  A 7  ? A 20 ? ?  ?  
1 A C 8  1_555 A A 19 1_555 -2.183 0.463  -0.880 23.520  -18.162 4.842    6  A_C8:A19_A  A 8  ? A 19 ? ?  ?  
1 A C 9  1_555 A G 18 1_555 -0.071 0.196  0.182  8.099   -9.248  7.589    7  A_C9:G18_A  A 9  ? A 18 ? 19 1  
1 A A 10 1_555 A U 17 1_555 0.248  -0.172 0.172  7.090   -12.178 -2.033   8  A_A10:U17_A A 10 ? A 17 ? 20 1  
1 A C 11 1_555 A G 16 1_555 0.188  0.053  0.174  3.012   -12.303 5.583    9  A_C11:G16_A A 11 ? A 16 ? 19 1  
1 A C 12 1_555 A G 15 1_555 0.501  -0.209 0.581  -0.893  -15.349 8.588    10 A_C12:G15_A A 12 ? A 15 ? 19 1  
1 A G 13 1_555 A C 14 1_555 -0.351 0.070  0.149  -1.270  -10.309 8.728    11 A_G13:C14_A A 13 ? A 14 ? 19 1  
1 B G 1  1_555 B C 36 1_555 -0.461 -0.247 0.715  4.572   -9.088  -1.004   12 C_G27:C62_C C 27 ? C 62 ? 19 1  
1 B G 2  1_555 B C 35 1_555 -0.678 -0.128 0.435  9.960   -11.165 2.578    13 C_G28:C61_C C 28 ? C 61 ? 19 1  
1 B C 3  1_555 B G 34 1_555 -0.149 0.034  0.040  7.573   -14.338 3.100    14 C_C29:G60_C C 29 ? C 60 ? 19 1  
1 B A 4  1_555 B U 33 1_555 -0.275 0.030  -0.122 -2.866  -10.854 8.992    15 C_A30:U59_C C 30 ? C 59 ? 20 1  
1 B G 5  1_555 B C 32 1_555 -0.554 -0.300 -0.407 -8.315  -5.320  5.420    16 C_G31:C58_C C 31 ? C 58 ? 19 1  
1 B A 6  1_555 B C 31 1_555 1.967  0.160  -0.418 -15.836 -5.857  16.377   17 C_A32:C57_C C 32 ? C 57 ? ?  1  
1 B G 7  1_555 B A 30 1_555 6.855  -4.396 -0.236 -7.620  2.728   -6.079   18 C_G33:A56_C C 33 ? C 56 ? 11 10 
1 B A 8  1_555 B U 28 1_555 -4.222 -2.087 -0.071 -4.817  -9.914  -98.316  19 C_A34:U54_C C 34 ? C 54 ? 24 4  
1 B A 9  1_555 B A 27 1_555 -4.748 0.458  0.019  -0.650  -14.683 -88.473  20 C_A35:A53_C C 35 ? C 53 ? ?  ?  
1 B A 10 1_555 B A 25 1_555 4.564  2.651  -0.225 4.893   -16.049 -137.669 21 C_A36:A51_C C 36 ? C 51 ? ?  ?  
1 B C 11 1_555 A G 6  1_555 0.516  -0.267 0.150  18.547  -12.670 -0.507   22 C_C37:G6_A  C 37 ? A 6  ? 19 1  
1 B A 12 1_555 B G 23 1_555 0.321  1.286  -0.448 -13.792 -15.400 -16.623  23 C_A38:G49_C C 38 ? C 49 ? 8  ?  
1 B C 13 1_555 B G 22 1_555 0.246  -0.194 0.091  4.143   -21.417 2.666    24 C_C39:G48_C C 39 ? C 48 ? 19 1  
1 B A 14 1_555 B U 21 1_555 -0.031 -0.224 0.274  5.105   -18.266 1.636    25 C_A40:U47_C C 40 ? C 47 ? 20 1  
1 B C 15 1_555 B G 20 1_555 0.203  -0.090 0.169  5.100   -12.253 4.880    26 C_C41:G46_C C 41 ? C 46 ? 19 1  
1 B G 16 1_555 B C 19 1_555 -0.304 -0.186 0.187  -6.042  -13.729 -1.643   27 C_G42:C45_C C 42 ? C 45 ? 19 1  
1 B A 17 1_555 B U 18 1_555 0.462  -0.090 0.323  -2.828  -4.484  2.770    28 C_A43:U44_C C 43 ? C 44 ? 20 1  
# 
loop_
_ndb_struct_na_base_pair_step.model_number 
_ndb_struct_na_base_pair_step.i_label_asym_id_1 
_ndb_struct_na_base_pair_step.i_label_comp_id_1 
_ndb_struct_na_base_pair_step.i_label_seq_id_1 
_ndb_struct_na_base_pair_step.i_symmetry_1 
_ndb_struct_na_base_pair_step.j_label_asym_id_1 
_ndb_struct_na_base_pair_step.j_label_comp_id_1 
_ndb_struct_na_base_pair_step.j_label_seq_id_1 
_ndb_struct_na_base_pair_step.j_symmetry_1 
_ndb_struct_na_base_pair_step.i_label_asym_id_2 
_ndb_struct_na_base_pair_step.i_label_comp_id_2 
_ndb_struct_na_base_pair_step.i_label_seq_id_2 
_ndb_struct_na_base_pair_step.i_symmetry_2 
_ndb_struct_na_base_pair_step.j_label_asym_id_2 
_ndb_struct_na_base_pair_step.j_label_comp_id_2 
_ndb_struct_na_base_pair_step.j_label_seq_id_2 
_ndb_struct_na_base_pair_step.j_symmetry_2 
_ndb_struct_na_base_pair_step.shift 
_ndb_struct_na_base_pair_step.slide 
_ndb_struct_na_base_pair_step.rise 
_ndb_struct_na_base_pair_step.tilt 
_ndb_struct_na_base_pair_step.roll 
_ndb_struct_na_base_pair_step.twist 
_ndb_struct_na_base_pair_step.x_displacement 
_ndb_struct_na_base_pair_step.y_displacement 
_ndb_struct_na_base_pair_step.helical_rise 
_ndb_struct_na_base_pair_step.inclination 
_ndb_struct_na_base_pair_step.tip 
_ndb_struct_na_base_pair_step.helical_twist 
_ndb_struct_na_base_pair_step.step_number 
_ndb_struct_na_base_pair_step.step_name 
_ndb_struct_na_base_pair_step.i_auth_asym_id_1 
_ndb_struct_na_base_pair_step.i_auth_seq_id_1 
_ndb_struct_na_base_pair_step.i_PDB_ins_code_1 
_ndb_struct_na_base_pair_step.j_auth_asym_id_1 
_ndb_struct_na_base_pair_step.j_auth_seq_id_1 
_ndb_struct_na_base_pair_step.j_PDB_ins_code_1 
_ndb_struct_na_base_pair_step.i_auth_asym_id_2 
_ndb_struct_na_base_pair_step.i_auth_seq_id_2 
_ndb_struct_na_base_pair_step.i_PDB_ins_code_2 
_ndb_struct_na_base_pair_step.j_auth_asym_id_2 
_ndb_struct_na_base_pair_step.j_auth_seq_id_2 
_ndb_struct_na_base_pair_step.j_PDB_ins_code_2 
1 A C 2  1_555 A G 25 1_555 A C 3  1_555 A G 24 1_555 -0.729 -1.772 3.493 -3.340 11.664 34.538  -4.427 0.705  2.823 18.936 5.422   
36.546  1  AA_C2C3:G24G25_AA   A 2  ? A 25 ? A 3  ? A 24 ? 
1 A C 3  1_555 A G 24 1_555 A C 4  1_555 A G 23 1_555 0.586  -1.656 3.258 -0.891 6.329  28.005  -4.676 -1.370 2.804 12.866 1.811   
28.711  2  AA_C3C4:G23G24_AA   A 3  ? A 24 ? A 4  ? A 23 ? 
1 A C 4  1_555 A G 23 1_555 A A 5  1_555 A A 21 1_555 -0.280 -0.969 5.127 -0.896 25.614 73.892  -1.899 0.184  4.647 20.716 0.725   
77.607  3  AA_C4A5:A21G23_AA   A 4  ? A 23 ? A 5  ? A 21 ? 
1 A A 5  1_555 A A 21 1_555 A U 7  1_555 A G 20 1_555 -0.587 0.690  3.459 8.605  0.935  11.273  1.917  10.398 2.438 4.064  -37.394 
14.204  4  AA_A5U7:G20A21_AA   A 5  ? A 21 ? A 7  ? A 20 ? 
1 A U 7  1_555 A G 20 1_555 A C 8  1_555 A A 19 1_555 -0.042 -0.750 2.867 -1.413 11.320 50.119  -1.530 -0.035 2.651 13.167 1.644   
51.319  5  AA_U7C8:A19G20_AA   A 7  ? A 20 ? A 8  ? A 19 ? 
1 A C 8  1_555 A A 19 1_555 A C 9  1_555 A G 18 1_555 0.209  -1.405 3.843 -8.502 7.050  38.296  -2.991 -1.424 3.421 10.483 12.642  
39.800  6  AA_C8C9:G18A19_AA   A 8  ? A 19 ? A 9  ? A 18 ? 
1 A C 9  1_555 A G 18 1_555 A A 10 1_555 A U 17 1_555 -0.763 -1.623 3.065 -0.507 9.849  36.586  -3.611 1.119  2.568 15.349 0.790   
37.848  7  AA_C9A10:U17G18_AA  A 9  ? A 18 ? A 10 ? A 17 ? 
1 A A 10 1_555 A U 17 1_555 A C 11 1_555 A G 16 1_555 0.040  -1.695 3.354 0.688  5.924  27.153  -4.913 0.077  2.925 12.428 -1.444  
27.788  8  AA_A10C11:G16U17_AA A 10 ? A 17 ? A 11 ? A 16 ? 
1 A C 11 1_555 A G 16 1_555 A C 12 1_555 A G 15 1_555 0.245  -1.981 3.127 -1.764 7.944  33.940  -4.375 -0.646 2.596 13.371 2.969   
34.874  9  AA_C11C12:G15G16_AA A 11 ? A 16 ? A 12 ? A 15 ? 
1 A C 12 1_555 A G 15 1_555 A G 13 1_555 A C 14 1_555 -0.038 -1.769 3.010 2.947  8.510  26.861  -5.271 0.650  2.334 17.699 -6.129  
28.304  10 AA_C12G13:C14G15_AA A 12 ? A 15 ? A 13 ? A 14 ? 
1 B G 1  1_555 B C 36 1_555 B G 2  1_555 B C 35 1_555 -0.526 -1.118 3.039 -1.822 5.798  33.447  -2.753 0.637  2.835 9.973  3.133   
33.979  11 CC_G27G28:C61C62_CC C 27 ? C 62 ? C 28 ? C 61 ? 
1 B G 2  1_555 B C 35 1_555 B C 3  1_555 B G 34 1_555 0.315  -1.277 3.339 2.416  6.234  35.117  -2.974 -0.168 3.088 10.218 -3.959  
35.728  12 CC_G28C29:G60C61_CC C 28 ? C 61 ? C 29 ? C 60 ? 
1 B C 3  1_555 B G 34 1_555 B A 4  1_555 B U 33 1_555 0.552  -1.657 3.323 0.461  13.852 31.232  -4.841 -0.873 2.402 24.287 -0.809  
34.099  13 CC_C29A30:U59G60_CC C 29 ? C 60 ? C 30 ? C 59 ? 
1 B A 4  1_555 B U 33 1_555 B G 5  1_555 B C 32 1_555 0.078  -1.901 3.461 -0.357 6.078  27.831  -5.251 -0.239 2.985 12.448 0.730   
28.476  14 CC_A30G31:C58U59_CC C 30 ? C 59 ? C 31 ? C 58 ? 
1 B G 5  1_555 B C 32 1_555 B A 6  1_555 B C 31 1_555 1.010  -1.200 3.441 3.134  9.293  40.663  -2.682 -1.078 3.170 13.143 -4.432  
41.780  15 CC_G31A32:C57C58_CC C 31 ? C 58 ? C 32 ? C 57 ? 
1 B A 6  1_555 B C 31 1_555 B G 7  1_555 B A 30 1_555 -0.590 -0.872 3.147 4.836  3.592  57.173  -1.092 0.862  3.037 3.742  -5.038  
57.463  16 CC_A32G33:A56C57_CC C 32 ? C 57 ? C 33 ? C 56 ? 
1 B G 7  1_555 B A 30 1_555 B A 8  1_555 B U 28 1_555 -2.226 -0.559 3.416 2.339  -0.015 13.000  -2.416 12.145 2.971 -0.065 -10.220 
13.208  17 CC_G33A34:U54A56_CC C 33 ? C 56 ? C 34 ? C 54 ? 
1 B A 8  1_555 B U 28 1_555 B A 9  1_555 B A 27 1_555 0.239  -2.222 3.363 -8.405 2.979  44.391  -3.155 -1.062 3.123 3.896  10.993  
45.233  18 CC_A34A35:A53U54_CC C 34 ? C 54 ? C 35 ? C 53 ? 
1 B A 9  1_555 B A 27 1_555 B A 10 1_555 B A 25 1_555 -3.047 -2.851 3.497 -5.254 2.451  72.404  -2.495 2.386  3.596 2.072  4.441   
72.604  19 CC_A35A36:A51A53_CC C 35 ? C 53 ? C 36 ? C 51 ? 
1 B A 10 1_555 B A 25 1_555 B C 11 1_555 A G 6  1_555 1.910  -0.545 2.913 0.593  1.968  -24.709 0.738  4.607  2.901 -4.589 1.384   
-24.793 20 CC_A36C37:G6A51_AC  C 36 ? C 51 ? C 37 ? A 6  ? 
1 B C 11 1_555 A G 6  1_555 B A 12 1_555 B G 23 1_555 0.024  -2.186 3.916 5.851  6.286  44.542  -3.481 0.569  3.567 8.203  -7.635  
45.321  21 CC_C37A38:G49G6_CA  C 37 ? A 6  ? C 38 ? C 49 ? 
1 B A 12 1_555 B G 23 1_555 B C 13 1_555 B G 22 1_555 1.105  -0.675 2.884 -4.959 1.502  29.450  -1.572 -3.015 2.630 2.927  9.661   
29.893  22 CC_A38C39:G48G49_CC C 38 ? C 49 ? C 39 ? C 48 ? 
1 B C 13 1_555 B G 22 1_555 B A 14 1_555 B U 21 1_555 0.107  -1.079 3.179 -0.656 7.905  33.236  -3.009 -0.279 2.852 13.581 1.127   
34.143  23 CC_C39A40:U47G48_CC C 39 ? C 48 ? C 40 ? C 47 ? 
1 B A 14 1_555 B U 21 1_555 B C 15 1_555 B G 20 1_555 0.529  -1.049 3.245 2.075  1.041  34.987  -1.897 -0.568 3.239 1.729  -3.447  
35.062  24 CC_A40C41:G46U47_CC C 40 ? C 47 ? C 41 ? C 46 ? 
1 B C 15 1_555 B G 20 1_555 B G 16 1_555 B C 19 1_555 0.078  -1.544 3.326 1.739  10.428 33.374  -4.064 0.119  2.735 17.616 -2.939  
34.963  25 CC_C41G42:C45G46_CC C 41 ? C 46 ? C 42 ? C 45 ? 
1 B G 16 1_555 B C 19 1_555 B A 17 1_555 B U 18 1_555 0.809  -1.735 3.075 3.428  3.388  32.515  -3.604 -0.886 2.952 6.010  -6.081  
32.861  26 CC_G42A43:U44C45_CC C 42 ? C 45 ? C 43 ? C 44 ? 
# 
_atom_sites.entry_id                    3GS5 
_atom_sites.fract_transf_matrix[1][1]   -0.00024184 
_atom_sites.fract_transf_matrix[1][2]   -0.00784704 
_atom_sites.fract_transf_matrix[1][3]   -0.00947722 
_atom_sites.fract_transf_matrix[2][1]   0.01027665 
_atom_sites.fract_transf_matrix[2][2]   -0.00584849 
_atom_sites.fract_transf_matrix[2][3]   -0.00340930 
_atom_sites.fract_transf_matrix[3][1]   -0.00165522 
_atom_sites.fract_transf_matrix[3][2]   -0.00566962 
_atom_sites.fract_transf_matrix[3][3]   0.00473663 
_atom_sites.fract_transf_vector[1]      0.435669 
_atom_sites.fract_transf_vector[2]      0.209827 
_atom_sites.fract_transf_vector[3]      0.385224 
# 
loop_
_atom_type.symbol 
C  
CO 
N  
O  
P  
S  
# 
loop_
_atom_site.group_PDB 
_atom_site.id 
_atom_site.type_symbol 
_atom_site.label_atom_id 
_atom_site.label_alt_id 
_atom_site.label_comp_id 
_atom_site.label_asym_id 
_atom_site.label_entity_id 
_atom_site.label_seq_id 
_atom_site.pdbx_PDB_ins_code 
_atom_site.Cartn_x 
_atom_site.Cartn_y 
_atom_site.Cartn_z 
_atom_site.occupancy 
_atom_site.B_iso_or_equiv 
_atom_site.pdbx_formal_charge 
_atom_site.auth_seq_id 
_atom_site.auth_comp_id 
_atom_site.auth_asym_id 
_atom_site.auth_atom_id 
_atom_site.pdbx_PDB_model_num 
ATOM   1    O  "O5'" A U   A 1 1  ? 5.454   -17.538 -5.001  0.50 62.66  ? 1  U   A "O5'" 1 
ATOM   2    O  "O5'" B U   A 1 1  ? 3.780   -18.252 -3.737  0.50 66.44  ? 1  U   A "O5'" 1 
ATOM   3    C  "C5'" A U   A 1 1  ? 5.164   -18.660 -4.168  0.50 65.54  ? 1  U   A "C5'" 1 
ATOM   4    C  "C5'" B U   A 1 1  ? 4.402   -19.526 -3.538  0.50 73.76  ? 1  U   A "C5'" 1 
ATOM   5    C  "C4'" A U   A 1 1  ? 6.249   -18.911 -3.143  0.50 68.99  ? 1  U   A "C4'" 1 
ATOM   6    C  "C4'" B U   A 1 1  ? 5.773   -19.357 -2.927  0.50 75.51  ? 1  U   A "C4'" 1 
ATOM   7    O  "O4'" A U   A 1 1  ? 7.543   -18.915 -3.803  0.50 71.19  ? 1  U   A "O4'" 1 
ATOM   8    O  "O4'" B U   A 1 1  ? 6.780   -19.383 -3.965  0.50 78.96  ? 1  U   A "O4'" 1 
ATOM   9    C  "C3'" A U   A 1 1  ? 6.386   -17.837 -2.076  0.50 70.99  ? 1  U   A "C3'" 1 
ATOM   10   C  "C3'" B U   A 1 1  ? 6.010   -18.048 -2.201  0.50 76.41  ? 1  U   A "C3'" 1 
ATOM   11   O  "O3'" A U   A 1 1  ? 5.501   -18.081 -0.986  0.50 74.04  ? 1  U   A "O3'" 1 
ATOM   12   O  "O3'" B U   A 1 1  ? 5.525   -18.122 -0.877  0.50 76.83  ? 1  U   A "O3'" 1 
ATOM   13   C  "C2'" A U   A 1 1  ? 7.837   -17.989 -1.633  0.50 70.95  ? 1  U   A "C2'" 1 
ATOM   14   C  "C2'" B U   A 1 1  ? 7.526   -17.906 -2.268  0.50 77.90  ? 1  U   A "C2'" 1 
ATOM   15   O  "O2'" A U   A 1 1  ? 8.056   -18.978 -0.652  0.50 75.39  ? 1  U   A "O2'" 1 
ATOM   16   O  "O2'" B U   A 1 1  ? 8.243   -18.660 -1.308  0.50 79.26  ? 1  U   A "O2'" 1 
ATOM   17   C  "C1'" A U   A 1 1  ? 8.525   -18.356 -2.945  0.50 69.49  ? 1  U   A "C1'" 1 
ATOM   18   C  "C1'" B U   A 1 1  ? 7.799   -18.443 -3.669  0.50 78.06  ? 1  U   A "C1'" 1 
ATOM   19   N  N1    A U   A 1 1  ? 9.107   -17.179 -3.598  0.50 68.10  ? 1  U   A N1    1 
ATOM   20   N  N1    B U   A 1 1  ? 7.655   -17.359 -4.641  0.50 77.30  ? 1  U   A N1    1 
ATOM   21   C  C2    A U   A 1 1  ? 10.376  -16.803 -3.208  0.50 66.81  ? 1  U   A C2    1 
ATOM   22   C  C2    B U   A 1 1  ? 8.714   -16.502 -4.828  0.50 77.17  ? 1  U   A C2    1 
ATOM   23   O  O2    A U   A 1 1  ? 11.022  -17.424 -2.372  0.50 67.44  ? 1  U   A O2    1 
ATOM   24   O  O2    B U   A 1 1  ? 9.769   -16.605 -4.225  0.50 77.87  ? 1  U   A O2    1 
ATOM   25   N  N3    A U   A 1 1  ? 10.860  -15.677 -3.829  0.50 63.14  ? 1  U   A N3    1 
ATOM   26   N  N3    B U   A 1 1  ? 8.489   -15.520 -5.753  0.50 76.50  ? 1  U   A N3    1 
ATOM   27   C  C4    A U   A 1 1  ? 10.211  -14.911 -4.778  0.50 63.95  ? 1  U   A C4    1 
ATOM   28   C  C4    B U   A 1 1  ? 7.339   -15.327 -6.487  0.50 75.98  ? 1  U   A C4    1 
ATOM   29   O  O4    A U   A 1 1  ? 10.756  -13.901 -5.213  0.50 63.96  ? 1  U   A O4    1 
ATOM   30   O  O4    B U   A 1 1  ? 7.295   -14.414 -7.294  0.50 75.51  ? 1  U   A O4    1 
ATOM   31   C  C5    A U   A 1 1  ? 8.906   -15.374 -5.134  0.50 65.02  ? 1  U   A C5    1 
ATOM   32   C  C5    B U   A 1 1  ? 6.292   -16.252 -6.230  0.50 75.91  ? 1  U   A C5    1 
ATOM   33   C  C6    A U   A 1 1  ? 8.412   -16.466 -4.548  0.50 66.89  ? 1  U   A C6    1 
ATOM   34   C  C6    B U   A 1 1  ? 6.478   -17.212 -5.339  0.50 76.74  ? 1  U   A C6    1 
ATOM   35   P  P     . C   A 1 2  ? 4.826   -16.841 -0.222  1.00 74.31  ? 2  C   A P     1 
ATOM   36   O  OP1   . C   A 1 2  ? 4.556   -17.228 1.184   1.00 74.87  ? 2  C   A OP1   1 
ATOM   37   O  OP2   . C   A 1 2  ? 3.699   -16.394 -1.101  1.00 73.52  ? 2  C   A OP2   1 
ATOM   38   O  "O5'" . C   A 1 2  ? 5.977   -15.740 -0.222  1.00 68.96  ? 2  C   A "O5'" 1 
ATOM   39   C  "C5'" . C   A 1 2  ? 7.167   -15.937 0.527   1.00 58.73  ? 2  C   A "C5'" 1 
ATOM   40   C  "C4'" . C   A 1 2  ? 8.133   -14.814 0.264   1.00 59.02  ? 2  C   A "C4'" 1 
ATOM   41   O  "O4'" . C   A 1 2  ? 8.458   -14.815 -1.148  1.00 61.13  ? 2  C   A "O4'" 1 
ATOM   42   C  "C3'" . C   A 1 2  ? 7.587   -13.416 0.497   1.00 55.80  ? 2  C   A "C3'" 1 
ATOM   43   O  "O3'" . C   A 1 2  ? 7.635   -13.025 1.860   1.00 57.74  ? 2  C   A "O3'" 1 
ATOM   44   C  "C2'" . C   A 1 2  ? 8.489   -12.572 -0.392  1.00 55.63  ? 2  C   A "C2'" 1 
ATOM   45   O  "O2'" . C   A 1 2  ? 9.769   -12.340 0.162   1.00 53.92  ? 2  C   A "O2'" 1 
ATOM   46   C  "C1'" . C   A 1 2  ? 8.634   -13.487 -1.603  1.00 54.43  ? 2  C   A "C1'" 1 
ATOM   47   N  N1    . C   A 1 2  ? 7.629   -13.209 -2.646  1.00 53.18  ? 2  C   A N1    1 
ATOM   48   C  C2    . C   A 1 2  ? 7.807   -12.068 -3.442  1.00 50.46  ? 2  C   A C2    1 
ATOM   49   O  O2    . C   A 1 2  ? 8.809   -11.367 -3.261  1.00 49.07  ? 2  C   A O2    1 
ATOM   50   N  N3    . C   A 1 2  ? 6.889   -11.759 -4.385  1.00 49.09  ? 2  C   A N3    1 
ATOM   51   C  C4    . C   A 1 2  ? 5.823   -12.541 -4.554  1.00 54.58  ? 2  C   A C4    1 
ATOM   52   N  N4    . C   A 1 2  ? 4.927   -12.175 -5.481  1.00 57.33  ? 2  C   A N4    1 
ATOM   53   C  C5    . C   A 1 2  ? 5.624   -13.730 -3.773  1.00 56.97  ? 2  C   A C5    1 
ATOM   54   C  C6    . C   A 1 2  ? 6.546   -14.021 -2.839  1.00 53.13  ? 2  C   A C6    1 
ATOM   55   P  P     . C   A 1 3  ? 6.494   -12.055 2.440   1.00 56.58  ? 3  C   A P     1 
ATOM   56   O  OP1   . C   A 1 3  ? 6.565   -12.090 3.919   1.00 57.09  ? 3  C   A OP1   1 
ATOM   57   O  OP2   . C   A 1 3  ? 5.223   -12.353 1.755   1.00 54.79  ? 3  C   A OP2   1 
ATOM   58   O  "O5'" . C   A 1 3  ? 6.935   -10.616 1.942   1.00 55.58  ? 3  C   A "O5'" 1 
ATOM   59   C  "C5'" . C   A 1 3  ? 8.099   -10.019 2.462   1.00 49.38  ? 3  C   A "C5'" 1 
ATOM   60   C  "C4'" . C   A 1 3  ? 8.262   -8.652  1.892   1.00 51.12  ? 3  C   A "C4'" 1 
ATOM   61   O  "O4'" . C   A 1 3  ? 8.420   -8.775  0.465   1.00 56.36  ? 3  C   A "O4'" 1 
ATOM   62   C  "C3'" . C   A 1 3  ? 7.046   -7.769  2.042   1.00 53.73  ? 3  C   A "C3'" 1 
ATOM   63   O  "O3'" . C   A 1 3  ? 7.036   -7.132  3.305   1.00 54.02  ? 3  C   A "O3'" 1 
ATOM   64   C  "C2'" . C   A 1 3  ? 7.245   -6.777  0.911   1.00 54.71  ? 3  C   A "C2'" 1 
ATOM   65   O  "O2'" . C   A 1 3  ? 8.247   -5.842  1.246   1.00 52.74  ? 3  C   A "O2'" 1 
ATOM   66   C  "C1'" . C   A 1 3  ? 7.794   -7.687  -0.182  1.00 55.83  ? 3  C   A "C1'" 1 
ATOM   67   N  N1    . C   A 1 3  ? 6.758   -8.216  -1.076  1.00 54.45  ? 3  C   A N1    1 
ATOM   68   C  C2    . C   A 1 3  ? 6.244   -7.391  -2.075  1.00 52.82  ? 3  C   A C2    1 
ATOM   69   O  O2    . C   A 1 3  ? 6.654   -6.224  -2.156  1.00 53.41  ? 3  C   A O2    1 
ATOM   70   N  N3    . C   A 1 3  ? 5.315   -7.885  -2.928  1.00 53.01  ? 3  C   A N3    1 
ATOM   71   C  C4    . C   A 1 3  ? 4.897   -9.148  -2.798  1.00 53.24  ? 3  C   A C4    1 
ATOM   72   N  N4    . C   A 1 3  ? 3.985   -9.602  -3.661  1.00 52.80  ? 3  C   A N4    1 
ATOM   73   C  C5    . C   A 1 3  ? 5.396   -10.004 -1.776  1.00 52.79  ? 3  C   A C5    1 
ATOM   74   C  C6    . C   A 1 3  ? 6.314   -9.501  -0.943  1.00 52.96  ? 3  C   A C6    1 
ATOM   75   P  P     . C   A 1 4  ? 5.637   -6.887  4.046   1.00 58.67  ? 4  C   A P     1 
ATOM   76   O  OP1   . C   A 1 4  ? 5.918   -6.346  5.398   1.00 61.35  ? 4  C   A OP1   1 
ATOM   77   O  OP2   . C   A 1 4  ? 4.837   -8.127  3.898   1.00 59.07  ? 4  C   A OP2   1 
ATOM   78   O  "O5'" . C   A 1 4  ? 4.944   -5.742  3.185   1.00 62.46  ? 4  C   A "O5'" 1 
ATOM   79   C  "C5'" . C   A 1 4  ? 5.580   -4.485  3.028   1.00 62.03  ? 4  C   A "C5'" 1 
ATOM   80   C  "C4'" . C   A 1 4  ? 4.864   -3.653  1.999   1.00 63.60  ? 4  C   A "C4'" 1 
ATOM   81   O  "O4'" . C   A 1 4  ? 4.918   -4.323  0.713   1.00 63.85  ? 4  C   A "O4'" 1 
ATOM   82   C  "C3'" . C   A 1 4  ? 3.374   -3.527  2.261   1.00 63.68  ? 4  C   A "C3'" 1 
ATOM   83   O  "O3'" . C   A 1 4  ? 3.143   -2.448  3.154   1.00 67.86  ? 4  C   A "O3'" 1 
ATOM   84   C  "C2'" . C   A 1 4  ? 2.815   -3.209  0.879   1.00 63.88  ? 4  C   A "C2'" 1 
ATOM   85   O  "O2'" . C   A 1 4  ? 2.847   -1.842  0.515   1.00 60.55  ? 4  C   A "O2'" 1 
ATOM   86   C  "C1'" . C   A 1 4  ? 3.753   -4.005  -0.025  1.00 61.14  ? 4  C   A "C1'" 1 
ATOM   87   N  N1    . C   A 1 4  ? 3.159   -5.212  -0.610  1.00 62.23  ? 4  C   A N1    1 
ATOM   88   C  C2    . C   A 1 4  ? 2.389   -5.049  -1.759  1.00 62.99  ? 4  C   A C2    1 
ATOM   89   O  O2    . C   A 1 4  ? 2.254   -3.905  -2.218  1.00 61.63  ? 4  C   A O2    1 
ATOM   90   N  N3    . C   A 1 4  ? 1.815   -6.129  -2.339  1.00 61.72  ? 4  C   A N3    1 
ATOM   91   C  C4    . C   A 1 4  ? 1.991   -7.338  -1.810  1.00 59.28  ? 4  C   A C4    1 
ATOM   92   N  N4    . C   A 1 4  ? 1.417   -8.367  -2.429  1.00 54.47  ? 4  C   A N4    1 
ATOM   93   C  C5    . C   A 1 4  ? 2.772   -7.538  -0.625  1.00 58.94  ? 4  C   A C5    1 
ATOM   94   C  C6    . C   A 1 4  ? 3.338   -6.452  -0.065  1.00 60.95  ? 4  C   A C6    1 
ATOM   95   P  P     . A   A 1 5  ? 2.119   -2.629  4.372   1.00 68.22  ? 5  A   A P     1 
ATOM   96   O  OP1   . A   A 1 5  ? 2.148   -1.409  5.220   1.00 64.83  ? 5  A   A OP1   1 
ATOM   97   O  OP2   . A   A 1 5  ? 2.363   -3.956  4.980   1.00 66.00  ? 5  A   A OP2   1 
ATOM   98   O  "O5'" . A   A 1 5  ? 0.723   -2.745  3.642   1.00 64.83  ? 5  A   A "O5'" 1 
ATOM   99   C  "C5'" . A   A 1 5  ? 0.080   -1.610  3.095   1.00 63.23  ? 5  A   A "C5'" 1 
ATOM   100  C  "C4'" . A   A 1 5  ? -1.230  -2.052  2.532   1.00 67.13  ? 5  A   A "C4'" 1 
ATOM   101  O  "O4'" . A   A 1 5  ? -0.947  -2.939  1.425   1.00 67.16  ? 5  A   A "O4'" 1 
ATOM   102  C  "C3'" . A   A 1 5  ? -1.999  -2.929  3.507   1.00 70.64  ? 5  A   A "C3'" 1 
ATOM   103  O  "O3'" . A   A 1 5  ? -2.769  -2.157  4.430   1.00 72.51  ? 5  A   A "O3'" 1 
ATOM   104  C  "C2'" . A   A 1 5  ? -2.856  -3.776  2.585   1.00 73.51  ? 5  A   A "C2'" 1 
ATOM   105  O  "O2'" . A   A 1 5  ? -4.071  -3.151  2.218   1.00 81.59  ? 5  A   A "O2'" 1 
ATOM   106  C  "C1'" . A   A 1 5  ? -1.911  -3.973  1.393   1.00 73.29  ? 5  A   A "C1'" 1 
ATOM   107  N  N9    . A   A 1 5  ? -1.205  -5.251  1.418   1.00 71.86  ? 5  A   A N9    1 
ATOM   108  C  C8    . A   A 1 5  ? -0.126  -5.606  2.178   1.00 71.80  ? 5  A   A C8    1 
ATOM   109  N  N7    . A   A 1 5  ? 0.258   -6.847  2.003   1.00 71.81  ? 5  A   A N7    1 
ATOM   110  C  C5    . A   A 1 5  ? -0.629  -7.338  1.059   1.00 71.23  ? 5  A   A C5    1 
ATOM   111  C  C6    . A   A 1 5  ? -0.766  -8.600  0.453   1.00 72.70  ? 5  A   A C6    1 
ATOM   112  N  N6    . A   A 1 5  ? 0.011   -9.644  0.735   1.00 75.72  ? 5  A   A N6    1 
ATOM   113  N  N1    . A   A 1 5  ? -1.747  -8.754  -0.461  1.00 72.85  ? 5  A   A N1    1 
ATOM   114  C  C2    . A   A 1 5  ? -2.533  -7.706  -0.734  1.00 72.39  ? 5  A   A C2    1 
ATOM   115  N  N3    . A   A 1 5  ? -2.510  -6.478  -0.226  1.00 71.02  ? 5  A   A N3    1 
ATOM   116  C  C4    . A   A 1 5  ? -1.524  -6.360  0.677   1.00 71.10  ? 5  A   A C4    1 
ATOM   117  O  "O5'" . G   A 1 6  ? -6.415  0.095   0.464   1.00 78.65  ? 6  G   A "O5'" 1 
ATOM   118  C  "C5'" . G   A 1 6  ? -6.392  0.157   1.893   1.00 71.59  ? 6  G   A "C5'" 1 
ATOM   119  C  "C4'" . G   A 1 6  ? -7.235  1.298   2.414   1.00 71.27  ? 6  G   A "C4'" 1 
ATOM   120  O  "O4'" . G   A 1 6  ? -6.609  2.563   2.076   1.00 68.75  ? 6  G   A "O4'" 1 
ATOM   121  C  "C3'" . G   A 1 6  ? -8.594  1.305   1.724   1.00 72.41  ? 6  G   A "C3'" 1 
ATOM   122  O  "O3'" . G   A 1 6  ? -9.668  1.502   2.629   1.00 71.56  ? 6  G   A "O3'" 1 
ATOM   123  C  "C2'" . G   A 1 6  ? -8.497  2.328   0.598   1.00 70.85  ? 6  G   A "C2'" 1 
ATOM   124  O  "O2'" . G   A 1 6  ? -9.679  3.089   0.468   1.00 81.23  ? 6  G   A "O2'" 1 
ATOM   125  C  "C1'" . G   A 1 6  ? -7.398  3.246   1.130   1.00 69.73  ? 6  G   A "C1'" 1 
ATOM   126  N  N9    . G   A 1 6  ? -6.543  3.937   0.175   1.00 65.43  ? 6  G   A N9    1 
ATOM   127  C  C8    . G   A 1 6  ? -6.159  5.256   0.234   1.00 63.92  ? 6  G   A C8    1 
ATOM   128  N  N7    . G   A 1 6  ? -5.427  5.622   -0.781  1.00 64.15  ? 6  G   A N7    1 
ATOM   129  C  C5    . G   A 1 6  ? -5.326  4.476   -1.558  1.00 62.91  ? 6  G   A C5    1 
ATOM   130  C  C6    . G   A 1 6  ? -4.671  4.265   -2.794  1.00 60.83  ? 6  G   A C6    1 
ATOM   131  O  O6    . G   A 1 6  ? -4.068  5.090   -3.490  1.00 58.38  ? 6  G   A O6    1 
ATOM   132  N  N1    . G   A 1 6  ? -4.779  2.937   -3.215  1.00 58.28  ? 6  G   A N1    1 
ATOM   133  C  C2    . G   A 1 6  ? -5.451  1.949   -2.538  1.00 59.92  ? 6  G   A C2    1 
ATOM   134  N  N2    . G   A 1 6  ? -5.418  0.721   -3.084  1.00 58.77  ? 6  G   A N2    1 
ATOM   135  N  N3    . G   A 1 6  ? -6.101  2.147   -1.399  1.00 59.70  ? 6  G   A N3    1 
ATOM   136  C  C4    . G   A 1 6  ? -5.990  3.421   -0.969  1.00 63.17  ? 6  G   A C4    1 
ATOM   137  P  P     . U   A 1 7  ? -10.432 0.243   3.243   1.00 75.76  ? 7  U   A P     1 
ATOM   138  O  OP1   . U   A 1 7  ? -11.403 0.777   4.225   1.00 74.84  ? 7  U   A OP1   1 
ATOM   139  O  OP2   . U   A 1 7  ? -9.415  -0.753  3.664   1.00 76.72  ? 7  U   A OP2   1 
ATOM   140  O  "O5'" . U   A 1 7  ? -11.238 -0.351  2.018   1.00 74.62  ? 7  U   A "O5'" 1 
ATOM   141  C  "C5'" . U   A 1 7  ? -12.220 0.429   1.376   1.00 71.56  ? 7  U   A "C5'" 1 
ATOM   142  C  "C4'" . U   A 1 7  ? -12.896 -0.400  0.339   1.00 71.85  ? 7  U   A "C4'" 1 
ATOM   143  O  "O4'" . U   A 1 7  ? -11.894 -0.800  -0.624  1.00 73.82  ? 7  U   A "O4'" 1 
ATOM   144  C  "C3'" . U   A 1 7  ? -13.423 -1.716  0.871   1.00 71.36  ? 7  U   A "C3'" 1 
ATOM   145  O  "O3'" . U   A 1 7  ? -14.720 -1.558  1.414   1.00 73.59  ? 7  U   A "O3'" 1 
ATOM   146  C  "C2'" . U   A 1 7  ? -13.445 -2.577  -0.380  1.00 71.31  ? 7  U   A "C2'" 1 
ATOM   147  O  "O2'" . U   A 1 7  ? -14.568 -2.357  -1.206  1.00 70.76  ? 7  U   A "O2'" 1 
ATOM   148  C  "C1'" . U   A 1 7  ? -12.175 -2.108  -1.083  1.00 71.61  ? 7  U   A "C1'" 1 
ATOM   149  N  N1    . U   A 1 7  ? -11.033 -2.964  -0.750  1.00 72.62  ? 7  U   A N1    1 
ATOM   150  C  C2    . U   A 1 7  ? -10.967 -4.201  -1.365  1.00 73.76  ? 7  U   A C2    1 
ATOM   151  O  O2    . U   A 1 7  ? -11.801 -4.585  -2.170  1.00 73.68  ? 7  U   A O2    1 
ATOM   152  N  N3    . U   A 1 7  ? -9.891  -4.973  -1.004  1.00 74.38  ? 7  U   A N3    1 
ATOM   153  C  C4    . U   A 1 7  ? -8.896  -4.643  -0.111  1.00 73.84  ? 7  U   A C4    1 
ATOM   154  O  O4    . U   A 1 7  ? -8.027  -5.475  0.154   1.00 76.31  ? 7  U   A O4    1 
ATOM   155  C  C5    . U   A 1 7  ? -9.028  -3.338  0.478   1.00 74.46  ? 7  U   A C5    1 
ATOM   156  C  C6    . U   A 1 7  ? -10.068 -2.561  0.144   1.00 73.26  ? 7  U   A C6    1 
ATOM   157  P  P     . C   A 1 8  ? -15.203 -2.522  2.600   1.00 78.28  ? 8  C   A P     1 
ATOM   158  O  OP1   . C   A 1 8  ? -16.638 -2.244  2.829   1.00 78.62  ? 8  C   A OP1   1 
ATOM   159  O  OP2   . C   A 1 8  ? -14.231 -2.376  3.718   1.00 70.18  ? 8  C   A OP2   1 
ATOM   160  O  "O5'" . C   A 1 8  ? -15.076 -3.985  1.984   1.00 73.39  ? 8  C   A "O5'" 1 
ATOM   161  C  "C5'" . C   A 1 8  ? -15.881 -4.378  0.882   1.00 73.36  ? 8  C   A "C5'" 1 
ATOM   162  C  "C4'" . C   A 1 8  ? -15.567 -5.798  0.489   1.00 79.87  ? 8  C   A "C4'" 1 
ATOM   163  O  "O4'" . C   A 1 8  ? -14.225 -5.869  -0.062  1.00 80.47  ? 8  C   A "O4'" 1 
ATOM   164  C  "C3'" . C   A 1 8  ? -15.506 -6.762  1.658   1.00 82.56  ? 8  C   A "C3'" 1 
ATOM   165  O  "O3'" . C   A 1 8  ? -16.784 -7.197  2.076   1.00 85.67  ? 8  C   A "O3'" 1 
ATOM   166  C  "C2'" . C   A 1 8  ? -14.638 -7.892  1.122   1.00 80.09  ? 8  C   A "C2'" 1 
ATOM   167  O  "O2'" . C   A 1 8  ? -15.323 -8.827  0.315   1.00 76.13  ? 8  C   A "O2'" 1 
ATOM   168  C  "C1'" . C   A 1 8  ? -13.623 -7.113  0.293   1.00 79.25  ? 8  C   A "C1'" 1 
ATOM   169  N  N1    . C   A 1 8  ? -12.427 -6.850  1.096   1.00 77.81  ? 8  C   A N1    1 
ATOM   170  C  C2    . C   A 1 8  ? -11.383 -7.789  1.085   1.00 79.72  ? 8  C   A C2    1 
ATOM   171  O  O2    . C   A 1 8  ? -11.505 -8.828  0.414   1.00 81.61  ? 8  C   A O2    1 
ATOM   172  N  N3    . C   A 1 8  ? -10.272 -7.543  1.807   1.00 80.76  ? 8  C   A N3    1 
ATOM   173  C  C4    . C   A 1 8  ? -10.182 -6.425  2.530   1.00 79.56  ? 8  C   A C4    1 
ATOM   174  N  N4    . C   A 1 8  ? -9.057  -6.219  3.216   1.00 80.79  ? 8  C   A N4    1 
ATOM   175  C  C5    . C   A 1 8  ? -11.239 -5.465  2.576   1.00 77.76  ? 8  C   A C5    1 
ATOM   176  C  C6    . C   A 1 8  ? -12.329 -5.716  1.846   1.00 75.62  ? 8  C   A C6    1 
ATOM   177  P  P     . C   A 1 9  ? -17.007 -7.585  3.609   1.00 88.56  ? 9  C   A P     1 
ATOM   178  O  OP1   . C   A 1 9  ? -18.446 -7.904  3.743   1.00 90.76  ? 9  C   A OP1   1 
ATOM   179  O  OP2   . C   A 1 9  ? -16.414 -6.502  4.441   1.00 83.99  ? 9  C   A OP2   1 
ATOM   180  O  "O5'" . C   A 1 9  ? -16.139 -8.916  3.777   1.00 89.08  ? 9  C   A "O5'" 1 
ATOM   181  C  "C5'" . C   A 1 9  ? -16.426 -10.089 3.009   1.00 90.97  ? 9  C   A "C5'" 1 
ATOM   182  C  "C4'" . C   A 1 9  ? -15.493 -11.214 3.404   1.00 94.68  ? 9  C   A "C4'" 1 
ATOM   183  O  "O4'" . C   A 1 9  ? -14.143 -10.869 2.998   1.00 95.81  ? 9  C   A "O4'" 1 
ATOM   184  C  "C3'" . C   A 1 9  ? -15.366 -11.476 4.901   1.00 99.24  ? 9  C   A "C3'" 1 
ATOM   185  O  "O3'" . C   A 1 9  ? -16.401 -12.298 5.430   1.00 101.46 ? 9  C   A "O3'" 1 
ATOM   186  C  "C2'" . C   A 1 9  ? -14.002 -12.147 5.000   1.00 98.95  ? 9  C   A "C2'" 1 
ATOM   187  O  "O2'" . C   A 1 9  ? -14.011 -13.523 4.678   1.00 100.21 ? 9  C   A "O2'" 1 
ATOM   188  C  "C1'" . C   A 1 9  ? -13.216 -11.362 3.953   1.00 97.08  ? 9  C   A "C1'" 1 
ATOM   189  N  N1    . C   A 1 9  ? -12.520 -10.225 4.570   1.00 95.78  ? 9  C   A N1    1 
ATOM   190  C  C2    . C   A 1 9  ? -11.329 -10.473 5.246   1.00 95.63  ? 9  C   A C2    1 
ATOM   191  O  O2    . C   A 1 9  ? -10.906 -11.637 5.294   1.00 97.16  ? 9  C   A O2    1 
ATOM   192  N  N3    . C   A 1 9  ? -10.669 -9.450  5.825   1.00 94.71  ? 9  C   A N3    1 
ATOM   193  C  C4    . C   A 1 9  ? -11.161 -8.215  5.745   1.00 93.31  ? 9  C   A C4    1 
ATOM   194  N  N4    . C   A 1 9  ? -10.469 -7.235  6.320   1.00 92.25  ? 9  C   A N4    1 
ATOM   195  C  C5    . C   A 1 9  ? -12.380 -7.932  5.067   1.00 93.81  ? 9  C   A C5    1 
ATOM   196  C  C6    . C   A 1 9  ? -13.022 -8.958  4.496   1.00 94.56  ? 9  C   A C6    1 
ATOM   197  P  P     . A   A 1 10 ? -16.719 -12.255 7.010   1.00 102.37 ? 10 A   A P     1 
ATOM   198  O  OP1   . A   A 1 10 ? -17.921 -13.096 7.225   1.00 105.27 ? 10 A   A OP1   1 
ATOM   199  O  OP2   . A   A 1 10 ? -16.716 -10.843 7.476   1.00 99.14  ? 10 A   A OP2   1 
ATOM   200  O  "O5'" . A   A 1 10 ? -15.483 -13.001 7.683   1.00 104.43 ? 10 A   A "O5'" 1 
ATOM   201  C  "C5'" . A   A 1 10 ? -15.354 -14.417 7.586   1.00 107.04 ? 10 A   A "C5'" 1 
ATOM   202  C  "C4'" . A   A 1 10 ? -14.229 -14.900 8.467   1.00 108.93 ? 10 A   A "C4'" 1 
ATOM   203  O  "O4'" . A   A 1 10 ? -12.971 -14.384 7.955   1.00 107.17 ? 10 A   A "O4'" 1 
ATOM   204  C  "C3'" . A   A 1 10 ? -14.268 -14.405 9.903   1.00 111.66 ? 10 A   A "C3'" 1 
ATOM   205  O  "O3'" . A   A 1 10 ? -15.113 -15.175 10.738  1.00 114.66 ? 10 A   A "O3'" 1 
ATOM   206  C  "C2'" . A   A 1 10 ? -12.812 -14.512 10.321  1.00 109.73 ? 10 A   A "C2'" 1 
ATOM   207  O  "O2'" . A   A 1 10 ? -12.453 -15.836 10.672  1.00 109.54 ? 10 A   A "O2'" 1 
ATOM   208  C  "C1'" . A   A 1 10 ? -12.107 -14.067 9.038   1.00 106.06 ? 10 A   A "C1'" 1 
ATOM   209  N  N9    . A   A 1 10 ? -11.899 -12.620 9.042   1.00 103.18 ? 10 A   A N9    1 
ATOM   210  C  C8    . A   A 1 10 ? -12.707 -11.651 8.498   1.00 101.87 ? 10 A   A C8    1 
ATOM   211  N  N7    . A   A 1 10 ? -12.275 -10.429 8.694   1.00 101.29 ? 10 A   A N7    1 
ATOM   212  C  C5    . A   A 1 10 ? -11.098 -10.601 9.411   1.00 100.77 ? 10 A   A C5    1 
ATOM   213  C  C6    . A   A 1 10 ? -10.158 -9.685  9.934   1.00 99.30  ? 10 A   A C6    1 
ATOM   214  N  N6    . A   A 1 10 ? -10.267 -8.359  9.819   1.00 97.03  ? 10 A   A N6    1 
ATOM   215  N  N1    . A   A 1 10 ? -9.091  -10.187 10.594  1.00 100.08 ? 10 A   A N1    1 
ATOM   216  C  C2    . A   A 1 10 ? -8.985  -11.520 10.718  1.00 102.35 ? 10 A   A C2    1 
ATOM   217  N  N3    . A   A 1 10 ? -9.801  -12.481 10.273  1.00 102.70 ? 10 A   A N3    1 
ATOM   218  C  C4    . A   A 1 10 ? -10.850 -11.947 9.622   1.00 102.42 ? 10 A   A C4    1 
ATOM   219  P  P     . C   A 1 11 ? -15.810 -14.471 11.999  1.00 119.41 ? 11 C   A P     1 
ATOM   220  O  OP1   . C   A 1 11 ? -16.884 -15.364 12.494  1.00 118.61 ? 11 C   A OP1   1 
ATOM   221  O  OP2   . C   A 1 11 ? -16.136 -13.077 11.593  1.00 118.82 ? 11 C   A OP2   1 
ATOM   222  O  "O5'" . C   A 1 11 ? -14.659 -14.392 13.097  1.00 117.96 ? 11 C   A "O5'" 1 
ATOM   223  C  "C5'" . C   A 1 11 ? -14.101 -15.576 13.641  1.00 117.32 ? 11 C   A "C5'" 1 
ATOM   224  C  "C4'" . C   A 1 11 ? -12.842 -15.254 14.402  1.00 118.95 ? 11 C   A "C4'" 1 
ATOM   225  O  "O4'" . C   A 1 11 ? -11.902 -14.611 13.493  1.00 118.21 ? 11 C   A "O4'" 1 
ATOM   226  C  "C3'" . C   A 1 11 ? -12.995 -14.237 15.520  1.00 119.64 ? 11 C   A "C3'" 1 
ATOM   227  O  "O3'" . C   A 1 11 ? -13.490 -14.777 16.735  1.00 121.03 ? 11 C   A "O3'" 1 
ATOM   228  C  "C2'" . C   A 1 11 ? -11.578 -13.708 15.662  1.00 119.59 ? 11 C   A "C2'" 1 
ATOM   229  O  "O2'" . C   A 1 11 ? -10.741 -14.592 16.384  1.00 118.04 ? 11 C   A "O2'" 1 
ATOM   230  C  "C1'" . C   A 1 11 ? -11.148 -13.633 14.197  1.00 117.02 ? 11 C   A "C1'" 1 
ATOM   231  N  N1    . C   A 1 11 ? -11.474 -12.305 13.654  1.00 115.96 ? 11 C   A N1    1 
ATOM   232  C  C2    . C   A 1 11 ? -10.652 -11.222 14.000  1.00 115.63 ? 11 C   A C2    1 
ATOM   233  O  O2    . C   A 1 11 ? -9.649  -11.429 14.705  1.00 114.14 ? 11 C   A O2    1 
ATOM   234  N  N3    . C   A 1 11 ? -10.970 -9.984  13.560  1.00 115.25 ? 11 C   A N3    1 
ATOM   235  C  C4    . C   A 1 11 ? -12.049 -9.806  12.795  1.00 114.87 ? 11 C   A C4    1 
ATOM   236  N  N4    . C   A 1 11 ? -12.333 -8.564  12.404  1.00 113.87 ? 11 C   A N4    1 
ATOM   237  C  C5    . C   A 1 11 ? -12.888 -10.894 12.405  1.00 114.46 ? 11 C   A C5    1 
ATOM   238  C  C6    . C   A 1 11 ? -12.565 -12.116 12.850  1.00 114.96 ? 11 C   A C6    1 
ATOM   239  P  P     . C   A 1 12 ? -14.251 -13.809 17.773  1.00 122.98 ? 12 C   A P     1 
ATOM   240  O  OP1   . C   A 1 12 ? -14.721 -14.628 18.913  1.00 123.97 ? 12 C   A OP1   1 
ATOM   241  O  OP2   . C   A 1 12 ? -15.225 -12.990 17.006  1.00 123.41 ? 12 C   A OP2   1 
ATOM   242  O  "O5'" . C   A 1 12 ? -13.109 -12.838 18.311  1.00 116.34 ? 12 C   A "O5'" 1 
ATOM   243  C  "C5'" . C   A 1 12 ? -12.031 -13.353 19.077  1.00 113.04 ? 12 C   A "C5'" 1 
ATOM   244  C  "C4'" . C   A 1 12 ? -11.129 -12.235 19.530  1.00 112.87 ? 12 C   A "C4'" 1 
ATOM   245  O  "O4'" . C   A 1 12 ? -10.546 -11.598 18.364  1.00 111.60 ? 12 C   A "O4'" 1 
ATOM   246  C  "C3'" . C   A 1 12 ? -11.820 -11.096 20.259  1.00 113.13 ? 12 C   A "C3'" 1 
ATOM   247  O  "O3'" . C   A 1 12 ? -12.024 -11.379 21.631  1.00 116.12 ? 12 C   A "O3'" 1 
ATOM   248  C  "C2'" . C   A 1 12 ? -10.849 -9.945  20.040  1.00 110.50 ? 12 C   A "C2'" 1 
ATOM   249  O  "O2'" . C   A 1 12 ? -9.723  -9.998  20.900  1.00 105.41 ? 12 C   A "O2'" 1 
ATOM   250  C  "C1'" . C   A 1 12 ? -10.413 -10.204 18.598  1.00 107.84 ? 12 C   A "C1'" 1 
ATOM   251  N  N1    . C   A 1 12 ? -11.264 -9.478  17.636  1.00 103.93 ? 12 C   A N1    1 
ATOM   252  C  C2    . C   A 1 12 ? -11.047 -8.102  17.463  1.00 101.14 ? 12 C   A C2    1 
ATOM   253  O  O2    . C   A 1 12 ? -10.129 -7.556  18.106  1.00 95.90  ? 12 C   A O2    1 
ATOM   254  N  N3    . C   A 1 12 ? -11.840 -7.409  16.602  1.00 99.63  ? 12 C   A N3    1 
ATOM   255  C  C4    . C   A 1 12 ? -12.807 -8.044  15.925  1.00 100.47 ? 12 C   A C4    1 
ATOM   256  N  N4    . C   A 1 12 ? -13.568 -7.327  15.090  1.00 98.42  ? 12 C   A N4    1 
ATOM   257  C  C5    . C   A 1 12 ? -13.037 -9.445  16.074  1.00 101.31 ? 12 C   A C5    1 
ATOM   258  C  C6    . C   A 1 12 ? -12.252 -10.118 16.932  1.00 102.36 ? 12 C   A C6    1 
ATOM   259  P  P     . G   A 1 13 ? -13.299 -10.757 22.381  1.00 117.96 ? 13 G   A P     1 
ATOM   260  O  OP1   . G   A 1 13 ? -13.420 -11.446 23.691  1.00 116.09 ? 13 G   A OP1   1 
ATOM   261  O  OP2   . G   A 1 13 ? -14.438 -10.784 21.422  1.00 116.54 ? 13 G   A OP2   1 
ATOM   262  O  "O5'" . G   A 1 13 ? -12.881 -9.247  22.658  1.00 112.48 ? 13 G   A "O5'" 1 
ATOM   263  C  "C5'" . G   A 1 13 ? -11.793 -8.951  23.525  1.00 106.27 ? 13 G   A "C5'" 1 
ATOM   264  C  "C4'" . G   A 1 13 ? -11.432 -7.490  23.429  1.00 106.16 ? 13 G   A "C4'" 1 
ATOM   265  O  "O4'" . G   A 1 13 ? -11.075 -7.186  22.054  1.00 103.86 ? 13 G   A "O4'" 1 
ATOM   266  C  "C3'" . G   A 1 13 ? -12.566 -6.521  23.730  1.00 105.55 ? 13 G   A "C3'" 1 
ATOM   267  O  "O3'" . G   A 1 13 ? -12.850 -6.334  25.117  1.00 108.86 ? 13 G   A "O3'" 1 
ATOM   268  C  "C2'" . G   A 1 13 ? -12.130 -5.262  22.990  1.00 103.01 ? 13 G   A "C2'" 1 
ATOM   269  O  "O2'" . G   A 1 13 ? -11.184 -4.475  23.691  1.00 100.24 ? 13 G   A "O2'" 1 
ATOM   270  C  "C1'" . G   A 1 13 ? -11.487 -5.865  21.738  1.00 99.48  ? 13 G   A "C1'" 1 
ATOM   271  N  N9    . G   A 1 13 ? -12.375 -5.893  20.577  1.00 94.38  ? 13 G   A N9    1 
ATOM   272  C  C8    . G   A 1 13 ? -13.086 -6.959  20.064  1.00 91.69  ? 13 G   A C8    1 
ATOM   273  N  N7    . G   A 1 13 ? -13.785 -6.642  19.001  1.00 89.80  ? 13 G   A N7    1 
ATOM   274  C  C5    . G   A 1 13 ? -13.521 -5.286  18.805  1.00 88.57  ? 13 G   A C5    1 
ATOM   275  C  C6    . G   A 1 13 ? -13.995 -4.375  17.805  1.00 86.75  ? 13 G   A C6    1 
ATOM   276  O  O6    . G   A 1 13 ? -14.769 -4.603  16.854  1.00 86.39  ? 13 G   A O6    1 
ATOM   277  N  N1    . G   A 1 13 ? -13.475 -3.089  17.995  1.00 84.34  ? 13 G   A N1    1 
ATOM   278  C  C2    . G   A 1 13 ? -12.609 -2.722  19.012  1.00 86.33  ? 13 G   A C2    1 
ATOM   279  N  N2    . G   A 1 13 ? -12.203 -1.427  19.049  1.00 84.73  ? 13 G   A N2    1 
ATOM   280  N  N3    . G   A 1 13 ? -12.164 -3.561  19.935  1.00 88.71  ? 13 G   A N3    1 
ATOM   281  C  C4    . G   A 1 13 ? -12.656 -4.812  19.772  1.00 90.91  ? 13 G   A C4    1 
ATOM   282  O  "O5'" . C   A 1 14 ? -14.129 3.772   12.485  1.00 107.84 ? 14 C   A "O5'" 1 
ATOM   283  C  "C5'" . C   A 1 14 ? -13.756 4.889   13.297  1.00 109.29 ? 14 C   A "C5'" 1 
ATOM   284  C  "C4'" . C   A 1 14 ? -13.118 4.497   14.613  1.00 111.51 ? 14 C   A "C4'" 1 
ATOM   285  O  "O4'" . C   A 1 14 ? -14.089 3.766   15.410  1.00 109.50 ? 14 C   A "O4'" 1 
ATOM   286  C  "C3'" . C   A 1 14 ? -11.940 3.539   14.534  1.00 113.99 ? 14 C   A "C3'" 1 
ATOM   287  O  "O3'" . C   A 1 14 ? -10.711 4.141   14.186  1.00 119.34 ? 14 C   A "O3'" 1 
ATOM   288  C  "C2'" . C   A 1 14 ? -11.938 2.905   15.920  1.00 109.58 ? 14 C   A "C2'" 1 
ATOM   289  O  "O2'" . C   A 1 14 ? -11.403 3.727   16.945  1.00 106.84 ? 14 C   A "O2'" 1 
ATOM   290  C  "C1'" . C   A 1 14 ? -13.435 2.740   16.150  1.00 104.71 ? 14 C   A "C1'" 1 
ATOM   291  N  N1    . C   A 1 14 ? -13.898 1.428   15.657  1.00 100.05 ? 14 C   A N1    1 
ATOM   292  C  C2    . C   A 1 14 ? -13.677 0.308   16.462  1.00 97.48  ? 14 C   A C2    1 
ATOM   293  O  O2    . C   A 1 14 ? -13.080 0.465   17.542  1.00 96.42  ? 14 C   A O2    1 
ATOM   294  N  N3    . C   A 1 14 ? -14.114 -0.909  16.043  1.00 94.67  ? 14 C   A N3    1 
ATOM   295  C  C4    . C   A 1 14 ? -14.745 -1.021  14.866  1.00 94.93  ? 14 C   A C4    1 
ATOM   296  N  N4    . C   A 1 14 ? -15.176 -2.232  14.490  1.00 93.69  ? 14 C   A N4    1 
ATOM   297  C  C5    . C   A 1 14 ? -14.968 0.105   14.021  1.00 95.48  ? 14 C   A C5    1 
ATOM   298  C  C6    . C   A 1 14 ? -14.530 1.299   14.449  1.00 97.63  ? 14 C   A C6    1 
ATOM   299  P  P     . G   A 1 15 ? -9.593  3.256   13.445  1.00 120.25 ? 15 G   A P     1 
ATOM   300  O  OP1   . G   A 1 15 ? -8.514  4.202   13.058  1.00 118.06 ? 15 G   A OP1   1 
ATOM   301  O  OP2   . G   A 1 15 ? -10.261 2.423   12.406  1.00 116.89 ? 15 G   A OP2   1 
ATOM   302  O  "O5'" . G   A 1 15 ? -9.047  2.301   14.597  1.00 114.12 ? 15 G   A "O5'" 1 
ATOM   303  C  "C5'" . G   A 1 15 ? -8.431  2.862   15.749  1.00 108.50 ? 15 G   A "C5'" 1 
ATOM   304  C  "C4'" . G   A 1 15 ? -8.087  1.787   16.745  1.00 106.31 ? 15 G   A "C4'" 1 
ATOM   305  O  "O4'" . G   A 1 15 ? -9.313  1.167   17.213  1.00 104.27 ? 15 G   A "O4'" 1 
ATOM   306  C  "C3'" . G   A 1 15 ? -7.292  0.615   16.198  1.00 107.60 ? 15 G   A "C3'" 1 
ATOM   307  O  "O3'" . G   A 1 15 ? -5.908  0.874   16.074  1.00 112.44 ? 15 G   A "O3'" 1 
ATOM   308  C  "C2'" . G   A 1 15 ? -7.612  -0.489  17.194  1.00 104.26 ? 15 G   A "C2'" 1 
ATOM   309  O  "O2'" . G   A 1 15 ? -6.886  -0.427  18.407  1.00 102.48 ? 15 G   A "O2'" 1 
ATOM   310  C  "C1'" . G   A 1 15 ? -9.087  -0.213  17.452  1.00 99.79  ? 15 G   A "C1'" 1 
ATOM   311  N  N9    . G   A 1 15 ? -9.868  -0.994  16.505  1.00 93.54  ? 15 G   A N9    1 
ATOM   312  C  C8    . G   A 1 15 ? -10.505 -0.577  15.359  1.00 90.86  ? 15 G   A C8    1 
ATOM   313  N  N7    . G   A 1 15 ? -11.128 -1.547  14.742  1.00 89.19  ? 15 G   A N7    1 
ATOM   314  C  C5    . G   A 1 15 ? -10.878 -2.667  15.532  1.00 89.68  ? 15 G   A C5    1 
ATOM   315  C  C6    . G   A 1 15 ? -11.300 -4.033  15.389  1.00 89.71  ? 15 G   A C6    1 
ATOM   316  O  O6    . G   A 1 15 ? -12.017 -4.543  14.502  1.00 89.30  ? 15 G   A O6    1 
ATOM   317  N  N1    . G   A 1 15 ? -10.801 -4.831  16.427  1.00 88.82  ? 15 G   A N1    1 
ATOM   318  C  C2    . G   A 1 15 ? -10.002 -4.381  17.464  1.00 89.51  ? 15 G   A C2    1 
ATOM   319  N  N2    . G   A 1 15 ? -9.600  -5.294  18.372  1.00 90.06  ? 15 G   A N2    1 
ATOM   320  N  N3    . G   A 1 15 ? -9.620  -3.124  17.604  1.00 88.79  ? 15 G   A N3    1 
ATOM   321  C  C4    . G   A 1 15 ? -10.092 -2.333  16.613  1.00 90.71  ? 15 G   A C4    1 
ATOM   322  P  P     . G   A 1 16 ? -5.051  0.026   15.012  1.00 114.00 ? 16 G   A P     1 
ATOM   323  O  OP1   . G   A 1 16 ? -3.669  0.567   15.013  1.00 111.79 ? 16 G   A OP1   1 
ATOM   324  O  OP2   . G   A 1 16 ? -5.825  -0.039  13.740  1.00 111.35 ? 16 G   A OP2   1 
ATOM   325  O  "O5'" . G   A 1 16 ? -5.021  -1.431  15.644  1.00 109.77 ? 16 G   A "O5'" 1 
ATOM   326  C  "C5'" . G   A 1 16 ? -4.542  -1.622  16.964  1.00 108.32 ? 16 G   A "C5'" 1 
ATOM   327  C  "C4'" . G   A 1 16 ? -4.445  -3.085  17.259  1.00 108.39 ? 16 G   A "C4'" 1 
ATOM   328  O  "O4'" . G   A 1 16 ? -5.766  -3.613  17.538  1.00 106.90 ? 16 G   A "O4'" 1 
ATOM   329  C  "C3'" . G   A 1 16 ? -3.979  -3.905  16.076  1.00 108.78 ? 16 G   A "C3'" 1 
ATOM   330  O  "O3'" . G   A 1 16 ? -2.578  -3.871  15.912  1.00 113.57 ? 16 G   A "O3'" 1 
ATOM   331  C  "C2'" . G   A 1 16 ? -4.517  -5.288  16.408  1.00 106.84 ? 16 G   A "C2'" 1 
ATOM   332  O  "O2'" . G   A 1 16 ? -3.734  -6.013  17.333  1.00 103.95 ? 16 G   A "O2'" 1 
ATOM   333  C  "C1'" . G   A 1 16 ? -5.868  -4.928  17.017  1.00 103.13 ? 16 G   A "C1'" 1 
ATOM   334  N  N9    . G   A 1 16 ? -6.868  -4.926  15.960  1.00 97.83  ? 16 G   A N9    1 
ATOM   335  C  C8    . G   A 1 16 ? -7.267  -3.869  15.175  1.00 95.59  ? 16 G   A C8    1 
ATOM   336  N  N7    . G   A 1 16 ? -8.179  -4.199  14.302  1.00 94.43  ? 16 G   A N7    1 
ATOM   337  C  C5    . G   A 1 16 ? -8.396  -5.553  14.533  1.00 92.87  ? 16 G   A C5    1 
ATOM   338  C  C6    . G   A 1 16 ? -9.287  -6.475  13.902  1.00 92.59  ? 16 G   A C6    1 
ATOM   339  O  O6    . G   A 1 16 ? -10.110 -6.268  12.993  1.00 91.97  ? 16 G   A O6    1 
ATOM   340  N  N1    . G   A 1 16 ? -9.159  -7.754  14.443  1.00 91.97  ? 16 G   A N1    1 
ATOM   341  C  C2    . G   A 1 16 ? -8.297  -8.103  15.460  1.00 93.07  ? 16 G   A C2    1 
ATOM   342  N  N2    . G   A 1 16 ? -8.307  -9.396  15.839  1.00 92.20  ? 16 G   A N2    1 
ATOM   343  N  N3    . G   A 1 16 ? -7.483  -7.254  16.061  1.00 92.42  ? 16 G   A N3    1 
ATOM   344  C  C4    . G   A 1 16 ? -7.584  -6.010  15.550  1.00 93.81  ? 16 G   A C4    1 
ATOM   345  P  P     . U   A 1 17 ? -1.933  -4.526  14.600  1.00 117.18 ? 17 U   A P     1 
ATOM   346  O  OP1   . U   A 1 17 ? -0.596  -3.920  14.379  1.00 115.88 ? 17 U   A OP1   1 
ATOM   347  O  OP2   . U   A 1 17 ? -2.951  -4.482  13.514  1.00 117.16 ? 17 U   A OP2   1 
ATOM   348  O  "O5'" . U   A 1 17 ? -1.740  -6.046  15.023  1.00 112.99 ? 17 U   A "O5'" 1 
ATOM   349  C  "C5'" . U   A 1 17 ? -1.626  -7.045  14.039  1.00 108.91 ? 17 U   A "C5'" 1 
ATOM   350  C  "C4'" . U   A 1 17 ? -2.334  -8.289  14.488  1.00 107.30 ? 17 U   A "C4'" 1 
ATOM   351  O  "O4'" . U   A 1 17 ? -3.687  -7.959  14.886  1.00 105.66 ? 17 U   A "O4'" 1 
ATOM   352  C  "C3'" . U   A 1 17 ? -2.509  -9.314  13.390  1.00 108.11 ? 17 U   A "C3'" 1 
ATOM   353  O  "O3'" . U   A 1 17 ? -1.333  -10.065 13.206  1.00 109.84 ? 17 U   A "O3'" 1 
ATOM   354  C  "C2'" . U   A 1 17 ? -3.700  -10.113 13.880  1.00 104.11 ? 17 U   A "C2'" 1 
ATOM   355  O  "O2'" . U   A 1 17 ? -3.354  -11.070 14.860  1.00 99.89  ? 17 U   A "O2'" 1 
ATOM   356  C  "C1'" . U   A 1 17 ? -4.562  -8.995  14.469  1.00 103.01 ? 17 U   A "C1'" 1 
ATOM   357  N  N1    . U   A 1 17 ? -5.458  -8.425  13.450  1.00 99.28  ? 17 U   A N1    1 
ATOM   358  C  C2    . U   A 1 17 ? -6.332  -9.288  12.807  1.00 98.10  ? 17 U   A C2    1 
ATOM   359  O  O2    . U   A 1 17 ? -6.358  -10.493 13.028  1.00 96.89  ? 17 U   A O2    1 
ATOM   360  N  N3    . U   A 1 17 ? -7.168  -8.689  11.893  1.00 96.53  ? 17 U   A N3    1 
ATOM   361  C  C4    . U   A 1 17 ? -7.212  -7.345  11.557  1.00 96.38  ? 17 U   A C4    1 
ATOM   362  O  O4    . U   A 1 17 ? -8.071  -6.947  10.765  1.00 96.85  ? 17 U   A O4    1 
ATOM   363  C  C5    . U   A 1 17 ? -6.259  -6.524  12.248  1.00 95.88  ? 17 U   A C5    1 
ATOM   364  C  C6    . U   A 1 17 ? -5.437  -7.076  13.148  1.00 96.70  ? 17 U   A C6    1 
ATOM   365  P  P     . G   A 1 18 ? -0.577  -9.970  11.803  1.00 112.39 ? 18 G   A P     1 
ATOM   366  O  OP1   . G   A 1 18 ? 0.815   -10.429 12.031  1.00 112.42 ? 18 G   A OP1   1 
ATOM   367  O  OP2   . G   A 1 18 ? -0.833  -8.617  11.240  1.00 109.12 ? 18 G   A OP2   1 
ATOM   368  O  "O5'" . G   A 1 18 ? -1.338  -11.036 10.910  1.00 104.36 ? 18 G   A "O5'" 1 
ATOM   369  C  "C5'" . G   A 1 18 ? -1.342  -12.386 11.303  1.00 100.22 ? 18 G   A "C5'" 1 
ATOM   370  C  "C4'" . G   A 1 18 ? -2.487  -13.102 10.669  1.00 98.76  ? 18 G   A "C4'" 1 
ATOM   371  O  "O4'" . G   A 1 18 ? -3.726  -12.489 11.104  1.00 98.48  ? 18 G   A "O4'" 1 
ATOM   372  C  "C3'" . G   A 1 18 ? -2.542  -12.931 9.169   1.00 97.23  ? 18 G   A "C3'" 1 
ATOM   373  O  "O3'" . G   A 1 18 ? -1.650  -13.806 8.526   1.00 97.30  ? 18 G   A "O3'" 1 
ATOM   374  C  "C2'" . G   A 1 18 ? -4.003  -13.221 8.864   1.00 95.91  ? 18 G   A "C2'" 1 
ATOM   375  O  "O2'" . G   A 1 18 ? -4.339  -14.593 8.864   1.00 93.95  ? 18 G   A "O2'" 1 
ATOM   376  C  "C1'" . G   A 1 18 ? -4.678  -12.565 10.057  1.00 94.76  ? 18 G   A "C1'" 1 
ATOM   377  N  N9    . G   A 1 18 ? -5.105  -11.227 9.691   1.00 92.71  ? 18 G   A N9    1 
ATOM   378  C  C8    . G   A 1 18 ? -4.565  -10.024 10.070  1.00 91.67  ? 18 G   A C8    1 
ATOM   379  N  N7    . G   A 1 18 ? -5.188  -9.002  9.547   1.00 90.75  ? 18 G   A N7    1 
ATOM   380  C  C5    . G   A 1 18 ? -6.198  -9.572  8.781   1.00 90.24  ? 18 G   A C5    1 
ATOM   381  C  C6    . G   A 1 18 ? -7.206  -8.969  7.975   1.00 89.41  ? 18 G   A C6    1 
ATOM   382  O  O6    . G   A 1 18 ? -7.414  -7.765  7.774   1.00 87.88  ? 18 G   A O6    1 
ATOM   383  N  N1    . G   A 1 18 ? -8.020  -9.928  7.369   1.00 87.95  ? 18 G   A N1    1 
ATOM   384  C  C2    . G   A 1 18 ? -7.886  -11.289 7.514   1.00 87.72  ? 18 G   A C2    1 
ATOM   385  N  N2    . G   A 1 18 ? -8.761  -12.054 6.845   1.00 85.16  ? 18 G   A N2    1 
ATOM   386  N  N3    . G   A 1 18 ? -6.956  -11.858 8.259   1.00 89.33  ? 18 G   A N3    1 
ATOM   387  C  C4    . G   A 1 18 ? -6.155  -10.946 8.860   1.00 91.04  ? 18 G   A C4    1 
ATOM   388  P  P     . A   A 1 19 ? -0.996  -13.368 7.136   1.00 95.13  ? 19 A   A P     1 
ATOM   389  O  OP1   . A   A 1 19 ? 0.181   -14.245 6.926   1.00 96.38  ? 19 A   A OP1   1 
ATOM   390  O  OP2   . A   A 1 19 ? -0.832  -11.890 7.145   1.00 91.22  ? 19 A   A OP2   1 
ATOM   391  O  "O5'" . A   A 1 19 ? -2.110  -13.755 6.072   1.00 92.70  ? 19 A   A "O5'" 1 
ATOM   392  C  "C5'" . A   A 1 19 ? -2.776  -15.010 6.143   1.00 86.53  ? 19 A   A "C5'" 1 
ATOM   393  C  "C4'" . A   A 1 19 ? -4.085  -14.922 5.411   1.00 84.41  ? 19 A   A "C4'" 1 
ATOM   394  O  "O4'" . A   A 1 19 ? -4.951  -13.988 6.107   1.00 86.50  ? 19 A   A "O4'" 1 
ATOM   395  C  "C3'" . A   A 1 19 ? -3.965  -14.325 4.025   1.00 84.30  ? 19 A   A "C3'" 1 
ATOM   396  O  "O3'" . A   A 1 19 ? -3.572  -15.288 3.072   1.00 84.40  ? 19 A   A "O3'" 1 
ATOM   397  C  "C2'" . A   A 1 19 ? -5.363  -13.779 3.779   1.00 82.92  ? 19 A   A "C2'" 1 
ATOM   398  O  "O2'" . A   A 1 19 ? -6.284  -14.761 3.356   1.00 79.72  ? 19 A   A "O2'" 1 
ATOM   399  C  "C1'" . A   A 1 19 ? -5.723  -13.256 5.167   1.00 84.91  ? 19 A   A "C1'" 1 
ATOM   400  N  N9    . A   A 1 19 ? -5.414  -11.830 5.320   1.00 85.70  ? 19 A   A N9    1 
ATOM   401  C  C8    . A   A 1 19 ? -4.353  -11.231 5.963   1.00 84.07  ? 19 A   A C8    1 
ATOM   402  N  N7    . A   A 1 19 ? -4.383  -9.917  5.919   1.00 82.72  ? 19 A   A N7    1 
ATOM   403  C  C5    . A   A 1 19 ? -5.537  -9.635  5.201   1.00 85.00  ? 19 A   A C5    1 
ATOM   404  C  C6    . A   A 1 19 ? -6.139  -8.419  4.795   1.00 85.85  ? 19 A   A C6    1 
ATOM   405  N  N6    . A   A 1 19 ? -5.635  -7.209  5.073   1.00 85.17  ? 19 A   A N6    1 
ATOM   406  N  N1    . A   A 1 19 ? -7.286  -8.492  4.081   1.00 85.45  ? 19 A   A N1    1 
ATOM   407  C  C2    . A   A 1 19 ? -7.787  -9.705  3.795   1.00 85.73  ? 19 A   A C2    1 
ATOM   408  N  N3    . A   A 1 19 ? -7.318  -10.912 4.117   1.00 84.87  ? 19 A   A N3    1 
ATOM   409  C  C4    . A   A 1 19 ? -6.181  -10.806 4.823   1.00 85.14  ? 19 A   A C4    1 
ATOM   410  P  P     A G   A 1 20 ? -2.633  -14.847 1.850   0.50 85.64  ? 20 G   A P     1 
ATOM   411  P  P     B G   A 1 20 ? -2.689  -14.836 1.811   0.50 84.84  ? 20 G   A P     1 
ATOM   412  O  OP1   A G   A 1 20 ? -2.380  -16.054 1.023   0.50 83.48  ? 20 G   A OP1   1 
ATOM   413  O  OP1   B G   A 1 20 ? -2.545  -16.020 0.926   0.50 82.37  ? 20 G   A OP1   1 
ATOM   414  O  OP2   A G   A 1 20 ? -1.545  -14.195 2.401   0.50 84.61  ? 20 G   A OP2   1 
ATOM   415  O  OP2   B G   A 1 20 ? -1.476  -14.162 2.348   0.50 80.11  ? 20 G   A OP2   1 
ATOM   416  O  "O5'" A G   A 1 20 ? -3.553  -13.852 1.009   0.50 84.90  ? 20 G   A "O5'" 1 
ATOM   417  O  "O5'" B G   A 1 20 ? -3.615  -13.765 1.071   0.50 84.37  ? 20 G   A "O5'" 1 
ATOM   418  C  "C5'" A G   A 1 20 ? -4.902  -14.201 0.697   0.50 81.27  ? 20 G   A "C5'" 1 
ATOM   419  C  "C5'" B G   A 1 20 ? -4.980  -14.072 0.782   0.50 82.33  ? 20 G   A "C5'" 1 
ATOM   420  C  "C4'" A G   A 1 20 ? -5.613  -13.067 -0.017  0.50 80.88  ? 20 G   A "C4'" 1 
ATOM   421  C  "C4'" B G   A 1 20 ? -5.643  -12.968 -0.022  0.50 82.40  ? 20 G   A "C4'" 1 
ATOM   422  O  "O4'" A G   A 1 20 ? -5.729  -11.918 0.870   0.50 78.99  ? 20 G   A "O4'" 1 
ATOM   423  O  "O4'" B G   A 1 20 ? -5.789  -11.762 0.781   0.50 81.28  ? 20 G   A "O4'" 1 
ATOM   424  C  "C3'" A G   A 1 20 ? -4.832  -12.575 -1.229  0.50 79.82  ? 20 G   A "C3'" 1 
ATOM   425  C  "C3'" B G   A 1 20 ? -4.800  -12.567 -1.229  0.50 81.35  ? 20 G   A "C3'" 1 
ATOM   426  O  "O3'" A G   A 1 20 ? -5.543  -12.592 -2.468  0.50 79.65  ? 20 G   A "O3'" 1 
ATOM   427  O  "O3'" B G   A 1 20 ? -5.524  -12.597 -2.460  0.50 80.41  ? 20 G   A "O3'" 1 
ATOM   428  C  "C2'" A G   A 1 20 ? -4.092  -11.316 -0.788  0.50 78.59  ? 20 G   A "C2'" 1 
ATOM   429  C  "C2'" B G   A 1 20 ? -4.052  -11.295 -0.826  0.50 80.87  ? 20 G   A "C2'" 1 
ATOM   430  O  "O2'" A G   A 1 20 ? -4.132  -10.288 -1.756  0.50 82.91  ? 20 G   A "O2'" 1 
ATOM   431  O  "O2'" B G   A 1 20 ? -4.017  -10.325 -1.852  0.50 84.38  ? 20 G   A "O2'" 1 
ATOM   432  C  "C1'" A G   A 1 20 ? -4.925  -10.851 0.407   0.50 76.84  ? 20 G   A "C1'" 1 
ATOM   433  C  "C1'" B G   A 1 20 ? -4.969  -10.743 0.260   0.50 80.24  ? 20 G   A "C1'" 1 
ATOM   434  N  N9    A G   A 1 20 ? -4.164  -10.269 1.509   0.50 73.17  ? 20 G   A N9    1 
ATOM   435  N  N9    B G   A 1 20 ? -4.445  -9.882  1.318   0.50 78.23  ? 20 G   A N9    1 
ATOM   436  C  C8    A G   A 1 20 ? -3.211  -10.877 2.295   0.50 73.34  ? 20 G   A C8    1 
ATOM   437  C  C8    B G   A 1 20 ? -4.965  -8.657  1.670   0.50 76.81  ? 20 G   A C8    1 
ATOM   438  N  N7    A G   A 1 20 ? -2.656  -10.061 3.153   0.50 72.10  ? 20 G   A N7    1 
ATOM   439  N  N7    B G   A 1 20 ? -4.275  -8.050  2.595   0.50 77.17  ? 20 G   A N7    1 
ATOM   440  C  C5    A G   A 1 20 ? -3.290  -8.844  2.930   0.50 70.17  ? 20 G   A C5    1 
ATOM   441  C  C5    B G   A 1 20 ? -3.243  -8.932  2.889   0.50 77.44  ? 20 G   A C5    1 
ATOM   442  C  C6    A G   A 1 20 ? -3.102  -7.571  3.553   0.50 68.94  ? 20 G   A C6    1 
ATOM   443  C  C6    B G   A 1 20 ? -2.175  -8.812  3.817   0.50 77.04  ? 20 G   A C6    1 
ATOM   444  O  O6    A G   A 1 20 ? -2.304  -7.257  4.442   0.50 69.27  ? 20 G   A O6    1 
ATOM   445  O  O6    B G   A 1 20 ? -1.922  -7.870  4.578   0.50 77.09  ? 20 G   A O6    1 
ATOM   446  N  N1    A G   A 1 20 ? -3.964  -6.612  3.028   0.50 67.50  ? 20 G   A N1    1 
ATOM   447  N  N1    B G   A 1 20 ? -1.355  -9.935  3.801   0.50 77.24  ? 20 G   A N1    1 
ATOM   448  C  C2    A G   A 1 20 ? -4.883  -6.837  2.033   0.50 67.13  ? 20 G   A C2    1 
ATOM   449  C  C2    B G   A 1 20 ? -1.537  -11.032 2.996   0.50 77.95  ? 20 G   A C2    1 
ATOM   450  N  N2    A G   A 1 20 ? -5.622  -5.779  1.662   0.50 64.14  ? 20 G   A N2    1 
ATOM   451  N  N2    B G   A 1 20 ? -0.639  -12.012 3.130   0.50 77.33  ? 20 G   A N2    1 
ATOM   452  N  N3    A G   A 1 20 ? -5.065  -8.011  1.442   0.50 67.81  ? 20 G   A N3    1 
ATOM   453  N  N3    B G   A 1 20 ? -2.529  -11.157 2.123   0.50 78.41  ? 20 G   A N3    1 
ATOM   454  C  C4    A G   A 1 20 ? -4.238  -8.961  1.935   0.50 70.43  ? 20 G   A C4    1 
ATOM   455  C  C4    B G   A 1 20 ? -3.339  -10.077 2.120   0.50 78.37  ? 20 G   A C4    1 
ATOM   456  P  P     . A   A 1 21 ? -4.750  -12.455 -3.861  1.00 81.49  ? 21 A   A P     1 
ATOM   457  O  OP1   . A   A 1 21 ? -4.701  -13.790 -4.499  1.00 83.73  ? 21 A   A OP1   1 
ATOM   458  O  OP2   . A   A 1 21 ? -3.490  -11.700 -3.636  1.00 80.69  ? 21 A   A OP2   1 
ATOM   459  O  "O5'" . A   A 1 21 ? -5.736  -11.576 -4.746  1.00 79.07  ? 21 A   A "O5'" 1 
ATOM   460  C  "C5'" . A   A 1 21 ? -7.050  -12.045 -5.012  1.00 77.34  ? 21 A   A "C5'" 1 
ATOM   461  C  "C4'" . A   A 1 21 ? -7.979  -10.889 -5.293  1.00 78.86  ? 21 A   A "C4'" 1 
ATOM   462  O  "O4'" . A   A 1 21 ? -8.184  -10.116 -4.083  1.00 78.19  ? 21 A   A "O4'" 1 
ATOM   463  C  "C3'" . A   A 1 21 ? -7.433  -9.877  -6.279  1.00 77.65  ? 21 A   A "C3'" 1 
ATOM   464  O  "O3'" . A   A 1 21 ? -7.684  -10.304 -7.600  1.00 79.09  ? 21 A   A "O3'" 1 
ATOM   465  C  "C2'" . A   A 1 21 ? -8.222  -8.624  -5.934  1.00 76.92  ? 21 A   A "C2'" 1 
ATOM   466  O  "O2'" . A   A 1 21 ? -9.515  -8.651  -6.503  1.00 75.71  ? 21 A   A "O2'" 1 
ATOM   467  C  "C1'" . A   A 1 21 ? -8.327  -8.745  -4.416  1.00 76.70  ? 21 A   A "C1'" 1 
ATOM   468  N  N9    . A   A 1 21 ? -7.317  -7.991  -3.682  1.00 76.33  ? 21 A   A N9    1 
ATOM   469  C  C8    . A   A 1 21 ? -6.280  -8.486  -2.941  1.00 76.73  ? 21 A   A C8    1 
ATOM   470  N  N7    . A   A 1 21 ? -5.579  -7.563  -2.331  1.00 74.43  ? 21 A   A N7    1 
ATOM   471  C  C5    . A   A 1 21 ? -6.190  -6.381  -2.709  1.00 72.35  ? 21 A   A C5    1 
ATOM   472  C  C6    . A   A 1 21 ? -5.935  -5.043  -2.382  1.00 70.82  ? 21 A   A C6    1 
ATOM   473  N  N6    . A   A 1 21 ? -4.970  -4.659  -1.544  1.00 68.48  ? 21 A   A N6    1 
ATOM   474  N  N1    . A   A 1 21 ? -6.722  -4.101  -2.945  1.00 71.52  ? 21 A   A N1    1 
ATOM   475  C  C2    . A   A 1 21 ? -7.705  -4.494  -3.768  1.00 72.59  ? 21 A   A C2    1 
ATOM   476  N  N3    . A   A 1 21 ? -8.050  -5.720  -4.138  1.00 73.89  ? 21 A   A N3    1 
ATOM   477  C  C4    . A   A 1 21 ? -7.246  -6.627  -3.566  1.00 74.05  ? 21 A   A C4    1 
ATOM   478  P  P     . A   A 1 22 ? -6.462  -10.429 -8.622  1.00 80.28  ? 22 A   A P     1 
ATOM   479  O  OP1   . A   A 1 22 ? -6.938  -11.224 -9.773  1.00 84.63  ? 22 A   A OP1   1 
ATOM   480  O  OP2   . A   A 1 22 ? -5.270  -10.877 -7.850  1.00 83.50  ? 22 A   A OP2   1 
ATOM   481  O  "O5'" . A   A 1 22 ? -6.208  -8.932  -9.101  1.00 78.84  ? 22 A   A "O5'" 1 
ATOM   482  C  "C5'" . A   A 1 22 ? -7.254  -8.174  -9.700  1.00 69.94  ? 22 A   A "C5'" 1 
ATOM   483  C  "C4'" . A   A 1 22 ? -6.980  -6.694  -9.567  1.00 67.60  ? 22 A   A "C4'" 1 
ATOM   484  O  "O4'" . A   A 1 22 ? -7.145  -6.279  -8.187  1.00 66.87  ? 22 A   A "O4'" 1 
ATOM   485  C  "C3'" . A   A 1 22 ? -5.556  -6.287  -9.887  1.00 64.51  ? 22 A   A "C3'" 1 
ATOM   486  O  "O3'" . A   A 1 22 ? -5.369  -6.147  -11.277 1.00 65.19  ? 22 A   A "O3'" 1 
ATOM   487  C  "C2'" . A   A 1 22 ? -5.414  -4.970  -9.148  1.00 65.28  ? 22 A   A "C2'" 1 
ATOM   488  O  "O2'" . A   A 1 22 ? -6.003  -3.889  -9.833  1.00 64.97  ? 22 A   A "O2'" 1 
ATOM   489  C  "C1'" . A   A 1 22 ? -6.211  -5.261  -7.885  1.00 67.31  ? 22 A   A "C1'" 1 
ATOM   490  N  N9    . A   A 1 22 ? -5.345  -5.712  -6.804  1.00 69.06  ? 22 A   A N9    1 
ATOM   491  C  C8    . A   A 1 22 ? -5.075  -6.979  -6.351  1.00 70.54  ? 22 A   A C8    1 
ATOM   492  N  N7    . A   A 1 22 ? -4.224  -7.008  -5.353  1.00 70.88  ? 22 A   A N7    1 
ATOM   493  C  C5    . A   A 1 22 ? -3.922  -5.672  -5.139  1.00 70.47  ? 22 A   A C5    1 
ATOM   494  C  C6    . A   A 1 22 ? -3.088  -5.026  -4.221  1.00 71.42  ? 22 A   A C6    1 
ATOM   495  N  N6    . A   A 1 22 ? -2.360  -5.671  -3.309  1.00 74.19  ? 22 A   A N6    1 
ATOM   496  N  N1    . A   A 1 22 ? -3.024  -3.677  -4.270  1.00 70.68  ? 22 A   A N1    1 
ATOM   497  C  C2    . A   A 1 22 ? -3.750  -3.034  -5.190  1.00 69.13  ? 22 A   A C2    1 
ATOM   498  N  N3    . A   A 1 22 ? -4.565  -3.528  -6.107  1.00 69.01  ? 22 A   A N3    1 
ATOM   499  C  C4    . A   A 1 22 ? -4.608  -4.865  -6.024  1.00 69.53  ? 22 A   A C4    1 
ATOM   500  P  P     . G   A 1 23 ? -3.968  -6.580  -11.923 1.00 69.60  ? 23 G   A P     1 
ATOM   501  O  OP1   . G   A 1 23 ? -4.093  -6.509  -13.403 1.00 64.99  ? 23 G   A OP1   1 
ATOM   502  O  OP2   . G   A 1 23 ? -3.566  -7.862  -11.279 1.00 64.88  ? 23 G   A OP2   1 
ATOM   503  O  "O5'" . G   A 1 23 ? -2.978  -5.428  -11.450 1.00 60.42  ? 23 G   A "O5'" 1 
ATOM   504  C  "C5'" . G   A 1 23 ? -3.193  -4.088  -11.866 1.00 59.34  ? 23 G   A "C5'" 1 
ATOM   505  C  "C4'" . G   A 1 23 ? -2.367  -3.139  -11.039 1.00 59.40  ? 23 G   A "C4'" 1 
ATOM   506  O  "O4'" . G   A 1 23 ? -2.792  -3.244  -9.660  1.00 59.94  ? 23 G   A "O4'" 1 
ATOM   507  C  "C3'" . G   A 1 23 ? -0.875  -3.418  -10.982 1.00 60.00  ? 23 G   A "C3'" 1 
ATOM   508  O  "O3'" . G   A 1 23 ? -0.162  -2.888  -12.088 1.00 59.49  ? 23 G   A "O3'" 1 
ATOM   509  C  "C2'" . G   A 1 23 ? -0.478  -2.739  -9.685  1.00 60.44  ? 23 G   A "C2'" 1 
ATOM   510  O  "O2'" . G   A 1 23 ? -0.381  -1.334  -9.830  1.00 55.69  ? 23 G   A "O2'" 1 
ATOM   511  C  "C1'" . G   A 1 23 ? -1.672  -3.090  -8.806  1.00 61.23  ? 23 G   A "C1'" 1 
ATOM   512  N  N9    . G   A 1 23 ? -1.459  -4.344  -8.091  1.00 61.17  ? 23 G   A N9    1 
ATOM   513  C  C8    . G   A 1 23 ? -2.009  -5.572  -8.362  1.00 59.48  ? 23 G   A C8    1 
ATOM   514  N  N7    . G   A 1 23 ? -1.654  -6.494  -7.506  1.00 59.13  ? 23 G   A N7    1 
ATOM   515  C  C5    . G   A 1 23 ? -0.811  -5.834  -6.625  1.00 59.65  ? 23 G   A C5    1 
ATOM   516  C  C6    . G   A 1 23 ? -0.130  -6.307  -5.471  1.00 59.96  ? 23 G   A C6    1 
ATOM   517  O  O6    . G   A 1 23 ? -0.136  -7.451  -4.976  1.00 61.28  ? 23 G   A O6    1 
ATOM   518  N  N1    . G   A 1 23 ? 0.613   -5.291  -4.868  1.00 57.74  ? 23 G   A N1    1 
ATOM   519  C  C2    . G   A 1 23 ? 0.688   -3.987  -5.316  1.00 57.60  ? 23 G   A C2    1 
ATOM   520  N  N2    . G   A 1 23 ? 1.451   -3.133  -4.603  1.00 57.10  ? 23 G   A N2    1 
ATOM   521  N  N3    . G   A 1 23 ? 0.059   -3.545  -6.387  1.00 56.66  ? 23 G   A N3    1 
ATOM   522  C  C4    . G   A 1 23 ? -0.669  -4.511  -6.984  1.00 59.16  ? 23 G   A C4    1 
ATOM   523  P  P     . G   A 1 24 ? 1.220   -3.580  -12.537 1.00 67.28  ? 24 G   A P     1 
ATOM   524  O  OP1   . G   A 1 24 ? 1.604   -3.034  -13.859 1.00 66.38  ? 24 G   A OP1   1 
ATOM   525  O  OP2   . G   A 1 24 ? 1.042   -5.047  -12.365 1.00 63.59  ? 24 G   A OP2   1 
ATOM   526  O  "O5'" . G   A 1 24 ? 2.278   -3.049  -11.472 1.00 62.69  ? 24 G   A "O5'" 1 
ATOM   527  C  "C5'" . G   A 1 24 ? 2.624   -1.677  -11.456 1.00 61.11  ? 24 G   A "C5'" 1 
ATOM   528  C  "C4'" . G   A 1 24 ? 3.529   -1.370  -10.301 1.00 59.72  ? 24 G   A "C4'" 1 
ATOM   529  O  "O4'" . G   A 1 24 ? 2.816   -1.671  -9.080  1.00 62.01  ? 24 G   A "O4'" 1 
ATOM   530  C  "C3'" . G   A 1 24 ? 4.801   -2.196  -10.195 1.00 63.31  ? 24 G   A "C3'" 1 
ATOM   531  O  "O3'" . G   A 1 24 ? 5.847   -1.698  -11.014 1.00 65.31  ? 24 G   A "O3'" 1 
ATOM   532  C  "C2'" . G   A 1 24 ? 5.117   -2.053  -8.718  1.00 63.65  ? 24 G   A "C2'" 1 
ATOM   533  O  "O2'" . G   A 1 24 ? 5.630   -0.777  -8.391  1.00 65.58  ? 24 G   A "O2'" 1 
ATOM   534  C  "C1'" . G   A 1 24 ? 3.724   -2.165  -8.119  1.00 61.81  ? 24 G   A "C1'" 1 
ATOM   535  N  N9    . G   A 1 24 ? 3.443   -3.570  -7.863  1.00 60.02  ? 24 G   A N9    1 
ATOM   536  C  C8    . G   A 1 24 ? 2.696   -4.446  -8.613  1.00 58.65  ? 24 G   A C8    1 
ATOM   537  N  N7    . G   A 1 24 ? 2.636   -5.641  -8.087  1.00 59.15  ? 24 G   A N7    1 
ATOM   538  C  C5    . G   A 1 24 ? 3.391   -5.542  -6.924  1.00 57.89  ? 24 G   A C5    1 
ATOM   539  C  C6    . G   A 1 24 ? 3.680   -6.507  -5.917  1.00 58.08  ? 24 G   A C6    1 
ATOM   540  O  O6    . G   A 1 24 ? 3.289   -7.670  -5.833  1.00 61.86  ? 24 G   A O6    1 
ATOM   541  N  N1    . G   A 1 24 ? 4.506   -5.985  -4.927  1.00 57.68  ? 24 G   A N1    1 
ATOM   542  C  C2    . G   A 1 24 ? 4.979   -4.697  -4.892  1.00 58.78  ? 24 G   A C2    1 
ATOM   543  N  N2    . G   A 1 24 ? 5.781   -4.374  -3.855  1.00 59.03  ? 24 G   A N2    1 
ATOM   544  N  N3    . G   A 1 24 ? 4.694   -3.786  -5.805  1.00 58.40  ? 24 G   A N3    1 
ATOM   545  C  C4    . G   A 1 24 ? 3.904   -4.276  -6.784  1.00 58.39  ? 24 G   A C4    1 
ATOM   546  P  P     . G   A 1 25 ? 7.028   -2.681  -11.493 1.00 65.97  ? 25 G   A P     1 
ATOM   547  O  OP1   . G   A 1 25 ? 7.946   -1.854  -12.311 1.00 67.95  ? 25 G   A OP1   1 
ATOM   548  O  OP2   . G   A 1 25 ? 6.428   -3.916  -12.076 1.00 59.89  ? 25 G   A OP2   1 
ATOM   549  O  "O5'" . G   A 1 25 ? 7.804   -3.042  -10.151 1.00 63.64  ? 25 G   A "O5'" 1 
ATOM   550  C  "C5'" . G   A 1 25 ? 8.383   -2.013  -9.358  1.00 62.85  ? 25 G   A "C5'" 1 
ATOM   551  C  "C4'" . G   A 1 25 ? 9.023   -2.607  -8.133  1.00 68.14  ? 25 G   A "C4'" 1 
ATOM   552  O  "O4'" . G   A 1 25 ? 8.008   -3.210  -7.291  1.00 68.49  ? 25 G   A "O4'" 1 
ATOM   553  C  "C3'" . G   A 1 25 ? 9.970   -3.749  -8.423  1.00 67.44  ? 25 G   A "C3'" 1 
ATOM   554  O  "O3'" . G   A 1 25 ? 11.240  -3.246  -8.785  1.00 76.19  ? 25 G   A "O3'" 1 
ATOM   555  C  "C2'" . G   A 1 25 ? 9.985   -4.501  -7.102  1.00 66.47  ? 25 G   A "C2'" 1 
ATOM   556  O  "O2'" . G   A 1 25 ? 10.807  -3.882  -6.131  1.00 70.68  ? 25 G   A "O2'" 1 
ATOM   557  C  "C1'" . G   A 1 25 ? 8.523   -4.383  -6.685  1.00 62.79  ? 25 G   A "C1'" 1 
ATOM   558  N  N9    . G   A 1 25 ? 7.716   -5.522  -7.118  1.00 58.74  ? 25 G   A N9    1 
ATOM   559  C  C8    . G   A 1 25 ? 6.900   -5.609  -8.221  1.00 58.48  ? 25 G   A C8    1 
ATOM   560  N  N7    . G   A 1 25 ? 6.289   -6.762  -8.316  1.00 55.86  ? 25 G   A N7    1 
ATOM   561  C  C5    . G   A 1 25 ? 6.739   -7.479  -7.214  1.00 56.04  ? 25 G   A C5    1 
ATOM   562  C  C6    . G   A 1 25 ? 6.423   -8.792  -6.778  1.00 57.61  ? 25 G   A C6    1 
ATOM   563  O  O6    . G   A 1 25 ? 5.678   -9.629  -7.314  1.00 62.86  ? 25 G   A O6    1 
ATOM   564  N  N1    . G   A 1 25 ? 7.083   -9.106  -5.597  1.00 55.09  ? 25 G   A N1    1 
ATOM   565  C  C2    . G   A 1 25 ? 7.947   -8.270  -4.933  1.00 54.49  ? 25 G   A C2    1 
ATOM   566  N  N2    . G   A 1 25 ? 8.484   -8.741  -3.793  1.00 51.35  ? 25 G   A N2    1 
ATOM   567  N  N3    . G   A 1 25 ? 8.262   -7.058  -5.343  1.00 55.53  ? 25 G   A N3    1 
ATOM   568  C  C4    . G   A 1 25 ? 7.622   -6.728  -6.473  1.00 56.17  ? 25 G   A C4    1 
ATOM   569  P  P     . G   B 2 1  ? 18.673  -5.493  -3.160  1.00 77.98  ? 27 G   C P     1 
ATOM   570  O  OP1   . G   B 2 1  ? 17.190  -5.609  -3.090  1.00 75.93  ? 27 G   C OP1   1 
ATOM   571  O  OP2   . G   B 2 1  ? 19.292  -4.155  -3.336  1.00 79.24  ? 27 G   C OP2   1 
ATOM   572  O  "O5'" . G   B 2 1  ? 19.305  -6.140  -1.844  1.00 78.52  ? 27 G   C "O5'" 1 
ATOM   573  C  "C5'" . G   B 2 1  ? 19.248  -7.545  -1.599  1.00 72.10  ? 27 G   C "C5'" 1 
ATOM   574  C  "C4'" . G   B 2 1  ? 19.739  -7.844  -0.208  1.00 67.11  ? 27 G   C "C4'" 1 
ATOM   575  O  "O4'" . G   B 2 1  ? 21.161  -7.603  -0.149  1.00 70.72  ? 27 G   C "O4'" 1 
ATOM   576  C  "C3'" . G   B 2 1  ? 19.169  -6.952  0.878   1.00 65.29  ? 27 G   C "C3'" 1 
ATOM   577  O  "O3'" . G   B 2 1  ? 17.944  -7.470  1.354   1.00 64.59  ? 27 G   C "O3'" 1 
ATOM   578  C  "C2'" . G   B 2 1  ? 20.234  -7.032  1.957   1.00 66.97  ? 27 G   C "C2'" 1 
ATOM   579  O  "O2'" . G   B 2 1  ? 20.170  -8.199  2.748   1.00 70.67  ? 27 G   C "O2'" 1 
ATOM   580  C  "C1'" . G   B 2 1  ? 21.500  -7.077  1.116   1.00 67.68  ? 27 G   C "C1'" 1 
ATOM   581  N  N9    . G   B 2 1  ? 22.066  -5.752  0.933   1.00 66.49  ? 27 G   C N9    1 
ATOM   582  C  C8    . G   B 2 1  ? 22.023  -4.964  -0.187  1.00 66.21  ? 27 G   C C8    1 
ATOM   583  N  N7    . G   B 2 1  ? 22.652  -3.832  -0.040  1.00 67.68  ? 27 G   C N7    1 
ATOM   584  C  C5    . G   B 2 1  ? 23.134  -3.881  1.261   1.00 67.85  ? 27 G   C C5    1 
ATOM   585  C  C6    . G   B 2 1  ? 23.900  -2.948  1.990   1.00 67.57  ? 27 G   C C6    1 
ATOM   586  O  O6    . G   B 2 1  ? 24.320  -1.851  1.620   1.00 67.71  ? 27 G   C O6    1 
ATOM   587  N  N1    . G   B 2 1  ? 24.170  -3.400  3.281   1.00 67.67  ? 27 G   C N1    1 
ATOM   588  C  C2    . G   B 2 1  ? 23.748  -4.597  3.805   1.00 67.48  ? 27 G   C C2    1 
ATOM   589  N  N2    . G   B 2 1  ? 24.102  -4.865  5.076   1.00 68.69  ? 27 G   C N2    1 
ATOM   590  N  N3    . G   B 2 1  ? 23.028  -5.472  3.134   1.00 68.82  ? 27 G   C N3    1 
ATOM   591  C  C4    . G   B 2 1  ? 22.766  -5.054  1.875   1.00 67.47  ? 27 G   C C4    1 
ATOM   592  P  P     . G   B 2 2  ? 16.885  -6.488  2.050   1.00 67.35  ? 28 G   C P     1 
ATOM   593  O  OP1   . G   B 2 2  ? 15.600  -7.212  2.131   1.00 71.61  ? 28 G   C OP1   1 
ATOM   594  O  OP2   . G   B 2 2  ? 16.957  -5.166  1.376   1.00 63.90  ? 28 G   C OP2   1 
ATOM   595  O  "O5'" . G   B 2 2  ? 17.412  -6.320  3.535   1.00 66.94  ? 28 G   C "O5'" 1 
ATOM   596  C  "C5'" . G   B 2 2  ? 17.375  -7.402  4.446   1.00 62.95  ? 28 G   C "C5'" 1 
ATOM   597  C  "C4'" . G   B 2 2  ? 17.985  -6.961  5.732   1.00 66.63  ? 28 G   C "C4'" 1 
ATOM   598  O  "O4'" . G   B 2 2  ? 19.390  -6.700  5.514   1.00 67.30  ? 28 G   C "O4'" 1 
ATOM   599  C  "C3'" . G   B 2 2  ? 17.440  -5.642  6.214   1.00 64.35  ? 28 G   C "C3'" 1 
ATOM   600  O  "O3'" . G   B 2 2  ? 16.260  -5.803  6.943   1.00 65.98  ? 28 G   C "O3'" 1 
ATOM   601  C  "C2'" . G   B 2 2  ? 18.563  -5.132  7.087   1.00 65.66  ? 28 G   C "C2'" 1 
ATOM   602  O  "O2'" . G   B 2 2  ? 18.543  -5.766  8.351   1.00 61.41  ? 28 G   C "O2'" 1 
ATOM   603  C  "C1'" . G   B 2 2  ? 19.777  -5.560  6.263   1.00 68.71  ? 28 G   C "C1'" 1 
ATOM   604  N  N9    . G   B 2 2  ? 20.132  -4.517  5.305   1.00 72.52  ? 28 G   C N9    1 
ATOM   605  C  C8    . G   B 2 2  ? 19.742  -4.443  3.989   1.00 71.46  ? 28 G   C C8    1 
ATOM   606  N  N7    . G   B 2 2  ? 20.236  -3.410  3.365   1.00 72.25  ? 28 G   C N7    1 
ATOM   607  C  C5    . G   B 2 2  ? 20.992  -2.754  4.328   1.00 72.87  ? 28 G   C C5    1 
ATOM   608  C  C6    . G   B 2 2  ? 21.783  -1.562  4.239   1.00 72.89  ? 28 G   C C6    1 
ATOM   609  O  O6    . G   B 2 2  ? 21.984  -0.834  3.251   1.00 69.35  ? 28 G   C O6    1 
ATOM   610  N  N1    . G   B 2 2  ? 22.375  -1.253  5.460   1.00 73.38  ? 28 G   C N1    1 
ATOM   611  C  C2    . G   B 2 2  ? 22.231  -1.984  6.619   1.00 73.46  ? 28 G   C C2    1 
ATOM   612  N  N2    . G   B 2 2  ? 22.864  -1.513  7.703   1.00 76.60  ? 28 G   C N2    1 
ATOM   613  N  N3    . G   B 2 2  ? 21.515  -3.096  6.710   1.00 73.63  ? 28 G   C N3    1 
ATOM   614  C  C4    . G   B 2 2  ? 20.928  -3.419  5.536   1.00 73.60  ? 28 G   C C4    1 
ATOM   615  P  P     . C   B 2 3  ? 15.198  -4.618  6.943   1.00 65.21  ? 29 C   C P     1 
ATOM   616  O  OP1   . C   B 2 3  ? 14.025  -5.138  7.671   1.00 70.27  ? 29 C   C OP1   1 
ATOM   617  O  OP2   . C   B 2 3  ? 15.064  -4.129  5.551   1.00 69.43  ? 29 C   C OP2   1 
ATOM   618  O  "O5'" . C   B 2 3  ? 15.893  -3.478  7.806   1.00 69.18  ? 29 C   C "O5'" 1 
ATOM   619  C  "C5'" . C   B 2 3  ? 16.106  -3.668  9.194   1.00 69.37  ? 29 C   C "C5'" 1 
ATOM   620  C  "C4'" . C   B 2 3  ? 16.889  -2.518  9.757   1.00 69.67  ? 29 C   C "C4'" 1 
ATOM   621  O  "O4'" . C   B 2 3  ? 18.178  -2.482  9.098   1.00 69.13  ? 29 C   C "O4'" 1 
ATOM   622  C  "C3'" . C   B 2 3  ? 16.313  -1.146  9.462   1.00 67.60  ? 29 C   C "C3'" 1 
ATOM   623  O  "O3'" . C   B 2 3  ? 15.278  -0.746  10.330  1.00 71.17  ? 29 C   C "O3'" 1 
ATOM   624  C  "C2'" . C   B 2 3  ? 17.532  -0.259  9.597   1.00 67.58  ? 29 C   C "C2'" 1 
ATOM   625  O  "O2'" . C   B 2 3  ? 17.881  -0.027  10.946  1.00 63.47  ? 29 C   C "O2'" 1 
ATOM   626  C  "C1'" . C   B 2 3  ? 18.586  -1.138  8.938   1.00 67.55  ? 29 C   C "C1'" 1 
ATOM   627  N  N1    . C   B 2 3  ? 18.636  -0.831  7.509   1.00 66.41  ? 29 C   C N1    1 
ATOM   628  C  C2    . C   B 2 3  ? 19.426  0.238   7.109   1.00 66.78  ? 29 C   C C2    1 
ATOM   629  O  O2    . C   B 2 3  ? 20.057  0.860   7.976   1.00 66.40  ? 29 C   C O2    1 
ATOM   630  N  N3    . C   B 2 3  ? 19.487  0.571   5.804   1.00 66.00  ? 29 C   C N3    1 
ATOM   631  C  C4    . C   B 2 3  ? 18.792  -0.128  4.911   1.00 64.41  ? 29 C   C C4    1 
ATOM   632  N  N4    . C   B 2 3  ? 18.884  0.235   3.631   1.00 60.27  ? 29 C   C N4    1 
ATOM   633  C  C5    . C   B 2 3  ? 17.971  -1.236  5.292   1.00 65.39  ? 29 C   C C5    1 
ATOM   634  C  C6    . C   B 2 3  ? 17.924  -1.551  6.591   1.00 63.98  ? 29 C   C C6    1 
ATOM   635  P  P     . A   B 2 4  ? 14.200  0.317   9.802   1.00 74.60  ? 30 A   C P     1 
ATOM   636  O  OP1   . A   B 2 4  ? 13.167  0.500   10.854  1.00 75.01  ? 30 A   C OP1   1 
ATOM   637  O  OP2   . A   B 2 4  ? 13.801  -0.102  8.437   1.00 67.77  ? 30 A   C OP2   1 
ATOM   638  O  "O5'" . A   B 2 4  ? 15.028  1.667   9.643   1.00 74.73  ? 30 A   C "O5'" 1 
ATOM   639  C  "C5'" . A   B 2 4  ? 15.515  2.337   10.785  1.00 73.33  ? 30 A   C "C5'" 1 
ATOM   640  C  "C4'" . A   B 2 4  ? 16.201  3.612   10.390  1.00 71.41  ? 30 A   C "C4'" 1 
ATOM   641  O  "O4'" . A   B 2 4  ? 17.364  3.291   9.593   1.00 70.71  ? 30 A   C "O4'" 1 
ATOM   642  C  "C3'" . A   B 2 4  ? 15.393  4.503   9.473   1.00 74.57  ? 30 A   C "C3'" 1 
ATOM   643  O  "O3'" . A   B 2 4  ? 14.485  5.305   10.186  1.00 76.20  ? 30 A   C "O3'" 1 
ATOM   644  C  "C2'" . A   B 2 4  ? 16.471  5.335   8.808   1.00 75.10  ? 30 A   C "C2'" 1 
ATOM   645  O  "O2'" . A   B 2 4  ? 16.980  6.343   9.647   1.00 80.98  ? 30 A   C "O2'" 1 
ATOM   646  C  "C1'" . A   B 2 4  ? 17.554  4.289   8.614   1.00 73.15  ? 30 A   C "C1'" 1 
ATOM   647  N  N9    . A   B 2 4  ? 17.366  3.692   7.311   1.00 71.04  ? 30 A   C N9    1 
ATOM   648  C  C8    . A   B 2 4  ? 16.774  2.511   6.974   1.00 69.45  ? 30 A   C C8    1 
ATOM   649  N  N7    . A   B 2 4  ? 16.773  2.276   5.684   1.00 69.18  ? 30 A   C N7    1 
ATOM   650  C  C5    . A   B 2 4  ? 17.412  3.384   5.146   1.00 67.70  ? 30 A   C C5    1 
ATOM   651  C  C6    . A   B 2 4  ? 17.736  3.745   3.838   1.00 66.39  ? 30 A   C C6    1 
ATOM   652  N  N6    . A   B 2 4  ? 17.459  2.992   2.780   1.00 66.51  ? 30 A   C N6    1 
ATOM   653  N  N1    . A   B 2 4  ? 18.367  4.923   3.647   1.00 65.69  ? 30 A   C N1    1 
ATOM   654  C  C2    . A   B 2 4  ? 18.648  5.678   4.712   1.00 67.39  ? 30 A   C C2    1 
ATOM   655  N  N3    . A   B 2 4  ? 18.398  5.444   5.992   1.00 69.58  ? 30 A   C N3    1 
ATOM   656  C  C4    . A   B 2 4  ? 17.773  4.265   6.139   1.00 69.43  ? 30 A   C C4    1 
ATOM   657  P  P     . G   B 2 5  ? 13.178  5.856   9.440   1.00 81.26  ? 31 G   C P     1 
ATOM   658  O  OP1   . G   B 2 5  ? 12.363  6.517   10.493  1.00 74.06  ? 31 G   C OP1   1 
ATOM   659  O  OP2   . G   B 2 5  ? 12.591  4.757   8.632   1.00 79.05  ? 31 G   C OP2   1 
ATOM   660  O  "O5'" . G   B 2 5  ? 13.752  6.944   8.425   1.00 78.37  ? 31 G   C "O5'" 1 
ATOM   661  C  "C5'" . G   B 2 5  ? 14.420  8.085   8.932   1.00 72.29  ? 31 G   C "C5'" 1 
ATOM   662  C  "C4'" . G   B 2 5  ? 14.958  8.952   7.823   1.00 72.85  ? 31 G   C "C4'" 1 
ATOM   663  O  "O4'" . G   B 2 5  ? 15.952  8.204   7.076   1.00 71.34  ? 31 G   C "O4'" 1 
ATOM   664  C  "C3'" . G   B 2 5  ? 13.951  9.362   6.759   1.00 75.78  ? 31 G   C "C3'" 1 
ATOM   665  O  "O3'" . G   B 2 5  ? 13.162  10.481  7.158   1.00 81.89  ? 31 G   C "O3'" 1 
ATOM   666  C  "C2'" . G   B 2 5  ? 14.857  9.690   5.580   1.00 74.75  ? 31 G   C "C2'" 1 
ATOM   667  O  "O2'" . G   B 2 5  ? 15.472  10.957  5.625   1.00 76.59  ? 31 G   C "O2'" 1 
ATOM   668  C  "C1'" . G   B 2 5  ? 15.942  8.634   5.733   1.00 70.42  ? 31 G   C "C1'" 1 
ATOM   669  N  N9    . G   B 2 5  ? 15.666  7.514   4.860   1.00 68.08  ? 31 G   C N9    1 
ATOM   670  C  C8    . G   B 2 5  ? 15.168  6.280   5.182   1.00 68.20  ? 31 G   C C8    1 
ATOM   671  N  N7    . G   B 2 5  ? 15.011  5.510   4.139   1.00 67.42  ? 31 G   C N7    1 
ATOM   672  C  C5    . G   B 2 5  ? 15.448  6.292   3.073   1.00 65.51  ? 31 G   C C5    1 
ATOM   673  C  C6    . G   B 2 5  ? 15.524  6.007   1.683   1.00 65.14  ? 31 G   C C6    1 
ATOM   674  O  O6    . G   B 2 5  ? 15.224  4.962   1.091   1.00 65.63  ? 31 G   C O6    1 
ATOM   675  N  N1    . G   B 2 5  ? 16.008  7.099   0.963   1.00 65.98  ? 31 G   C N1    1 
ATOM   676  C  C2    . G   B 2 5  ? 16.375  8.307   1.511   1.00 66.54  ? 31 G   C C2    1 
ATOM   677  N  N2    . G   B 2 5  ? 16.801  9.260   0.657   1.00 65.47  ? 31 G   C N2    1 
ATOM   678  N  N3    . G   B 2 5  ? 16.323  8.570   2.801   1.00 66.26  ? 31 G   C N3    1 
ATOM   679  C  C4    . G   B 2 5  ? 15.851  7.527   3.513   1.00 66.30  ? 31 G   C C4    1 
ATOM   680  P  P     . A   B 2 6  ? 11.661  10.655  6.586   1.00 87.69  ? 32 A   C P     1 
ATOM   681  O  OP1   . A   B 2 6  ? 11.088  11.914  7.131   1.00 86.65  ? 32 A   C OP1   1 
ATOM   682  O  OP2   . A   B 2 6  ? 10.937  9.379   6.785   1.00 86.91  ? 32 A   C OP2   1 
ATOM   683  O  "O5'" . A   B 2 6  ? 11.864  10.870  5.023   1.00 79.53  ? 32 A   C "O5'" 1 
ATOM   684  C  "C5'" . A   B 2 6  ? 12.478  12.055  4.556   1.00 70.79  ? 32 A   C "C5'" 1 
ATOM   685  C  "C4'" . A   B 2 6  ? 12.709  11.980  3.079   1.00 69.47  ? 32 A   C "C4'" 1 
ATOM   686  O  "O4'" . A   B 2 6  ? 13.628  10.900  2.802   1.00 67.16  ? 32 A   C "O4'" 1 
ATOM   687  C  "C3'" . A   B 2 6  ? 11.483  11.641  2.259   1.00 69.73  ? 32 A   C "C3'" 1 
ATOM   688  O  "O3'" . A   B 2 6  ? 10.692  12.789  2.001   1.00 73.76  ? 32 A   C "O3'" 1 
ATOM   689  C  "C2'" . A   B 2 6  ? 12.100  11.061  0.996   1.00 68.45  ? 32 A   C "C2'" 1 
ATOM   690  O  "O2'" . A   B 2 6  ? 12.563  12.018  0.071   1.00 70.88  ? 32 A   C "O2'" 1 
ATOM   691  C  "C1'" . A   B 2 6  ? 13.282  10.291  1.574   1.00 67.40  ? 32 A   C "C1'" 1 
ATOM   692  N  N9    . A   B 2 6  ? 12.888  8.911   1.828   1.00 66.28  ? 32 A   C N9    1 
ATOM   693  C  C8    . A   B 2 6  ? 12.564  8.289   3.008   1.00 64.34  ? 32 A   C C8    1 
ATOM   694  N  N7    . A   B 2 6  ? 12.234  7.026   2.862   1.00 61.26  ? 32 A   C N7    1 
ATOM   695  C  C5    . A   B 2 6  ? 12.356  6.805   1.496   1.00 60.84  ? 32 A   C C5    1 
ATOM   696  C  C6    . A   B 2 6  ? 12.157  5.669   0.696   1.00 62.59  ? 32 A   C C6    1 
ATOM   697  N  N6    . A   B 2 6  ? 11.777  4.482   1.181   1.00 60.79  ? 32 A   C N6    1 
ATOM   698  N  N1    . A   B 2 6  ? 12.365  5.793   -0.639  1.00 64.38  ? 32 A   C N1    1 
ATOM   699  C  C2    . A   B 2 6  ? 12.747  6.986   -1.120  1.00 63.39  ? 32 A   C C2    1 
ATOM   700  N  N3    . A   B 2 6  ? 12.970  8.124   -0.469  1.00 63.18  ? 32 A   C N3    1 
ATOM   701  C  C4    . A   B 2 6  ? 12.755  7.960   0.849   1.00 62.67  ? 32 A   C C4    1 
ATOM   702  P  P     . G   B 2 7  ? 9.103   12.635  1.840   1.00 78.71  ? 33 G   C P     1 
ATOM   703  O  OP1   . G   B 2 7  ? 8.550   13.977  1.541   1.00 77.54  ? 33 G   C OP1   1 
ATOM   704  O  OP2   . G   B 2 7  ? 8.611   11.878  3.028   1.00 76.13  ? 33 G   C OP2   1 
ATOM   705  O  "O5'" . G   B 2 7  ? 8.943   11.759  0.521   1.00 74.49  ? 33 G   C "O5'" 1 
ATOM   706  C  "C5'" . G   B 2 7  ? 9.436   12.229  -0.724  1.00 74.08  ? 33 G   C "C5'" 1 
ATOM   707  C  "C4'" . G   B 2 7  ? 9.363   11.133  -1.756  1.00 77.22  ? 33 G   C "C4'" 1 
ATOM   708  O  "O4'" . G   B 2 7  ? 10.212  10.031  -1.342  1.00 75.08  ? 33 G   C "O4'" 1 
ATOM   709  C  "C3'" . G   B 2 7  ? 7.998   10.491  -1.935  1.00 75.94  ? 33 G   C "C3'" 1 
ATOM   710  O  "O3'" . G   B 2 7  ? 7.182   11.231  -2.820  1.00 77.93  ? 33 G   C "O3'" 1 
ATOM   711  C  "C2'" . G   B 2 7  ? 8.360   9.135   -2.519  1.00 75.87  ? 33 G   C "C2'" 1 
ATOM   712  O  "O2'" . G   B 2 7  ? 8.706   9.219   -3.888  1.00 77.66  ? 33 G   C "O2'" 1 
ATOM   713  C  "C1'" . G   B 2 7  ? 9.614   8.802   -1.718  1.00 73.45  ? 33 G   C "C1'" 1 
ATOM   714  N  N9    . G   B 2 7  ? 9.308   8.018   -0.519  1.00 69.64  ? 33 G   C N9    1 
ATOM   715  C  C8    . G   B 2 7  ? 9.123   8.463   0.773   1.00 66.99  ? 33 G   C C8    1 
ATOM   716  N  N7    . G   B 2 7  ? 8.872   7.497   1.619   1.00 65.17  ? 33 G   C N7    1 
ATOM   717  C  C5    . G   B 2 7  ? 8.891   6.344   0.839   1.00 65.31  ? 33 G   C C5    1 
ATOM   718  C  C6    . G   B 2 7  ? 8.688   4.977   1.193   1.00 64.97  ? 33 G   C C6    1 
ATOM   719  O  O6    . G   B 2 7  ? 8.441   4.492   2.306   1.00 68.95  ? 33 G   C O6    1 
ATOM   720  N  N1    . G   B 2 7  ? 8.789   4.142   0.085   1.00 62.81  ? 33 G   C N1    1 
ATOM   721  C  C2    . G   B 2 7  ? 9.044   4.551   -1.194  1.00 62.17  ? 33 G   C C2    1 
ATOM   722  N  N2    . G   B 2 7  ? 9.089   3.578   -2.124  1.00 60.64  ? 33 G   C N2    1 
ATOM   723  N  N3    . G   B 2 7  ? 9.237   5.815   -1.540  1.00 63.41  ? 33 G   C N3    1 
ATOM   724  C  C4    . G   B 2 7  ? 9.149   6.650   -0.482  1.00 65.73  ? 33 G   C C4    1 
ATOM   725  P  P     . A   B 2 8  ? 5.686   11.604  -2.385  1.00 81.16  ? 34 A   C P     1 
ATOM   726  O  OP1   . A   B 2 8  ? 5.755   12.891  -1.646  1.00 77.91  ? 34 A   C OP1   1 
ATOM   727  O  OP2   . A   B 2 8  ? 5.065   10.418  -1.733  1.00 81.92  ? 34 A   C OP2   1 
ATOM   728  O  "O5'" . A   B 2 8  ? 4.973   11.865  -3.783  1.00 76.27  ? 34 A   C "O5'" 1 
ATOM   729  C  "C5'" . A   B 2 8  ? 4.290   10.826  -4.472  1.00 70.65  ? 34 A   C "C5'" 1 
ATOM   730  C  "C4'" . A   B 2 8  ? 5.022   10.490  -5.742  1.00 70.69  ? 34 A   C "C4'" 1 
ATOM   731  O  "O4'" . A   B 2 8  ? 6.186   9.690   -5.423  1.00 68.67  ? 34 A   C "O4'" 1 
ATOM   732  C  "C3'" . A   B 2 8  ? 4.242   9.623   -6.703  1.00 72.51  ? 34 A   C "C3'" 1 
ATOM   733  O  "O3'" . A   B 2 8  ? 3.426   10.444  -7.506  1.00 73.99  ? 34 A   C "O3'" 1 
ATOM   734  C  "C2'" . A   B 2 8  ? 5.335   8.950   -7.517  1.00 72.98  ? 34 A   C "C2'" 1 
ATOM   735  O  "O2'" . A   B 2 8  ? 5.844   9.738   -8.568  1.00 71.80  ? 34 A   C "O2'" 1 
ATOM   736  C  "C1'" . A   B 2 8  ? 6.401   8.730   -6.446  1.00 72.54  ? 34 A   C "C1'" 1 
ATOM   737  N  N9    . A   B 2 8  ? 6.268   7.398   -5.866  1.00 71.29  ? 34 A   C N9    1 
ATOM   738  C  C8    . A   B 2 8  ? 5.916   7.052   -4.588  1.00 71.83  ? 34 A   C C8    1 
ATOM   739  N  N7    . A   B 2 8  ? 5.855   5.761   -4.392  1.00 70.63  ? 34 A   C N7    1 
ATOM   740  C  C5    . A   B 2 8  ? 6.193   5.221   -5.625  1.00 69.75  ? 34 A   C C5    1 
ATOM   741  C  C6    . A   B 2 8  ? 6.297   3.900   -6.078  1.00 69.14  ? 34 A   C C6    1 
ATOM   742  N  N6    . A   B 2 8  ? 6.052   2.841   -5.310  1.00 69.46  ? 34 A   C N6    1 
ATOM   743  N  N1    . A   B 2 8  ? 6.663   3.700   -7.365  1.00 68.05  ? 34 A   C N1    1 
ATOM   744  C  C2    . A   B 2 8  ? 6.901   4.771   -8.134  1.00 68.03  ? 34 A   C C2    1 
ATOM   745  N  N3    . A   B 2 8  ? 6.826   6.061   -7.823  1.00 67.67  ? 34 A   C N3    1 
ATOM   746  C  C4    . A   B 2 8  ? 6.461   6.218   -6.537  1.00 69.24  ? 34 A   C C4    1 
ATOM   747  P  P     . A   B 2 9  ? 1.945   9.964   -7.857  1.00 78.75  ? 35 A   C P     1 
ATOM   748  O  OP1   . A   B 2 9  ? 1.289   11.045  -8.620  1.00 78.64  ? 35 A   C OP1   1 
ATOM   749  O  OP2   . A   B 2 9  ? 1.318   9.453   -6.607  1.00 74.18  ? 35 A   C OP2   1 
ATOM   750  O  "O5'" . A   B 2 9  ? 2.206   8.767   -8.859  1.00 71.62  ? 35 A   C "O5'" 1 
ATOM   751  C  "C5'" . A   B 2 9  ? 3.052   8.946   -9.976  1.00 69.06  ? 35 A   C "C5'" 1 
ATOM   752  C  "C4'" . A   B 2 9  ? 3.341   7.613   -10.589 1.00 73.07  ? 35 A   C "C4'" 1 
ATOM   753  O  "O4'" . A   B 2 9  ? 4.209   6.879   -9.695  1.00 78.13  ? 35 A   C "O4'" 1 
ATOM   754  C  "C3'" . A   B 2 9  ? 2.120   6.718   -10.742 1.00 73.16  ? 35 A   C "C3'" 1 
ATOM   755  O  "O3'" . A   B 2 9  ? 1.394   6.977   -11.939 1.00 73.72  ? 35 A   C "O3'" 1 
ATOM   756  C  "C2'" . A   B 2 9  ? 2.744   5.334   -10.755 1.00 73.99  ? 35 A   C "C2'" 1 
ATOM   757  O  "O2'" . A   B 2 9  ? 3.275   4.978   -12.015 1.00 74.48  ? 35 A   C "O2'" 1 
ATOM   758  C  "C1'" . A   B 2 9  ? 3.861   5.505   -9.726  1.00 76.68  ? 35 A   C "C1'" 1 
ATOM   759  N  N9    . A   B 2 9  ? 3.429   5.101   -8.387  1.00 71.94  ? 35 A   C N9    1 
ATOM   760  C  C8    . A   B 2 9  ? 3.120   5.891   -7.309  1.00 69.76  ? 35 A   C C8    1 
ATOM   761  N  N7    . A   B 2 9  ? 2.770   5.214   -6.246  1.00 70.14  ? 35 A   C N7    1 
ATOM   762  C  C5    . A   B 2 9  ? 2.851   3.890   -6.651  1.00 68.36  ? 35 A   C C5    1 
ATOM   763  C  C6    . A   B 2 9  ? 2.605   2.685   -5.986  1.00 68.20  ? 35 A   C C6    1 
ATOM   764  N  N6    . A   B 2 9  ? 2.199   2.619   -4.716  1.00 64.99  ? 35 A   C N6    1 
ATOM   765  N  N1    . A   B 2 9  ? 2.786   1.538   -6.676  1.00 68.39  ? 35 A   C N1    1 
ATOM   766  C  C2    . A   B 2 9  ? 3.182   1.613   -7.951  1.00 68.27  ? 35 A   C C2    1 
ATOM   767  N  N3    . A   B 2 9  ? 3.439   2.686   -8.685  1.00 68.32  ? 35 A   C N3    1 
ATOM   768  C  C4    . A   B 2 9  ? 3.254   3.805   -7.966  1.00 68.63  ? 35 A   C C4    1 
ATOM   769  P  P     . A   B 2 10 ? -0.209  6.782   -11.963 1.00 78.76  ? 36 A   C P     1 
ATOM   770  O  OP1   . A   B 2 10 ? -0.699  7.230   -13.295 1.00 76.10  ? 36 A   C OP1   1 
ATOM   771  O  OP2   . A   B 2 10 ? -0.802  7.358   -10.719 1.00 70.65  ? 36 A   C OP2   1 
ATOM   772  O  "O5'" . A   B 2 10 ? -0.405  5.208   -11.896 1.00 73.11  ? 36 A   C "O5'" 1 
ATOM   773  C  "C5'" . A   B 2 10 ? 0.026   4.379   -12.967 1.00 69.29  ? 36 A   C "C5'" 1 
ATOM   774  C  "C4'" . A   B 2 10 ? -0.140  2.941   -12.584 1.00 66.86  ? 36 A   C "C4'" 1 
ATOM   775  O  "O4'" . A   B 2 10 ? 0.779   2.634   -11.512 1.00 67.82  ? 36 A   C "O4'" 1 
ATOM   776  C  "C3'" . A   B 2 10 ? -1.500  2.594   -12.019 1.00 64.01  ? 36 A   C "C3'" 1 
ATOM   777  O  "O3'" . A   B 2 10 ? -2.412  2.304   -13.054 1.00 64.17  ? 36 A   C "O3'" 1 
ATOM   778  C  "C2'" . A   B 2 10 ? -1.190  1.367   -11.185 1.00 68.01  ? 36 A   C "C2'" 1 
ATOM   779  O  "O2'" . A   B 2 10 ? -1.044  0.203   -11.971 1.00 72.19  ? 36 A   C "O2'" 1 
ATOM   780  C  "C1'" . A   B 2 10 ? 0.155   1.763   -10.590 1.00 69.38  ? 36 A   C "C1'" 1 
ATOM   781  N  N9    . A   B 2 10 ? -0.049  2.510   -9.355  1.00 68.11  ? 36 A   C N9    1 
ATOM   782  C  C8    . A   B 2 10 ? 0.042   3.866   -9.158  1.00 69.15  ? 36 A   C C8    1 
ATOM   783  N  N7    . A   B 2 10 ? -0.181  4.238   -7.917  1.00 66.76  ? 36 A   C N7    1 
ATOM   784  C  C5    . A   B 2 10 ? -0.443  3.047   -7.258  1.00 65.33  ? 36 A   C C5    1 
ATOM   785  C  C6    . A   B 2 10 ? -0.743  2.746   -5.916  1.00 65.49  ? 36 A   C C6    1 
ATOM   786  N  N6    . A   B 2 10 ? -0.851  3.665   -4.951  1.00 66.21  ? 36 A   C N6    1 
ATOM   787  N  N1    . A   B 2 10 ? -0.936  1.444   -5.594  1.00 64.48  ? 36 A   C N1    1 
ATOM   788  C  C2    . A   B 2 10 ? -0.840  0.520   -6.561  1.00 62.92  ? 36 A   C C2    1 
ATOM   789  N  N3    . A   B 2 10 ? -0.567  0.676   -7.848  1.00 63.47  ? 36 A   C N3    1 
ATOM   790  C  C4    . A   B 2 10 ? -0.373  1.974   -8.135  1.00 66.25  ? 36 A   C C4    1 
ATOM   791  P  P     . C   B 2 11 ? -3.978  2.507   -12.795 1.00 68.57  ? 37 C   C P     1 
ATOM   792  O  OP1   . C   B 2 11 ? -4.700  2.013   -13.992 1.00 60.27  ? 37 C   C OP1   1 
ATOM   793  O  OP2   . C   B 2 11 ? -4.162  3.910   -12.337 1.00 60.34  ? 37 C   C OP2   1 
ATOM   794  O  "O5'" . C   B 2 11 ? -4.295  1.529   -11.578 1.00 66.09  ? 37 C   C "O5'" 1 
ATOM   795  C  "C5'" . C   B 2 11 ? -4.284  0.119   -11.765 1.00 64.18  ? 37 C   C "C5'" 1 
ATOM   796  C  "C4'" . C   B 2 11 ? -4.586  -0.587  -10.470 1.00 62.01  ? 37 C   C "C4'" 1 
ATOM   797  O  "O4'" . C   B 2 11 ? -3.601  -0.185  -9.495  1.00 61.50  ? 37 C   C "O4'" 1 
ATOM   798  C  "C3'" . C   B 2 11 ? -5.915  -0.250  -9.818  1.00 61.58  ? 37 C   C "C3'" 1 
ATOM   799  O  "O3'" . C   B 2 11 ? -6.958  -1.064  -10.331 1.00 63.89  ? 37 C   C "O3'" 1 
ATOM   800  C  "C2'" . C   B 2 11 ? -5.643  -0.576  -8.359  1.00 61.12  ? 37 C   C "C2'" 1 
ATOM   801  O  "O2'" . C   B 2 11 ? -5.716  -1.959  -8.059  1.00 61.51  ? 37 C   C "O2'" 1 
ATOM   802  C  "C1'" . C   B 2 11 ? -4.202  -0.103  -8.224  1.00 60.35  ? 37 C   C "C1'" 1 
ATOM   803  N  N1    . C   B 2 11 ? -4.114  1.277   -7.769  1.00 59.36  ? 37 C   C N1    1 
ATOM   804  C  C2    . C   B 2 11 ? -4.300  1.538   -6.414  1.00 59.19  ? 37 C   C C2    1 
ATOM   805  O  O2    . C   B 2 11 ? -4.599  0.596   -5.661  1.00 60.44  ? 37 C   C O2    1 
ATOM   806  N  N3    . C   B 2 11 ? -4.158  2.802   -5.958  1.00 55.51  ? 37 C   C N3    1 
ATOM   807  C  C4    . C   B 2 11 ? -3.866  3.787   -6.811  1.00 54.68  ? 37 C   C C4    1 
ATOM   808  N  N4    . C   B 2 11 ? -3.728  5.012   -6.314  1.00 53.67  ? 37 C   C N4    1 
ATOM   809  C  C5    . C   B 2 11 ? -3.704  3.552   -8.209  1.00 55.38  ? 37 C   C C5    1 
ATOM   810  C  C6    . C   B 2 11 ? -3.836  2.291   -8.640  1.00 56.34  ? 37 C   C C6    1 
ATOM   811  P  P     . A   B 2 12 ? -8.479  -0.556  -10.241 1.00 66.50  ? 38 A   C P     1 
ATOM   812  O  OP1   . A   B 2 12 ? -9.310  -1.521  -10.999 1.00 63.52  ? 38 A   C OP1   1 
ATOM   813  O  OP2   . A   B 2 12 ? -8.517  0.885   -10.581 1.00 66.38  ? 38 A   C OP2   1 
ATOM   814  O  "O5'" . A   B 2 12 ? -8.851  -0.672  -8.700  1.00 61.50  ? 38 A   C "O5'" 1 
ATOM   815  C  "C5'" . A   B 2 12 ? -8.960  -1.936  -8.078  1.00 58.35  ? 38 A   C "C5'" 1 
ATOM   816  C  "C4'" . A   B 2 12 ? -9.164  -1.748  -6.611  1.00 60.53  ? 38 A   C "C4'" 1 
ATOM   817  O  "O4'" . A   B 2 12 ? -8.030  -1.033  -6.083  1.00 56.67  ? 38 A   C "O4'" 1 
ATOM   818  C  "C3'" . A   B 2 12 ? -10.325 -0.849  -6.263  1.00 63.81  ? 38 A   C "C3'" 1 
ATOM   819  O  "O3'" . A   B 2 12 ? -11.538 -1.551  -6.284  1.00 66.86  ? 38 A   C "O3'" 1 
ATOM   820  C  "C2'" . A   B 2 12 ? -9.947  -0.345  -4.881  1.00 61.65  ? 38 A   C "C2'" 1 
ATOM   821  O  "O2'" . A   B 2 12 ? -10.132 -1.277  -3.841  1.00 64.87  ? 38 A   C "O2'" 1 
ATOM   822  C  "C1'" . A   B 2 12 ? -8.456  -0.145  -5.065  1.00 57.37  ? 38 A   C "C1'" 1 
ATOM   823  N  N9    . A   B 2 12 ? -8.176  1.208   -5.519  1.00 56.37  ? 38 A   C N9    1 
ATOM   824  C  C8    . A   B 2 12 ? -7.789  1.607   -6.768  1.00 58.14  ? 38 A   C C8    1 
ATOM   825  N  N7    . A   B 2 12 ? -7.521  2.887   -6.852  1.00 57.87  ? 38 A   C N7    1 
ATOM   826  C  C5    . A   B 2 12 ? -7.774  3.364   -5.575  1.00 55.43  ? 38 A   C C5    1 
ATOM   827  C  C6    . A   B 2 12 ? -7.664  4.645   -4.999  1.00 56.02  ? 38 A   C C6    1 
ATOM   828  N  N6    . A   B 2 12 ? -7.245  5.723   -5.672  1.00 53.22  ? 38 A   C N6    1 
ATOM   829  N  N1    . A   B 2 12 ? -7.997  4.779   -3.695  1.00 55.50  ? 38 A   C N1    1 
ATOM   830  C  C2    . A   B 2 12 ? -8.416  3.691   -3.026  1.00 56.59  ? 38 A   C C2    1 
ATOM   831  N  N3    . A   B 2 12 ? -8.556  2.439   -3.455  1.00 56.61  ? 38 A   C N3    1 
ATOM   832  C  C4    . A   B 2 12 ? -8.209  2.343   -4.748  1.00 55.35  ? 38 A   C C4    1 
ATOM   833  P  P     . C   B 2 13 ? -12.871 -0.779  -6.707  1.00 70.59  ? 39 C   C P     1 
ATOM   834  O  OP1   . C   B 2 13 ? -13.940 -1.798  -6.649  1.00 65.22  ? 39 C   C OP1   1 
ATOM   835  O  OP2   . C   B 2 13 ? -12.610 -0.050  -7.974  1.00 65.84  ? 39 C   C OP2   1 
ATOM   836  O  "O5'" . C   B 2 13 ? -13.086 0.260   -5.516  1.00 59.60  ? 39 C   C "O5'" 1 
ATOM   837  C  "C5'" . C   B 2 13 ? -13.231 -0.212  -4.185  1.00 59.16  ? 39 C   C "C5'" 1 
ATOM   838  C  "C4'" . C   B 2 13 ? -13.228 0.931   -3.211  1.00 60.51  ? 39 C   C "C4'" 1 
ATOM   839  O  "O4'" . C   B 2 13 ? -11.934 1.582   -3.235  1.00 62.02  ? 39 C   C "O4'" 1 
ATOM   840  C  "C3'" . C   B 2 13 ? -14.196 2.051   -3.530  1.00 64.12  ? 39 C   C "C3'" 1 
ATOM   841  O  "O3'" . C   B 2 13 ? -15.506 1.741   -3.080  1.00 70.52  ? 39 C   C "O3'" 1 
ATOM   842  C  "C2'" . C   B 2 13 ? -13.578 3.232   -2.792  1.00 60.98  ? 39 C   C "C2'" 1 
ATOM   843  O  "O2'" . C   B 2 13 ? -13.827 3.246   -1.403  1.00 60.85  ? 39 C   C "O2'" 1 
ATOM   844  C  "C1'" . C   B 2 13 ? -12.093 2.974   -3.013  1.00 58.38  ? 39 C   C "C1'" 1 
ATOM   845  N  N1    . C   B 2 13 ? -11.589 3.709   -4.183  1.00 57.68  ? 39 C   C N1    1 
ATOM   846  C  C2    . C   B 2 13 ? -11.169 5.030   -4.000  1.00 55.32  ? 39 C   C C2    1 
ATOM   847  O  O2    . C   B 2 13 ? -11.209 5.515   -2.853  1.00 54.49  ? 39 C   C O2    1 
ATOM   848  N  N3    . C   B 2 13 ? -10.724 5.742   -5.068  1.00 52.56  ? 39 C   C N3    1 
ATOM   849  C  C4    . C   B 2 13 ? -10.677 5.172   -6.277  1.00 51.67  ? 39 C   C C4    1 
ATOM   850  N  N4    . C   B 2 13 ? -10.215 5.898   -7.298  1.00 54.47  ? 39 C   C N4    1 
ATOM   851  C  C5    . C   B 2 13 ? -11.096 3.821   -6.490  1.00 52.92  ? 39 C   C C5    1 
ATOM   852  C  C6    . C   B 2 13 ? -11.539 3.133   -5.424  1.00 56.16  ? 39 C   C C6    1 
ATOM   853  P  P     . A   B 2 14 ? -16.778 2.371   -3.837  1.00 69.73  ? 40 A   C P     1 
ATOM   854  O  OP1   . A   B 2 14 ? -17.984 1.723   -3.253  1.00 64.11  ? 40 A   C OP1   1 
ATOM   855  O  OP2   . A   B 2 14 ? -16.545 2.302   -5.304  1.00 64.46  ? 40 A   C OP2   1 
ATOM   856  O  "O5'" . A   B 2 14 ? -16.755 3.894   -3.379  1.00 58.60  ? 40 A   C "O5'" 1 
ATOM   857  C  "C5'" . A   B 2 14 ? -16.945 4.213   -2.014  1.00 56.90  ? 40 A   C "C5'" 1 
ATOM   858  C  "C4'" . A   B 2 14 ? -16.713 5.676   -1.772  1.00 61.48  ? 40 A   C "C4'" 1 
ATOM   859  O  "O4'" . A   B 2 14 ? -15.326 5.987   -2.035  1.00 64.11  ? 40 A   C "O4'" 1 
ATOM   860  C  "C3'" . A   B 2 14 ? -17.478 6.631   -2.667  1.00 61.42  ? 40 A   C "C3'" 1 
ATOM   861  O  "O3'" . A   B 2 14 ? -18.800 6.846   -2.205  1.00 58.53  ? 40 A   C "O3'" 1 
ATOM   862  C  "C2'" . A   B 2 14 ? -16.625 7.888   -2.583  1.00 62.58  ? 40 A   C "C2'" 1 
ATOM   863  O  "O2'" . A   B 2 14 ? -16.787 8.589   -1.365  1.00 57.57  ? 40 A   C "O2'" 1 
ATOM   864  C  "C1'" . A   B 2 14 ? -15.226 7.285   -2.597  1.00 62.33  ? 40 A   C "C1'" 1 
ATOM   865  N  N9    . A   B 2 14 ? -14.710 7.166   -3.958  1.00 60.66  ? 40 A   C N9    1 
ATOM   866  C  C8    . A   B 2 14 ? -14.776 6.088   -4.807  1.00 59.13  ? 40 A   C C8    1 
ATOM   867  N  N7    . A   B 2 14 ? -14.194 6.291   -5.965  1.00 57.54  ? 40 A   C N7    1 
ATOM   868  C  C5    . A   B 2 14 ? -13.716 7.594   -5.873  1.00 56.77  ? 40 A   C C5    1 
ATOM   869  C  C6    . A   B 2 14 ? -12.991 8.412   -6.767  1.00 55.90  ? 40 A   C C6    1 
ATOM   870  N  N6    . A   B 2 14 ? -12.596 8.020   -7.979  1.00 51.80  ? 40 A   C N6    1 
ATOM   871  N  N1    . A   B 2 14 ? -12.679 9.666   -6.360  1.00 58.55  ? 40 A   C N1    1 
ATOM   872  C  C2    . A   B 2 14 ? -13.071 10.063  -5.142  1.00 57.14  ? 40 A   C C2    1 
ATOM   873  N  N3    . A   B 2 14 ? -13.744 9.389   -4.214  1.00 58.20  ? 40 A   C N3    1 
ATOM   874  C  C4    . A   B 2 14 ? -14.038 8.147   -4.646  1.00 58.34  ? 40 A   C C4    1 
ATOM   875  P  P     . C   B 2 15 ? -19.962 7.208   -3.258  1.00 63.84  ? 41 C   C P     1 
ATOM   876  O  OP1   . C   B 2 15 ? -21.221 7.251   -2.484  1.00 64.14  ? 41 C   C OP1   1 
ATOM   877  O  OP2   . C   B 2 15 ? -19.856 6.313   -4.443  1.00 56.83  ? 41 C   C OP2   1 
ATOM   878  O  "O5'" . C   B 2 15 ? -19.606 8.693   -3.713  1.00 59.75  ? 41 C   C "O5'" 1 
ATOM   879  C  "C5'" . C   B 2 15 ? -19.752 9.772   -2.796  1.00 55.73  ? 41 C   C "C5'" 1 
ATOM   880  C  "C4'" . C   B 2 15 ? -19.120 11.035  -3.340  1.00 58.64  ? 41 C   C "C4'" 1 
ATOM   881  O  "O4'" . C   B 2 15 ? -17.700 10.805  -3.556  1.00 63.05  ? 41 C   C "O4'" 1 
ATOM   882  C  "C3'" . C   B 2 15 ? -19.621 11.534  -4.685  1.00 59.64  ? 41 C   C "C3'" 1 
ATOM   883  O  "O3'" . C   B 2 15 ? -20.810 12.295  -4.555  1.00 59.27  ? 41 C   C "O3'" 1 
ATOM   884  C  "C2'" . C   B 2 15 ? -18.448 12.377  -5.161  1.00 59.10  ? 41 C   C "C2'" 1 
ATOM   885  O  "O2'" . C   B 2 15 ? -18.399 13.650  -4.552  1.00 53.11  ? 41 C   C "O2'" 1 
ATOM   886  C  "C1'" . C   B 2 15 ? -17.264 11.534  -4.689  1.00 59.18  ? 41 C   C "C1'" 1 
ATOM   887  N  N1    . C   B 2 15 ? -16.900 10.586  -5.741  1.00 56.53  ? 41 C   C N1    1 
ATOM   888  C  C2    . C   B 2 15 ? -16.051 11.015  -6.764  1.00 53.17  ? 41 C   C C2    1 
ATOM   889  O  O2    . C   B 2 15 ? -15.585 12.167  -6.708  1.00 52.92  ? 41 C   C O2    1 
ATOM   890  N  N3    . C   B 2 15 ? -15.754 10.167  -7.778  1.00 50.80  ? 41 C   C N3    1 
ATOM   891  C  C4    . C   B 2 15 ? -16.256 8.923   -7.773  1.00 52.37  ? 41 C   C C4    1 
ATOM   892  N  N4    . C   B 2 15 ? -15.931 8.106   -8.778  1.00 48.20  ? 41 C   C N4    1 
ATOM   893  C  C5    . C   B 2 15 ? -17.110 8.459   -6.729  1.00 52.35  ? 41 C   C C5    1 
ATOM   894  C  C6    . C   B 2 15 ? -17.401 9.315   -5.742  1.00 53.69  ? 41 C   C C6    1 
ATOM   895  P  P     . G   B 2 16 ? -21.797 12.455  -5.814  1.00 61.18  ? 42 G   C P     1 
ATOM   896  O  OP1   . G   B 2 16 ? -22.948 13.246  -5.331  1.00 63.62  ? 42 G   C OP1   1 
ATOM   897  O  OP2   . G   B 2 16 ? -22.033 11.146  -6.467  1.00 57.80  ? 42 G   C OP2   1 
ATOM   898  O  "O5'" . G   B 2 16 ? -20.972 13.367  -6.816  1.00 59.39  ? 42 G   C "O5'" 1 
ATOM   899  C  "C5'" . G   B 2 16 ? -20.641 14.689  -6.442  1.00 59.94  ? 42 G   C "C5'" 1 
ATOM   900  C  "C4'" . G   B 2 16 ? -19.847 15.360  -7.523  1.00 64.57  ? 42 G   C "C4'" 1 
ATOM   901  O  "O4'" . G   B 2 16 ? -18.545 14.731  -7.591  1.00 65.01  ? 42 G   C "O4'" 1 
ATOM   902  C  "C3'" . G   B 2 16 ? -20.389 15.235  -8.936  1.00 65.11  ? 42 G   C "C3'" 1 
ATOM   903  O  "O3'" . G   B 2 16 ? -21.424 16.156  -9.231  1.00 62.57  ? 42 G   C "O3'" 1 
ATOM   904  C  "C2'" . G   B 2 16 ? -19.134 15.472  -9.752  1.00 65.52  ? 42 G   C "C2'" 1 
ATOM   905  O  "O2'" . G   B 2 16 ? -18.752 16.831  -9.724  1.00 64.30  ? 42 G   C "O2'" 1 
ATOM   906  C  "C1'" . G   B 2 16 ? -18.113 14.691  -8.934  1.00 65.15  ? 42 G   C "C1'" 1 
ATOM   907  N  N9    . G   B 2 16 ? -18.098 13.302  -9.374  1.00 64.77  ? 42 G   C N9    1 
ATOM   908  C  C8    . G   B 2 16 ? -18.695 12.217  -8.784  1.00 66.82  ? 42 G   C C8    1 
ATOM   909  N  N7    . G   B 2 16 ? -18.496 11.108  -9.443  1.00 64.91  ? 42 G   C N7    1 
ATOM   910  C  C5    . G   B 2 16 ? -17.717 11.492  -10.526 1.00 64.02  ? 42 G   C C5    1 
ATOM   911  C  C6    . G   B 2 16 ? -17.177 10.729  -11.596 1.00 64.06  ? 42 G   C C6    1 
ATOM   912  O  O6    . G   B 2 16 ? -17.272 9.515   -11.799 1.00 62.98  ? 42 G   C O6    1 
ATOM   913  N  N1    . G   B 2 16 ? -16.467 11.528  -12.488 1.00 64.57  ? 42 G   C N1    1 
ATOM   914  C  C2    . G   B 2 16 ? -16.303 12.886  -12.370 1.00 65.93  ? 42 G   C C2    1 
ATOM   915  N  N2    . G   B 2 16 ? -15.614 13.503  -13.352 1.00 68.32  ? 42 G   C N2    1 
ATOM   916  N  N3    . G   B 2 16 ? -16.783 13.596  -11.372 1.00 65.11  ? 42 G   C N3    1 
ATOM   917  C  C4    . G   B 2 16 ? -17.474 12.842  -10.497 1.00 63.56  ? 42 G   C C4    1 
ATOM   918  P  P     . A   B 2 17 ? -22.618 15.715  -10.212 1.00 62.35  ? 43 A   C P     1 
ATOM   919  O  OP1   . A   B 2 17 ? -23.511 16.892  -10.287 1.00 66.04  ? 43 A   C OP1   1 
ATOM   920  O  OP2   . A   B 2 17 ? -23.166 14.407  -9.783  1.00 62.56  ? 43 A   C OP2   1 
ATOM   921  O  "O5'" . A   B 2 17 ? -21.894 15.518  -11.617 1.00 63.44  ? 43 A   C "O5'" 1 
ATOM   922  C  "C5'" . A   B 2 17 ? -21.203 16.609  -12.206 1.00 65.06  ? 43 A   C "C5'" 1 
ATOM   923  C  "C4'" . A   B 2 17 ? -20.543 16.208  -13.502 1.00 68.29  ? 43 A   C "C4'" 1 
ATOM   924  O  "O4'" . A   B 2 17 ? -19.461 15.292  -13.223 1.00 73.32  ? 43 A   C "O4'" 1 
ATOM   925  C  "C3'" . A   B 2 17 ? -21.411 15.441  -14.484 1.00 68.09  ? 43 A   C "C3'" 1 
ATOM   926  O  "O3'" . A   B 2 17 ? -22.358 16.175  -15.237 1.00 73.19  ? 43 A   C "O3'" 1 
ATOM   927  C  "C2'" . A   B 2 17 ? -20.378 14.742  -15.343 1.00 70.99  ? 43 A   C "C2'" 1 
ATOM   928  O  "O2'" . A   B 2 17 ? -19.773 15.586  -16.296 1.00 72.96  ? 43 A   C "O2'" 1 
ATOM   929  C  "C1'" . A   B 2 17 ? -19.339 14.375  -14.294 1.00 72.56  ? 43 A   C "C1'" 1 
ATOM   930  N  N9    . A   B 2 17 ? -19.602 13.026  -13.818 1.00 69.43  ? 43 A   C N9    1 
ATOM   931  C  C8    . A   B 2 17 ? -20.330 12.576  -12.746 1.00 69.56  ? 43 A   C C8    1 
ATOM   932  N  N7    . A   B 2 17 ? -20.377 11.268  -12.659 1.00 68.12  ? 43 A   C N7    1 
ATOM   933  C  C5    . A   B 2 17 ? -19.620 10.836  -13.743 1.00 66.54  ? 43 A   C C5    1 
ATOM   934  C  C6    . A   B 2 17 ? -19.278 9.561   -14.217 1.00 63.66  ? 43 A   C C6    1 
ATOM   935  N  N6    . A   B 2 17 ? -19.663 8.427   -13.636 1.00 63.30  ? 43 A   C N6    1 
ATOM   936  N  N1    . A   B 2 17 ? -18.511 9.489   -15.327 1.00 63.81  ? 43 A   C N1    1 
ATOM   937  C  C2    . A   B 2 17 ? -18.120 10.623  -15.910 1.00 63.86  ? 43 A   C C2    1 
ATOM   938  N  N3    . A   B 2 17 ? -18.376 11.874  -15.560 1.00 66.15  ? 43 A   C N3    1 
ATOM   939  C  C4    . A   B 2 17 ? -19.138 11.909  -14.457 1.00 67.63  ? 43 A   C C4    1 
ATOM   940  O  "O5'" . U   B 2 18 ? -13.874 3.066   -18.299 1.00 57.88  ? 44 U   C "O5'" 1 
ATOM   941  C  "C5'" . U   B 2 18 ? -13.414 3.316   -19.630 1.00 63.56  ? 44 U   C "C5'" 1 
ATOM   942  C  "C4'" . U   B 2 18 ? -13.517 4.776   -19.980 1.00 62.31  ? 44 U   C "C4'" 1 
ATOM   943  O  "O4'" . U   B 2 18 ? -14.912 5.148   -20.031 1.00 63.11  ? 44 U   C "O4'" 1 
ATOM   944  C  "C3'" . U   B 2 18 ? -12.903 5.734   -18.977 1.00 57.90  ? 44 U   C "C3'" 1 
ATOM   945  O  "O3'" . U   B 2 18 ? -11.526 5.936   -19.250 1.00 59.51  ? 44 U   C "O3'" 1 
ATOM   946  C  "C2'" . U   B 2 18 ? -13.676 7.010   -19.251 1.00 60.57  ? 44 U   C "C2'" 1 
ATOM   947  O  "O2'" . U   B 2 18 ? -13.198 7.683   -20.399 1.00 65.82  ? 44 U   C "O2'" 1 
ATOM   948  C  "C1'" . U   B 2 18 ? -15.073 6.457   -19.523 1.00 63.87  ? 44 U   C "C1'" 1 
ATOM   949  N  N1    . U   B 2 18 ? -15.894 6.366   -18.308 1.00 62.53  ? 44 U   C N1    1 
ATOM   950  C  C2    . U   B 2 18 ? -16.401 7.543   -17.767 1.00 61.10  ? 44 U   C C2    1 
ATOM   951  O  O2    . U   B 2 18 ? -16.228 8.644   -18.280 1.00 59.85  ? 44 U   C O2    1 
ATOM   952  N  N3    . U   B 2 18 ? -17.121 7.376   -16.611 1.00 60.01  ? 44 U   C N3    1 
ATOM   953  C  C4    . U   B 2 18 ? -17.387 6.182   -15.966 1.00 57.83  ? 44 U   C C4    1 
ATOM   954  O  O4    . U   B 2 18 ? -17.978 6.197   -14.889 1.00 53.04  ? 44 U   C O4    1 
ATOM   955  C  C5    . U   B 2 18 ? -16.856 5.021   -16.607 1.00 57.63  ? 44 U   C C5    1 
ATOM   956  C  C6    . U   B 2 18 ? -16.144 5.149   -17.725 1.00 59.81  ? 44 U   C C6    1 
ATOM   957  P  P     . C   B 2 19 ? -10.542 6.422   -18.078 1.00 65.66  ? 45 C   C P     1 
ATOM   958  O  OP1   . C   B 2 19 ? -9.157  6.280   -18.588 1.00 65.06  ? 45 C   C OP1   1 
ATOM   959  O  OP2   . C   B 2 19 ? -10.948 5.738   -16.822 1.00 62.59  ? 45 C   C OP2   1 
ATOM   960  O  "O5'" . C   B 2 19 ? -10.851 7.973   -17.915 1.00 61.61  ? 45 C   C "O5'" 1 
ATOM   961  C  "C5'" . C   B 2 19 ? -10.591 8.879   -18.973 1.00 58.22  ? 45 C   C "C5'" 1 
ATOM   962  C  "C4'" . C   B 2 19 ? -11.243 10.200  -18.687 1.00 60.02  ? 45 C   C "C4'" 1 
ATOM   963  O  "O4'" . C   B 2 19 ? -12.669 9.991   -18.548 1.00 58.21  ? 45 C   C "O4'" 1 
ATOM   964  C  "C3'" . C   B 2 19 ? -10.840 10.844  -17.373 1.00 57.89  ? 45 C   C "C3'" 1 
ATOM   965  O  "O3'" . C   B 2 19 ? -9.683  11.627  -17.511 1.00 57.75  ? 45 C   C "O3'" 1 
ATOM   966  C  "C2'" . C   B 2 19 ? -12.020 11.745  -17.089 1.00 60.01  ? 45 C   C "C2'" 1 
ATOM   967  O  "O2'" . C   B 2 19 ? -11.959 12.917  -17.876 1.00 61.73  ? 45 C   C "O2'" 1 
ATOM   968  C  "C1'" . C   B 2 19 ? -13.177 10.866  -17.557 1.00 60.55  ? 45 C   C "C1'" 1 
ATOM   969  N  N1    . C   B 2 19 ? -13.753 10.061  -16.467 1.00 62.69  ? 45 C   C N1    1 
ATOM   970  C  C2    . C   B 2 19 ? -14.485 10.717  -15.461 1.00 63.49  ? 45 C   C C2    1 
ATOM   971  O  O2    . C   B 2 19 ? -14.586 11.951  -15.501 1.00 64.86  ? 45 C   C O2    1 
ATOM   972  N  N3    . C   B 2 19 ? -15.055 9.992   -14.475 1.00 62.59  ? 45 C   C N3    1 
ATOM   973  C  C4    . C   B 2 19 ? -14.910 8.668   -14.459 1.00 62.77  ? 45 C   C C4    1 
ATOM   974  N  N4    . C   B 2 19 ? -15.498 7.992   -13.473 1.00 60.48  ? 45 C   C N4    1 
ATOM   975  C  C5    . C   B 2 19 ? -14.156 7.974   -15.458 1.00 62.99  ? 45 C   C C5    1 
ATOM   976  C  C6    . C   B 2 19 ? -13.598 8.704   -16.432 1.00 61.25  ? 45 C   C C6    1 
ATOM   977  P  P     . G   B 2 20 ? -8.624  11.673  -16.314 1.00 60.46  ? 46 G   C P     1 
ATOM   978  O  OP1   . G   B 2 20 ? -7.354  12.124  -16.935 1.00 55.79  ? 46 G   C OP1   1 
ATOM   979  O  OP2   . G   B 2 20 ? -8.690  10.379  -15.588 1.00 49.81  ? 46 G   C OP2   1 
ATOM   980  O  "O5'" . G   B 2 20 ? -9.163  12.790  -15.316 1.00 59.83  ? 46 G   C "O5'" 1 
ATOM   981  C  "C5'" . G   B 2 20 ? -9.330  14.140  -15.730 1.00 60.18  ? 46 G   C "C5'" 1 
ATOM   982  C  "C4'" . G   B 2 20 ? -10.120 14.881  -14.690 1.00 59.42  ? 46 G   C "C4'" 1 
ATOM   983  O  "O4'" . G   B 2 20 ? -11.427 14.274  -14.586 1.00 60.14  ? 46 G   C "O4'" 1 
ATOM   984  C  "C3'" . G   B 2 20 ? -9.548  14.782  -13.293 1.00 58.55  ? 46 G   C "C3'" 1 
ATOM   985  O  "O3'" . G   B 2 20 ? -8.599  15.820  -13.121 1.00 57.76  ? 46 G   C "O3'" 1 
ATOM   986  C  "C2'" . G   B 2 20 ? -10.776 14.989  -12.419 1.00 57.52  ? 46 G   C "C2'" 1 
ATOM   987  O  "O2'" . G   B 2 20 ? -11.133 16.347  -12.298 1.00 54.58  ? 46 G   C "O2'" 1 
ATOM   988  C  "C1'" . G   B 2 20 ? -11.846 14.276  -13.238 1.00 61.26  ? 46 G   C "C1'" 1 
ATOM   989  N  N9    . G   B 2 20 ? -12.116 12.895  -12.853 1.00 62.46  ? 46 G   C N9    1 
ATOM   990  C  C8    . G   B 2 20 ? -11.793 11.758  -13.556 1.00 62.72  ? 46 G   C C8    1 
ATOM   991  N  N7    . G   B 2 20 ? -12.243 10.665  -12.997 1.00 62.69  ? 46 G   C N7    1 
ATOM   992  C  C5    . G   B 2 20 ? -12.884 11.106  -11.848 1.00 61.13  ? 46 G   C C5    1 
ATOM   993  C  C6    . G   B 2 20 ? -13.581 10.382  -10.853 1.00 60.16  ? 46 G   C C6    1 
ATOM   994  O  O6    . G   B 2 20 ? -13.791 9.168   -10.797 1.00 61.02  ? 46 G   C O6    1 
ATOM   995  N  N1    . G   B 2 20 ? -14.068 11.221  -9.854  1.00 57.10  ? 46 G   C N1    1 
ATOM   996  C  C2    . G   B 2 20 ? -13.913 12.584  -9.824  1.00 58.14  ? 46 G   C C2    1 
ATOM   997  N  N2    . G   B 2 20 ? -14.441 13.225  -8.768  1.00 58.05  ? 46 G   C N2    1 
ATOM   998  N  N3    . G   B 2 20 ? -13.281 13.275  -10.759 1.00 59.29  ? 46 G   C N3    1 
ATOM   999  C  C4    . G   B 2 20 ? -12.794 12.477  -11.732 1.00 61.29  ? 46 G   C C4    1 
ATOM   1000 P  P     . U   B 2 21 ? -7.515  15.713  -11.946 1.00 63.50  ? 47 U   C P     1 
ATOM   1001 O  OP1   . U   B 2 21 ? -6.713  16.962  -11.971 1.00 63.13  ? 47 U   C OP1   1 
ATOM   1002 O  OP2   . U   B 2 21 ? -6.844  14.394  -12.104 1.00 62.68  ? 47 U   C OP2   1 
ATOM   1003 O  "O5'" . U   B 2 21 ? -8.375  15.727  -10.603 1.00 62.28  ? 47 U   C "O5'" 1 
ATOM   1004 C  "C5'" . U   B 2 21 ? -8.867  16.957  -10.097 1.00 66.07  ? 47 U   C "C5'" 1 
ATOM   1005 C  "C4'" . U   B 2 21 ? -9.676  16.743  -8.847  1.00 65.68  ? 47 U   C "C4'" 1 
ATOM   1006 O  "O4'" . U   B 2 21 ? -10.771 15.845  -9.145  1.00 64.85  ? 47 U   C "O4'" 1 
ATOM   1007 C  "C3'" . U   B 2 21 ? -8.954  16.055  -7.709  1.00 66.38  ? 47 U   C "C3'" 1 
ATOM   1008 O  "O3'" . U   B 2 21 ? -8.220  16.990  -6.952  1.00 68.02  ? 47 U   C "O3'" 1 
ATOM   1009 C  "C2'" . U   B 2 21 ? -10.106 15.479  -6.902  1.00 65.86  ? 47 U   C "C2'" 1 
ATOM   1010 O  "O2'" . U   B 2 21 ? -10.783 16.456  -6.149  1.00 68.85  ? 47 U   C "O2'" 1 
ATOM   1011 C  "C1'" . U   B 2 21 ? -11.049 15.048  -8.012  1.00 63.58  ? 47 U   C "C1'" 1 
ATOM   1012 N  N1    . U   B 2 21 ? -10.866 13.640  -8.362  1.00 61.50  ? 47 U   C N1    1 
ATOM   1013 C  C2    . U   B 2 21 ? -11.482 12.724  -7.550  1.00 60.13  ? 47 U   C C2    1 
ATOM   1014 O  O2    . U   B 2 21 ? -12.109 13.048  -6.556  1.00 60.96  ? 47 U   C O2    1 
ATOM   1015 N  N3    . U   B 2 21 ? -11.337 11.419  -7.936  1.00 59.33  ? 47 U   C N3    1 
ATOM   1016 C  C4    . U   B 2 21 ? -10.635 10.955  -9.027  1.00 60.14  ? 47 U   C C4    1 
ATOM   1017 O  O4    . U   B 2 21 ? -10.639 9.753   -9.280  1.00 59.38  ? 47 U   C O4    1 
ATOM   1018 C  C5    . U   B 2 21 ? -9.994  11.973  -9.801  1.00 61.47  ? 47 U   C C5    1 
ATOM   1019 C  C6    . U   B 2 21 ? -10.131 13.252  -9.451  1.00 62.97  ? 47 U   C C6    1 
ATOM   1020 P  P     . G   B 2 22 ? -7.041  16.479  -6.000  1.00 70.10  ? 48 G   C P     1 
ATOM   1021 O  OP1   . G   B 2 22 ? -6.401  17.690  -5.428  1.00 69.13  ? 48 G   C OP1   1 
ATOM   1022 O  OP2   . G   B 2 22 ? -6.218  15.495  -6.751  1.00 65.45  ? 48 G   C OP2   1 
ATOM   1023 O  "O5'" . G   B 2 22 ? -7.799  15.718  -4.824  1.00 66.79  ? 48 G   C "O5'" 1 
ATOM   1024 C  "C5'" . G   B 2 22 ? -8.636  16.433  -3.924  1.00 61.70  ? 48 G   C "C5'" 1 
ATOM   1025 C  "C4'" . G   B 2 22 ? -9.286  15.482  -2.959  1.00 61.72  ? 48 G   C "C4'" 1 
ATOM   1026 O  "O4'" . G   B 2 22 ? -10.091 14.536  -3.702  1.00 61.27  ? 48 G   C "O4'" 1 
ATOM   1027 C  "C3'" . G   B 2 22 ? -8.328  14.613  -2.169  1.00 60.66  ? 48 G   C "C3'" 1 
ATOM   1028 O  "O3'" . G   B 2 22 ? -7.903  15.307  -1.008  1.00 64.00  ? 48 G   C "O3'" 1 
ATOM   1029 C  "C2'" . G   B 2 22 ? -9.202  13.420  -1.811  1.00 61.30  ? 48 G   C "C2'" 1 
ATOM   1030 O  "O2'" . G   B 2 22 ? -10.067 13.676  -0.724  1.00 63.13  ? 48 G   C "O2'" 1 
ATOM   1031 C  "C1'" . G   B 2 22 ? -10.041 13.274  -3.075  1.00 58.94  ? 48 G   C "C1'" 1 
ATOM   1032 N  N9    . G   B 2 22 ? -9.545  12.311  -4.047  1.00 59.32  ? 48 G   C N9    1 
ATOM   1033 C  C8    . G   B 2 22 ? -8.735  12.557  -5.130  1.00 58.82  ? 48 G   C C8    1 
ATOM   1034 N  N7    . G   B 2 22 ? -8.529  11.496  -5.863  1.00 59.47  ? 48 G   C N7    1 
ATOM   1035 C  C5    . G   B 2 22 ? -9.236  10.487  -5.215  1.00 59.44  ? 48 G   C C5    1 
ATOM   1036 C  C6    . G   B 2 22 ? -9.406  9.114   -5.546  1.00 60.35  ? 48 G   C C6    1 
ATOM   1037 O  O6    . G   B 2 22 ? -8.978  8.499   -6.535  1.00 61.23  ? 48 G   C O6    1 
ATOM   1038 N  N1    . G   B 2 22 ? -10.171 8.447   -4.589  1.00 60.36  ? 48 G   C N1    1 
ATOM   1039 C  C2    . G   B 2 22 ? -10.712 9.026   -3.467  1.00 59.82  ? 48 G   C C2    1 
ATOM   1040 N  N2    . G   B 2 22 ? -11.380 8.210   -2.630  1.00 62.18  ? 48 G   C N2    1 
ATOM   1041 N  N3    . G   B 2 22 ? -10.597 10.310  -3.174  1.00 59.73  ? 48 G   C N3    1 
ATOM   1042 C  C4    . G   B 2 22 ? -9.846  10.972  -4.080  1.00 59.72  ? 48 G   C C4    1 
ATOM   1043 P  P     . G   B 2 23 ? -6.505  14.926  -0.321  1.00 70.25  ? 49 G   C P     1 
ATOM   1044 O  OP1   . G   B 2 23 ? -6.057  16.132  0.414   1.00 67.96  ? 49 G   C OP1   1 
ATOM   1045 O  OP2   . G   B 2 23 ? -5.639  14.350  -1.388  1.00 68.64  ? 49 G   C OP2   1 
ATOM   1046 O  "O5'" . G   B 2 23 ? -6.883  13.793  0.745   1.00 65.66  ? 49 G   C "O5'" 1 
ATOM   1047 C  "C5'" . G   B 2 23 ? -8.050  13.922  1.557   1.00 64.08  ? 49 G   C "C5'" 1 
ATOM   1048 C  "C4'" . G   B 2 23 ? -8.423  12.592  2.175   1.00 68.78  ? 49 G   C "C4'" 1 
ATOM   1049 O  "O4'" . G   B 2 23 ? -8.635  11.605  1.144   1.00 69.28  ? 49 G   C "O4'" 1 
ATOM   1050 C  "C3'" . G   B 2 23 ? -7.318  12.030  3.062   1.00 71.78  ? 49 G   C "C3'" 1 
ATOM   1051 O  "O3'" . G   B 2 23 ? -7.922  11.455  4.216   1.00 76.11  ? 49 G   C "O3'" 1 
ATOM   1052 C  "C2'" . G   B 2 23 ? -6.540  11.049  2.192   1.00 69.38  ? 49 G   C "C2'" 1 
ATOM   1053 O  "O2'" . G   B 2 23 ? -6.121  9.892   2.882   1.00 71.71  ? 49 G   C "O2'" 1 
ATOM   1054 C  "C1'" . G   B 2 23 ? -7.621  10.634  1.201   1.00 66.27  ? 49 G   C "C1'" 1 
ATOM   1055 N  N9    . G   B 2 23 ? -7.264  10.242  -0.147  1.00 61.11  ? 49 G   C N9    1 
ATOM   1056 C  C8    . G   B 2 23 ? -6.459  10.884  -1.053  1.00 58.79  ? 49 G   C C8    1 
ATOM   1057 N  N7    . G   B 2 23 ? -6.360  10.242  -2.188  1.00 58.02  ? 49 G   C N7    1 
ATOM   1058 C  C5    . G   B 2 23 ? -7.143  9.108   -2.005  1.00 58.24  ? 49 G   C C5    1 
ATOM   1059 C  C6    . G   B 2 23 ? -7.416  8.016   -2.880  1.00 58.08  ? 49 G   C C6    1 
ATOM   1060 O  O6    . G   B 2 23 ? -6.985  7.818   -4.021  1.00 61.65  ? 49 G   C O6    1 
ATOM   1061 N  N1    . G   B 2 23 ? -8.278  7.092   -2.290  1.00 56.85  ? 49 G   C N1    1 
ATOM   1062 C  C2    . G   B 2 23 ? -8.794  7.193   -1.016  1.00 58.89  ? 49 G   C C2    1 
ATOM   1063 N  N2    . G   B 2 23 ? -9.598  6.194   -0.605  1.00 54.83  ? 49 G   C N2    1 
ATOM   1064 N  N3    . G   B 2 23 ? -8.538  8.197   -0.198  1.00 57.61  ? 49 G   C N3    1 
ATOM   1065 C  C4    . G   B 2 23 ? -7.711  9.107   -0.754  1.00 58.72  ? 49 G   C C4    1 
ATOM   1066 P  P     . U   B 2 24 ? -7.151  11.442  5.606   1.00 81.78  ? 50 U   C P     1 
ATOM   1067 O  OP1   . U   B 2 24 ? -8.175  11.485  6.673   1.00 80.46  ? 50 U   C OP1   1 
ATOM   1068 O  OP2   . U   B 2 24 ? -6.118  12.498  5.528   1.00 82.05  ? 50 U   C OP2   1 
ATOM   1069 O  "O5'" . U   B 2 24 ? -6.444  10.020  5.655   1.00 83.02  ? 50 U   C "O5'" 1 
ATOM   1070 C  "C5'" . U   B 2 24 ? -6.045  9.474   6.901   1.00 80.68  ? 50 U   C "C5'" 1 
ATOM   1071 C  "C4'" . U   B 2 24 ? -5.982  7.969   6.831   1.00 80.02  ? 50 U   C "C4'" 1 
ATOM   1072 O  "O4'" . U   B 2 24 ? -7.271  7.450   6.417   1.00 80.71  ? 50 U   C "O4'" 1 
ATOM   1073 C  "C3'" . U   B 2 24 ? -4.992  7.494   5.772   1.00 78.44  ? 50 U   C "C3'" 1 
ATOM   1074 O  "O3'" . U   B 2 24 ? -4.165  6.458   6.264   1.00 75.00  ? 50 U   C "O3'" 1 
ATOM   1075 C  "C2'" . U   B 2 24 ? -5.809  7.143   4.531   1.00 79.09  ? 50 U   C "C2'" 1 
ATOM   1076 O  "O2'" . U   B 2 24 ? -5.351  5.963   3.888   1.00 81.94  ? 50 U   C "O2'" 1 
ATOM   1077 C  "C1'" . U   B 2 24 ? -7.167  6.834   5.154   1.00 79.31  ? 50 U   C "C1'" 1 
ATOM   1078 N  N1    . U   B 2 24 ? -8.364  7.113   4.363   1.00 79.35  ? 50 U   C N1    1 
ATOM   1079 C  C2    . U   B 2 24 ? -8.942  6.029   3.727   1.00 80.34  ? 50 U   C C2    1 
ATOM   1080 O  O2    . U   B 2 24 ? -8.508  4.894   3.833   1.00 77.59  ? 50 U   C O2    1 
ATOM   1081 N  N3    . U   B 2 24 ? -10.044 6.326   2.967   1.00 83.33  ? 50 U   C N3    1 
ATOM   1082 C  C4    . U   B 2 24 ? -10.612 7.576   2.785   1.00 85.01  ? 50 U   C C4    1 
ATOM   1083 O  O4    . U   B 2 24 ? -11.547 7.701   1.985   1.00 87.64  ? 50 U   C O4    1 
ATOM   1084 C  C5    . U   B 2 24 ? -9.961  8.644   3.502   1.00 83.33  ? 50 U   C C5    1 
ATOM   1085 C  C6    . U   B 2 24 ? -8.885  8.379   4.246   1.00 80.39  ? 50 U   C C6    1 
ATOM   1086 P  P     . A   B 2 25 ? -2.587  6.594   6.178   1.00 75.32  ? 51 A   C P     1 
ATOM   1087 O  OP1   . A   B 2 25 ? -2.071  5.208   6.293   1.00 71.06  ? 51 A   C OP1   1 
ATOM   1088 O  OP2   . A   B 2 25 ? -2.197  7.626   7.171   1.00 73.57  ? 51 A   C OP2   1 
ATOM   1089 O  "O5'" . A   B 2 25 ? -2.330  7.162   4.712   1.00 78.85  ? 51 A   C "O5'" 1 
ATOM   1090 C  "C5'" . A   B 2 25 ? -1.952  6.305   3.647   1.00 75.81  ? 51 A   C "C5'" 1 
ATOM   1091 C  "C4'" . A   B 2 25 ? -1.483  7.121   2.469   1.00 77.18  ? 51 A   C "C4'" 1 
ATOM   1092 O  "O4'" . A   B 2 25 ? -1.013  6.216   1.452   1.00 74.35  ? 51 A   C "O4'" 1 
ATOM   1093 C  "C3'" . A   B 2 25 ? -2.661  7.889   1.863   1.00 76.70  ? 51 A   C "C3'" 1 
ATOM   1094 O  "O3'" . A   B 2 25 ? -2.257  9.160   1.327   1.00 76.25  ? 51 A   C "O3'" 1 
ATOM   1095 C  "C2'" . A   B 2 25 ? -3.158  7.000   0.726   1.00 75.61  ? 51 A   C "C2'" 1 
ATOM   1096 O  "O2'" . A   B 2 25 ? -3.538  7.729   -0.417  1.00 79.85  ? 51 A   C "O2'" 1 
ATOM   1097 C  "C1'" . A   B 2 25 ? -1.865  6.288   0.353   1.00 73.85  ? 51 A   C "C1'" 1 
ATOM   1098 N  N9    . A   B 2 25 ? -1.840  5.039   -0.377  1.00 72.76  ? 51 A   C N9    1 
ATOM   1099 C  C8    . A   B 2 25 ? -1.274  4.840   -1.608  1.00 72.45  ? 51 A   C C8    1 
ATOM   1100 N  N7    . A   B 2 25 ? -1.379  3.613   -2.045  1.00 71.73  ? 51 A   C N7    1 
ATOM   1101 C  C5    . A   B 2 25 ? -2.063  2.967   -1.032  1.00 72.50  ? 51 A   C C5    1 
ATOM   1102 C  C6    . A   B 2 25 ? -2.489  1.652   -0.891  1.00 74.20  ? 51 A   C C6    1 
ATOM   1103 N  N6    . A   B 2 25 ? -2.264  0.705   -1.813  1.00 71.89  ? 51 A   C N6    1 
ATOM   1104 N  N1    . A   B 2 25 ? -3.156  1.330   0.245   1.00 77.05  ? 51 A   C N1    1 
ATOM   1105 C  C2    . A   B 2 25 ? -3.361  2.290   1.171   1.00 75.99  ? 51 A   C C2    1 
ATOM   1106 N  N3    . A   B 2 25 ? -2.996  3.566   1.148   1.00 72.38  ? 51 A   C N3    1 
ATOM   1107 C  C4    . A   B 2 25 ? -2.351  3.838   0.005   1.00 72.69  ? 51 A   C C4    1 
ATOM   1108 P  P     . C   B 2 26 ? -2.044  10.444  2.272   1.00 79.69  ? 52 C   C P     1 
ATOM   1109 O  OP1   . C   B 2 26 ? -3.344  10.769  2.939   1.00 81.10  ? 52 C   C OP1   1 
ATOM   1110 O  OP2   . C   B 2 26 ? -1.402  11.453  1.382   1.00 73.91  ? 52 C   C OP2   1 
ATOM   1111 O  "O5'" . C   B 2 26 ? -0.955  9.994   3.358   1.00 81.77  ? 52 C   C "O5'" 1 
ATOM   1112 C  "C5'" . C   B 2 26 ? 0.450   10.199  3.138   1.00 80.06  ? 52 C   C "C5'" 1 
ATOM   1113 C  "C4'" . C   B 2 26 ? 1.197   10.331  4.460   1.00 80.73  ? 52 C   C "C4'" 1 
ATOM   1114 O  "O4'" . C   B 2 26 ? 0.555   11.370  5.246   1.00 81.74  ? 52 C   C "O4'" 1 
ATOM   1115 C  "C3'" . C   B 2 26 ? 1.112   9.053   5.305   1.00 82.66  ? 52 C   C "C3'" 1 
ATOM   1116 O  "O3'" . C   B 2 26 ? 2.308   8.683   6.001   1.00 80.35  ? 52 C   C "O3'" 1 
ATOM   1117 C  "C2'" . C   B 2 26 ? -0.020  9.289   6.296   1.00 81.98  ? 52 C   C "C2'" 1 
ATOM   1118 O  "O2'" . C   B 2 26 ? 0.293   8.796   7.580   1.00 85.35  ? 52 C   C "O2'" 1 
ATOM   1119 C  "C1'" . C   B 2 26 ? -0.029  10.810  6.399   1.00 82.36  ? 52 C   C "C1'" 1 
ATOM   1120 N  N1    . C   B 2 26 ? -1.323  11.431  6.679   1.00 83.53  ? 52 C   C N1    1 
ATOM   1121 C  C2    . C   B 2 26 ? -1.481  12.098  7.903   1.00 83.88  ? 52 C   C C2    1 
ATOM   1122 O  O2    . C   B 2 26 ? -0.503  12.191  8.673   1.00 81.66  ? 52 C   C O2    1 
ATOM   1123 N  N3    . C   B 2 26 ? -2.687  12.624  8.213   1.00 84.29  ? 52 C   C N3    1 
ATOM   1124 C  C4    . C   B 2 26 ? -3.703  12.511  7.353   1.00 84.67  ? 52 C   C C4    1 
ATOM   1125 N  N4    . C   B 2 26 ? -4.881  13.030  7.711   1.00 84.48  ? 52 C   C N4    1 
ATOM   1126 C  C5    . C   B 2 26 ? -3.558  11.860  6.089   1.00 84.67  ? 52 C   C C5    1 
ATOM   1127 C  C6    . C   B 2 26 ? -2.360  11.343  5.796   1.00 83.75  ? 52 C   C C6    1 
ATOM   1128 P  P     . A   B 2 27 ? 3.558   8.053   5.222   1.00 82.10  ? 53 A   C P     1 
ATOM   1129 O  OP1   . A   B 2 27 ? 4.569   7.749   6.269   1.00 80.06  ? 53 A   C OP1   1 
ATOM   1130 O  OP2   . A   B 2 27 ? 3.926   8.939   4.075   1.00 80.02  ? 53 A   C OP2   1 
ATOM   1131 O  "O5'" . A   B 2 27 ? 3.001   6.676   4.659   1.00 75.66  ? 53 A   C "O5'" 1 
ATOM   1132 C  "C5'" . A   B 2 27 ? 2.311   5.772   5.503   1.00 66.71  ? 53 A   C "C5'" 1 
ATOM   1133 C  "C4'" . A   B 2 27 ? 1.871   4.580   4.698   1.00 67.00  ? 53 A   C "C4'" 1 
ATOM   1134 O  "O4'" . A   B 2 27 ? 1.019   5.043   3.624   1.00 68.07  ? 53 A   C "O4'" 1 
ATOM   1135 C  "C3'" . A   B 2 27 ? 2.992   3.863   3.976   1.00 66.42  ? 53 A   C "C3'" 1 
ATOM   1136 O  "O3'" . A   B 2 27 ? 3.557   2.891   4.816   1.00 66.11  ? 53 A   C "O3'" 1 
ATOM   1137 C  "C2'" . A   B 2 27 ? 2.277   3.198   2.812   1.00 63.07  ? 53 A   C "C2'" 1 
ATOM   1138 O  "O2'" . A   B 2 27 ? 1.629   1.990   3.150   1.00 61.16  ? 53 A   C "O2'" 1 
ATOM   1139 C  "C1'" . A   B 2 27 ? 1.244   4.261   2.462   1.00 61.38  ? 53 A   C "C1'" 1 
ATOM   1140 N  N9    . A   B 2 27 ? 1.691   5.148   1.392   1.00 57.70  ? 53 A   C N9    1 
ATOM   1141 C  C8    . A   B 2 27 ? 2.033   6.471   1.490   1.00 55.70  ? 53 A   C C8    1 
ATOM   1142 N  N7    . A   B 2 27 ? 2.370   7.015   0.342   1.00 55.08  ? 53 A   C N7    1 
ATOM   1143 C  C5    . A   B 2 27 ? 2.250   5.972   -0.576  1.00 53.33  ? 53 A   C C5    1 
ATOM   1144 C  C6    . A   B 2 27 ? 2.467   5.880   -1.987  1.00 54.43  ? 53 A   C C6    1 
ATOM   1145 N  N6    . A   B 2 27 ? 2.880   6.894   -2.762  1.00 60.52  ? 53 A   C N6    1 
ATOM   1146 N  N1    . A   B 2 27 ? 2.247   4.683   -2.575  1.00 53.76  ? 53 A   C N1    1 
ATOM   1147 C  C2    . A   B 2 27 ? 1.855   3.659   -1.811  1.00 52.54  ? 53 A   C C2    1 
ATOM   1148 N  N3    . A   B 2 27 ? 1.629   3.613   -0.498  1.00 53.27  ? 53 A   C N3    1 
ATOM   1149 C  C4    . A   B 2 27 ? 1.841   4.813   0.064   1.00 55.41  ? 53 A   C C4    1 
ATOM   1150 P  P     . U   B 2 28 ? 5.132   2.646   4.768   1.00 65.09  ? 54 U   C P     1 
ATOM   1151 O  OP1   . U   B 2 28 ? 5.434   1.709   5.874   1.00 63.64  ? 54 U   C OP1   1 
ATOM   1152 O  OP2   . U   B 2 28 ? 5.799   3.969   4.703   1.00 62.06  ? 54 U   C OP2   1 
ATOM   1153 O  "O5'" . U   B 2 28 ? 5.365   1.901   3.385   1.00 60.59  ? 54 U   C "O5'" 1 
ATOM   1154 C  "C5'" . U   B 2 28 ? 4.705   0.684   3.140   1.00 56.99  ? 54 U   C "C5'" 1 
ATOM   1155 C  "C4'" . U   B 2 28 ? 4.931   0.234   1.725   1.00 58.77  ? 54 U   C "C4'" 1 
ATOM   1156 O  "O4'" . U   B 2 28 ? 4.577   1.314   0.825   1.00 61.17  ? 54 U   C "O4'" 1 
ATOM   1157 C  "C3'" . U   B 2 28 ? 6.405   -0.067  1.454   1.00 58.43  ? 54 U   C "C3'" 1 
ATOM   1158 O  "O3'" . U   B 2 28 ? 6.542   -1.359  0.850   1.00 56.42  ? 54 U   C "O3'" 1 
ATOM   1159 C  "C2'" . U   B 2 28 ? 6.971   1.171   0.753   1.00 57.32  ? 54 U   C "C2'" 1 
ATOM   1160 O  "O2'" . U   B 2 28 ? 7.842   0.877   -0.318  1.00 63.17  ? 54 U   C "O2'" 1 
ATOM   1161 C  "C1'" . U   B 2 28 ? 5.712   1.756   0.126   1.00 60.47  ? 54 U   C "C1'" 1 
ATOM   1162 N  N1    . U   B 2 28 ? 5.641   3.197   -0.136  1.00 62.25  ? 54 U   C N1    1 
ATOM   1163 C  C2    . U   B 2 28 ? 5.729   3.577   -1.471  1.00 60.70  ? 54 U   C C2    1 
ATOM   1164 O  O2    . U   B 2 28 ? 5.798   2.761   -2.389  1.00 56.34  ? 54 U   C O2    1 
ATOM   1165 N  N3    . U   B 2 28 ? 5.727   4.936   -1.693  1.00 58.01  ? 54 U   C N3    1 
ATOM   1166 C  C4    . U   B 2 28 ? 5.640   5.932   -0.737  1.00 58.91  ? 54 U   C C4    1 
ATOM   1167 O  O4    . U   B 2 28 ? 5.748   7.111   -1.084  1.00 61.19  ? 54 U   C O4    1 
ATOM   1168 C  C5    . U   B 2 28 ? 5.516   5.456   0.621   1.00 61.06  ? 54 U   C C5    1 
ATOM   1169 C  C6    . U   B 2 28 ? 5.520   4.134   0.866   1.00 62.93  ? 54 U   C C6    1 
ATOM   1170 P  P     . U   B 2 29 ? 7.990   -1.967  0.499   1.00 56.83  ? 55 U   C P     1 
ATOM   1171 O  OP1   . U   B 2 29 ? 8.092   -3.207  1.290   1.00 57.99  ? 55 U   C OP1   1 
ATOM   1172 O  OP2   . U   B 2 29 ? 9.034   -0.927  0.631   1.00 51.52  ? 55 U   C OP2   1 
ATOM   1173 O  "O5'" . U   B 2 29 ? 7.849   -2.375  -1.033  1.00 57.49  ? 55 U   C "O5'" 1 
ATOM   1174 C  "C5'" . U   B 2 29 ? 8.898   -3.022  -1.744  1.00 57.57  ? 55 U   C "C5'" 1 
ATOM   1175 C  "C4'" . U   B 2 29 ? 9.059   -2.376  -3.100  1.00 65.52  ? 55 U   C "C4'" 1 
ATOM   1176 O  "O4'" . U   B 2 29 ? 7.771   -2.338  -3.769  1.00 66.14  ? 55 U   C "O4'" 1 
ATOM   1177 C  "C3'" . U   B 2 29 ? 9.485   -0.919  -2.929  1.00 64.59  ? 55 U   C "C3'" 1 
ATOM   1178 O  "O3'" . U   B 2 29 ? 10.371  -0.557  -3.973  1.00 68.05  ? 55 U   C "O3'" 1 
ATOM   1179 C  "C2'" . U   B 2 29 ? 8.206   -0.103  -3.016  1.00 63.44  ? 55 U   C "C2'" 1 
ATOM   1180 O  "O2'" . U   B 2 29 ? 8.376   1.092   -3.726  1.00 68.99  ? 55 U   C "O2'" 1 
ATOM   1181 C  "C1'" . U   B 2 29 ? 7.340   -1.002  -3.889  1.00 66.77  ? 55 U   C "C1'" 1 
ATOM   1182 N  N1    . U   B 2 29 ? 5.886   -0.897  -3.726  1.00 67.53  ? 55 U   C N1    1 
ATOM   1183 C  C2    . U   B 2 29 ? 5.202   -0.341  -4.780  1.00 65.95  ? 55 U   C C2    1 
ATOM   1184 O  O2    . U   B 2 29 ? 5.755   -0.002  -5.812  1.00 61.44  ? 55 U   C O2    1 
ATOM   1185 N  N3    . U   B 2 29 ? 3.850   -0.209  -4.595  1.00 67.94  ? 55 U   C N3    1 
ATOM   1186 C  C4    . U   B 2 29 ? 3.122   -0.593  -3.486  1.00 70.55  ? 55 U   C C4    1 
ATOM   1187 O  O4    . U   B 2 29 ? 1.899   -0.419  -3.471  1.00 73.66  ? 55 U   C O4    1 
ATOM   1188 C  C5    . U   B 2 29 ? 3.903   -1.187  -2.439  1.00 71.38  ? 55 U   C C5    1 
ATOM   1189 C  C6    . U   B 2 29 ? 5.229   -1.311  -2.593  1.00 69.88  ? 55 U   C C6    1 
ATOM   1190 P  P     . A   B 2 30 ? 11.886  -0.155  -3.681  1.00 64.66  ? 56 A   C P     1 
ATOM   1191 O  OP1   . A   B 2 30 ? 12.591  -1.371  -3.210  1.00 60.01  ? 56 A   C OP1   1 
ATOM   1192 O  OP2   . A   B 2 30 ? 11.893  1.086   -2.842  1.00 56.05  ? 56 A   C OP2   1 
ATOM   1193 O  "O5'" . A   B 2 30 ? 12.395  0.131   -5.167  1.00 63.40  ? 56 A   C "O5'" 1 
ATOM   1194 C  "C5'" . A   B 2 30 ? 12.166  -0.835  -6.201  1.00 67.68  ? 56 A   C "C5'" 1 
ATOM   1195 C  "C4'" . A   B 2 30 ? 11.687  -0.155  -7.463  1.00 70.74  ? 56 A   C "C4'" 1 
ATOM   1196 O  "O4'" . A   B 2 30 ? 10.391  0.443   -7.235  1.00 73.14  ? 56 A   C "O4'" 1 
ATOM   1197 C  "C3'" . A   B 2 30 ? 12.547  0.995   -7.950  1.00 70.79  ? 56 A   C "C3'" 1 
ATOM   1198 O  "O3'" . A   B 2 30 ? 13.571  0.486   -8.776  1.00 74.32  ? 56 A   C "O3'" 1 
ATOM   1199 C  "C2'" . A   B 2 30 ? 11.563  1.822   -8.764  1.00 68.99  ? 56 A   C "C2'" 1 
ATOM   1200 O  "O2'" . A   B 2 30 ? 11.325  1.250   -10.031 1.00 68.44  ? 56 A   C "O2'" 1 
ATOM   1201 C  "C1'" . A   B 2 30 ? 10.297  1.678   -7.929  1.00 68.83  ? 56 A   C "C1'" 1 
ATOM   1202 N  N9    . A   B 2 30 ? 10.119  2.733   -6.932  1.00 66.42  ? 56 A   C N9    1 
ATOM   1203 C  C8    . A   B 2 30 ? 9.872   2.522   -5.602  1.00 65.92  ? 56 A   C C8    1 
ATOM   1204 N  N7    . A   B 2 30 ? 9.692   3.623   -4.908  1.00 64.85  ? 56 A   C N7    1 
ATOM   1205 C  C5    . A   B 2 30 ? 9.846   4.635   -5.842  1.00 65.12  ? 56 A   C C5    1 
ATOM   1206 C  C6    . A   B 2 30 ? 9.767   6.044   -5.737  1.00 64.08  ? 56 A   C C6    1 
ATOM   1207 N  N6    . A   B 2 30 ? 9.479   6.696   -4.604  1.00 64.31  ? 56 A   C N6    1 
ATOM   1208 N  N1    . A   B 2 30 ? 9.987   6.764   -6.859  1.00 62.47  ? 56 A   C N1    1 
ATOM   1209 C  C2    . A   B 2 30 ? 10.257  6.108   -8.002  1.00 63.56  ? 56 A   C C2    1 
ATOM   1210 N  N3    . A   B 2 30 ? 10.348  4.792   -8.228  1.00 63.67  ? 56 A   C N3    1 
ATOM   1211 C  C4    . A   B 2 30 ? 10.128  4.101   -7.095  1.00 65.74  ? 56 A   C C4    1 
ATOM   1212 P  P     . C   B 2 31 ? 15.094  0.829   -8.437  1.00 76.32  ? 57 C   C P     1 
ATOM   1213 O  OP1   . C   B 2 31 ? 15.875  0.360   -9.603  1.00 74.27  ? 57 C   C OP1   1 
ATOM   1214 O  OP2   . C   B 2 31 ? 15.395  0.295   -7.082  1.00 73.40  ? 57 C   C OP2   1 
ATOM   1215 O  "O5'" . C   B 2 31 ? 15.123  2.424   -8.382  1.00 75.80  ? 57 C   C "O5'" 1 
ATOM   1216 C  "C5'" . C   B 2 31 ? 15.041  3.211   -9.574  1.00 72.29  ? 57 C   C "C5'" 1 
ATOM   1217 C  "C4'" . C   B 2 31 ? 14.955  4.681   -9.230  1.00 69.81  ? 57 C   C "C4'" 1 
ATOM   1218 O  "O4'" . C   B 2 31 ? 13.684  4.955   -8.595  1.00 69.23  ? 57 C   C "O4'" 1 
ATOM   1219 C  "C3'" . C   B 2 31 ? 15.977  5.161   -8.218  1.00 72.63  ? 57 C   C "C3'" 1 
ATOM   1220 O  "O3'" . C   B 2 31 ? 17.204  5.473   -8.837  1.00 72.35  ? 57 C   C "O3'" 1 
ATOM   1221 C  "C2'" . C   B 2 31 ? 15.311  6.389   -7.614  1.00 72.68  ? 57 C   C "C2'" 1 
ATOM   1222 O  "O2'" . C   B 2 31 ? 15.454  7.580   -8.357  1.00 76.23  ? 57 C   C "O2'" 1 
ATOM   1223 C  "C1'" . C   B 2 31 ? 13.852  5.947   -7.592  1.00 71.36  ? 57 C   C "C1'" 1 
ATOM   1224 N  N1    . C   B 2 31 ? 13.491  5.354   -6.307  1.00 73.70  ? 57 C   C N1    1 
ATOM   1225 C  C2    . C   B 2 31 ? 13.197  6.203   -5.241  1.00 74.10  ? 57 C   C C2    1 
ATOM   1226 O  O2    . C   B 2 31 ? 13.284  7.436   -5.416  1.00 74.15  ? 57 C   C O2    1 
ATOM   1227 N  N3    . C   B 2 31 ? 12.830  5.665   -4.053  1.00 73.64  ? 57 C   C N3    1 
ATOM   1228 C  C4    . C   B 2 31 ? 12.765  4.335   -3.915  1.00 73.01  ? 57 C   C C4    1 
ATOM   1229 N  N4    . C   B 2 31 ? 12.391  3.845   -2.733  1.00 73.83  ? 57 C   C N4    1 
ATOM   1230 C  C5    . C   B 2 31 ? 13.080  3.449   -4.986  1.00 71.93  ? 57 C   C C5    1 
ATOM   1231 C  C6    . C   B 2 31 ? 13.434  3.995   -6.152  1.00 73.01  ? 57 C   C C6    1 
ATOM   1232 P  P     . C   B 2 32 ? 18.564  5.228   -8.033  1.00 77.45  ? 58 C   C P     1 
ATOM   1233 O  OP1   . C   B 2 32 ? 19.662  5.362   -9.013  1.00 78.43  ? 58 C   C OP1   1 
ATOM   1234 O  OP2   . C   B 2 32 ? 18.431  3.981   -7.246  1.00 77.35  ? 58 C   C OP2   1 
ATOM   1235 O  "O5'" . C   B 2 32 ? 18.618  6.441   -7.007  1.00 71.51  ? 58 C   C "O5'" 1 
ATOM   1236 C  "C5'" . C   B 2 32 ? 18.742  7.769   -7.477  1.00 67.01  ? 58 C   C "C5'" 1 
ATOM   1237 C  "C4'" . C   B 2 32 ? 18.682  8.721   -6.323  1.00 71.15  ? 58 C   C "C4'" 1 
ATOM   1238 O  "O4'" . C   B 2 32 ? 17.357  8.663   -5.738  1.00 74.76  ? 58 C   C "O4'" 1 
ATOM   1239 C  "C3'" . C   B 2 32 ? 19.593  8.345   -5.174  1.00 76.24  ? 58 C   C "C3'" 1 
ATOM   1240 O  "O3'" . C   B 2 32 ? 20.917  8.775   -5.385  1.00 80.55  ? 58 C   C "O3'" 1 
ATOM   1241 C  "C2'" . C   B 2 32 ? 18.928  9.023   -3.985  1.00 77.43  ? 58 C   C "C2'" 1 
ATOM   1242 O  "O2'" . C   B 2 32 ? 19.251  10.391  -3.815  1.00 74.22  ? 58 C   C "O2'" 1 
ATOM   1243 C  "C1'" . C   B 2 32 ? 17.452  8.833   -4.333  1.00 77.10  ? 58 C   C "C1'" 1 
ATOM   1244 N  N1    . C   B 2 32 ? 16.915  7.631   -3.698  1.00 78.96  ? 58 C   C N1    1 
ATOM   1245 C  C2    . C   B 2 32 ? 16.542  7.703   -2.361  1.00 79.30  ? 58 C   C C2    1 
ATOM   1246 O  O2    . C   B 2 32 ? 16.666  8.788   -1.769  1.00 80.18  ? 58 C   C O2    1 
ATOM   1247 N  N3    . C   B 2 32 ? 16.054  6.600   -1.749  1.00 78.55  ? 58 C   C N3    1 
ATOM   1248 C  C4    . C   B 2 32 ? 15.926  5.460   -2.434  1.00 77.70  ? 58 C   C C4    1 
ATOM   1249 N  N4    . C   B 2 32 ? 15.429  4.400   -1.796  1.00 75.88  ? 58 C   C N4    1 
ATOM   1250 C  C5    . C   B 2 32 ? 16.300  5.360   -3.807  1.00 78.16  ? 58 C   C C5    1 
ATOM   1251 C  C6    . C   B 2 32 ? 16.786  6.460   -4.394  1.00 78.10  ? 58 C   C C6    1 
ATOM   1252 P  P     . U   B 2 33 ? 22.110  7.953   -4.716  1.00 82.62  ? 59 U   C P     1 
ATOM   1253 O  OP1   . U   B 2 33 ? 23.376  8.373   -5.363  1.00 83.30  ? 59 U   C OP1   1 
ATOM   1254 O  OP2   . U   B 2 33 ? 21.712  6.521   -4.748  1.00 80.72  ? 59 U   C OP2   1 
ATOM   1255 O  "O5'" . U   B 2 33 ? 22.105  8.477   -3.213  1.00 73.35  ? 59 U   C "O5'" 1 
ATOM   1256 C  "C5'" . U   B 2 33 ? 22.224  9.858   -2.943  1.00 71.13  ? 59 U   C "C5'" 1 
ATOM   1257 C  "C4'" . U   B 2 33 ? 22.007  10.115  -1.481  1.00 76.68  ? 59 U   C "C4'" 1 
ATOM   1258 O  "O4'" . U   B 2 33 ? 20.628  9.813   -1.150  1.00 78.61  ? 59 U   C "O4'" 1 
ATOM   1259 C  "C3'" . U   B 2 33 ? 22.813  9.246   -0.531  1.00 77.80  ? 59 U   C "C3'" 1 
ATOM   1260 O  "O3'" . U   B 2 33 ? 24.128  9.743   -0.324  1.00 82.91  ? 59 U   C "O3'" 1 
ATOM   1261 C  "C2'" . U   B 2 33 ? 21.972  9.304   0.738   1.00 77.34  ? 59 U   C "C2'" 1 
ATOM   1262 O  "O2'" . U   B 2 33 ? 22.141  10.503  1.466   1.00 69.34  ? 59 U   C "O2'" 1 
ATOM   1263 C  "C1'" . U   B 2 33 ? 20.558  9.263   0.160   1.00 76.43  ? 59 U   C "C1'" 1 
ATOM   1264 N  N1    . U   B 2 33 ? 20.060  7.884   0.056   1.00 75.06  ? 59 U   C N1    1 
ATOM   1265 C  C2    . U   B 2 33 ? 19.541  7.289   1.199   1.00 72.70  ? 59 U   C C2    1 
ATOM   1266 O  O2    . U   B 2 33 ? 19.471  7.861   2.277   1.00 69.64  ? 59 U   C O2    1 
ATOM   1267 N  N3    . U   B 2 33 ? 19.108  6.000   1.028   1.00 71.62  ? 59 U   C N3    1 
ATOM   1268 C  C4    . U   B 2 33 ? 19.137  5.259   -0.137  1.00 72.25  ? 59 U   C C4    1 
ATOM   1269 O  O4    . U   B 2 33 ? 18.718  4.100   -0.128  1.00 71.76  ? 59 U   C O4    1 
ATOM   1270 C  C5    . U   B 2 33 ? 19.685  5.944   -1.268  1.00 73.42  ? 59 U   C C5    1 
ATOM   1271 C  C6    . U   B 2 33 ? 20.115  7.201   -1.136  1.00 74.34  ? 59 U   C C6    1 
ATOM   1272 P  P     . G   B 2 34 ? 25.307  8.730   0.095   1.00 87.91  ? 60 G   C P     1 
ATOM   1273 O  OP1   . G   B 2 34 ? 26.585  9.477   0.000   1.00 90.30  ? 60 G   C OP1   1 
ATOM   1274 O  OP2   . G   B 2 34 ? 25.139  7.469   -0.674  1.00 82.45  ? 60 G   C OP2   1 
ATOM   1275 O  "O5'" . G   B 2 34 ? 25.040  8.456   1.638   1.00 81.05  ? 60 G   C "O5'" 1 
ATOM   1276 C  "C5'" . G   B 2 34 ? 25.134  9.518   2.576   1.00 76.01  ? 60 G   C "C5'" 1 
ATOM   1277 C  "C4'" . G   B 2 34 ? 24.745  9.030   3.940   1.00 76.02  ? 60 G   C "C4'" 1 
ATOM   1278 O  "O4'" . G   B 2 34 ? 23.350  8.646   3.911   1.00 76.38  ? 60 G   C "O4'" 1 
ATOM   1279 C  "C3'" . G   B 2 34 ? 25.467  7.777   4.403   1.00 77.87  ? 60 G   C "C3'" 1 
ATOM   1280 O  "O3'" . G   B 2 34 ? 26.713  8.095   4.998   1.00 78.25  ? 60 G   C "O3'" 1 
ATOM   1281 C  "C2'" . G   B 2 34 ? 24.487  7.198   5.413   1.00 77.29  ? 60 G   C "C2'" 1 
ATOM   1282 O  "O2'" . G   B 2 34 ? 24.543  7.819   6.682   1.00 74.73  ? 60 G   C "O2'" 1 
ATOM   1283 C  "C1'" . G   B 2 34 ? 23.152  7.512   4.740   1.00 77.10  ? 60 G   C "C1'" 1 
ATOM   1284 N  N9    . G   B 2 34 ? 22.685  6.402   3.914   1.00 73.34  ? 60 G   C N9    1 
ATOM   1285 C  C8    . G   B 2 34 ? 22.733  6.293   2.544   1.00 73.15  ? 60 G   C C8    1 
ATOM   1286 N  N7    . G   B 2 34 ? 22.221  5.175   2.101   1.00 72.68  ? 60 G   C N7    1 
ATOM   1287 C  C5    . G   B 2 34 ? 21.812  4.505   3.251   1.00 72.53  ? 60 G   C C5    1 
ATOM   1288 C  C6    . G   B 2 34 ? 21.174  3.224   3.421   1.00 72.49  ? 60 G   C C6    1 
ATOM   1289 O  O6    . G   B 2 34 ? 20.829  2.401   2.553   1.00 71.24  ? 60 G   C O6    1 
ATOM   1290 N  N1    . G   B 2 34 ? 20.949  2.945   4.767   1.00 70.32  ? 60 G   C N1    1 
ATOM   1291 C  C2    . G   B 2 34 ? 21.288  3.768   5.812   1.00 70.43  ? 60 G   C C2    1 
ATOM   1292 N  N2    . G   B 2 34 ? 20.993  3.316   7.040   1.00 71.00  ? 60 G   C N2    1 
ATOM   1293 N  N3    . G   B 2 34 ? 21.873  4.946   5.671   1.00 68.90  ? 60 G   C N3    1 
ATOM   1294 C  C4    . G   B 2 34 ? 22.101  5.250   4.376   1.00 71.12  ? 60 G   C C4    1 
ATOM   1295 P  P     . C   B 2 35 ? 27.864  6.978   5.079   1.00 77.24  ? 61 C   C P     1 
ATOM   1296 O  OP1   . C   B 2 35 ? 29.010  7.635   5.739   1.00 79.29  ? 61 C   C OP1   1 
ATOM   1297 O  OP2   . C   B 2 35 ? 28.043  6.331   3.749   1.00 73.37  ? 61 C   C OP2   1 
ATOM   1298 O  "O5'" . C   B 2 35 ? 27.288  5.922   6.116   1.00 76.28  ? 61 C   C "O5'" 1 
ATOM   1299 C  "C5'" . C   B 2 35 ? 27.133  6.289   7.476   1.00 73.51  ? 61 C   C "C5'" 1 
ATOM   1300 C  "C4'" . C   B 2 35 ? 26.684  5.108   8.271   1.00 74.90  ? 61 C   C "C4'" 1 
ATOM   1301 O  "O4'" . C   B 2 35 ? 25.324  4.789   7.895   1.00 78.22  ? 61 C   C "O4'" 1 
ATOM   1302 C  "C3'" . C   B 2 35 ? 27.451  3.833   7.985   1.00 75.09  ? 61 C   C "C3'" 1 
ATOM   1303 O  "O3'" . C   B 2 35 ? 28.673  3.767   8.699   1.00 72.74  ? 61 C   C "O3'" 1 
ATOM   1304 C  "C2'" . C   B 2 35 ? 26.453  2.772   8.413   1.00 76.45  ? 61 C   C "C2'" 1 
ATOM   1305 O  "O2'" . C   B 2 35 ? 26.386  2.627   9.815   1.00 76.03  ? 61 C   C "O2'" 1 
ATOM   1306 C  "C1'" . C   B 2 35 ? 25.147  3.384   7.914   1.00 78.44  ? 61 C   C "C1'" 1 
ATOM   1307 N  N1    . C   B 2 35 ? 24.866  2.925   6.545   1.00 77.62  ? 61 C   C N1    1 
ATOM   1308 C  C2    . C   B 2 35 ? 24.243  1.684   6.380   1.00 76.14  ? 61 C   C C2    1 
ATOM   1309 O  O2    . C   B 2 35 ? 23.959  1.020   7.395   1.00 74.76  ? 61 C   C O2    1 
ATOM   1310 N  N3    . C   B 2 35 ? 23.973  1.237   5.129   1.00 74.15  ? 61 C   C N3    1 
ATOM   1311 C  C4    . C   B 2 35 ? 24.310  1.977   4.073   1.00 73.69  ? 61 C   C C4    1 
ATOM   1312 N  N4    . C   B 2 35 ? 24.023  1.506   2.862   1.00 73.03  ? 61 C   C N4    1 
ATOM   1313 C  C5    . C   B 2 35 ? 24.959  3.243   4.213   1.00 75.09  ? 61 C   C C5    1 
ATOM   1314 C  C6    . C   B 2 35 ? 25.211  3.677   5.456   1.00 74.86  ? 61 C   C C6    1 
ATOM   1315 P  P     . C   B 2 36 ? 29.919  2.968   8.064   1.00 75.88  ? 62 C   C P     1 
ATOM   1316 O  OP1   . C   B 2 36 ? 31.109  3.274   8.892   1.00 76.41  ? 62 C   C OP1   1 
ATOM   1317 O  OP2   . C   B 2 36 ? 29.957  3.215   6.593   1.00 69.89  ? 62 C   C OP2   1 
ATOM   1318 O  "O5'" . C   B 2 36 ? 29.545  1.438   8.299   1.00 74.85  ? 62 C   C "O5'" 1 
ATOM   1319 C  "C5'" . C   B 2 36 ? 29.236  0.961   9.604   1.00 71.36  ? 62 C   C "C5'" 1 
ATOM   1320 C  "C4'" . C   B 2 36 ? 28.579  -0.402  9.534   1.00 73.76  ? 62 C   C "C4'" 1 
ATOM   1321 O  "O4'" . C   B 2 36 ? 27.277  -0.283  8.895   1.00 74.75  ? 62 C   C "O4'" 1 
ATOM   1322 C  "C3'" . C   B 2 36 ? 29.301  -1.441  8.687   1.00 72.73  ? 62 C   C "C3'" 1 
ATOM   1323 O  "O3'" . C   B 2 36 ? 30.434  -2.085  9.264   1.00 74.82  ? 62 C   C "O3'" 1 
ATOM   1324 C  "C2'" . C   B 2 36 ? 28.179  -2.410  8.363   1.00 74.23  ? 62 C   C "C2'" 1 
ATOM   1325 O  "O2'" . C   B 2 36 ? 27.846  -3.207  9.477   1.00 73.17  ? 62 C   C "O2'" 1 
ATOM   1326 C  "C1'" . C   B 2 36 ? 27.017  -1.448  8.135   1.00 73.92  ? 62 C   C "C1'" 1 
ATOM   1327 N  N1    . C   B 2 36 ? 26.916  -1.091  6.718   1.00 74.49  ? 62 C   C N1    1 
ATOM   1328 C  C2    . C   B 2 36 ? 26.230  -1.953  5.875   1.00 74.38  ? 62 C   C C2    1 
ATOM   1329 O  O2    . C   B 2 36 ? 25.700  -2.959  6.365   1.00 76.09  ? 62 C   C O2    1 
ATOM   1330 N  N3    . C   B 2 36 ? 26.153  -1.673  4.559   1.00 73.68  ? 62 C   C N3    1 
ATOM   1331 C  C4    . C   B 2 36 ? 26.720  -0.568  4.083   1.00 73.16  ? 62 C   C C4    1 
ATOM   1332 N  N4    . C   B 2 36 ? 26.616  -0.328  2.784   1.00 73.40  ? 62 C   C N4    1 
ATOM   1333 C  C5    . C   B 2 36 ? 27.417  0.341   4.924   1.00 74.20  ? 62 C   C C5    1 
ATOM   1334 C  C6    . C   B 2 36 ? 27.490  0.044   6.226   1.00 75.07  ? 62 C   C C6    1 
HETATM 1335 P  P     . S9L C 3 .  ? 12.211  -4.146  -9.679  1.00 75.15  ? 26 S9L A P     1 
HETATM 1336 O  O1P   . S9L C 3 .  ? 11.401  -5.215  -10.304 1.00 74.84  ? 26 S9L A O1P   1 
HETATM 1337 O  O2P   . S9L C 3 .  ? 12.985  -3.225  -10.547 1.00 77.73  ? 26 S9L A O2P   1 
HETATM 1338 O  "O5'" . S9L C 3 .  ? 13.208  -4.763  -8.625  1.00 80.39  ? 26 S9L A "O5'" 1 
HETATM 1339 C  C12   . S9L C 3 .  ? 13.881  -3.880  -7.722  1.00 89.97  ? 26 S9L A C12   1 
HETATM 1340 C  C22   . S9L C 3 .  ? 13.941  -4.518  -6.323  1.00 93.42  ? 26 S9L A C22   1 
HETATM 1341 O  OH3   . S9L C 3 .  ? 14.895  -5.581  -6.353  1.00 101.64 ? 26 S9L A OH3   1 
HETATM 1342 C  C13   . S9L C 3 .  ? 17.202  -5.421  -7.178  1.00 103.15 ? 26 S9L A C13   1 
HETATM 1343 C  C23   . S9L C 3 .  ? 16.214  -5.096  -6.041  1.00 102.99 ? 26 S9L A C23   1 
HETATM 1344 O  OH4   . S9L C 3 .  ? 17.873  -6.660  -6.904  1.00 103.61 ? 26 S9L A OH4   1 
HETATM 1345 C  C14   . S9L C 3 .  ? 19.779  -7.128  -5.457  1.00 96.04  ? 26 S9L A C14   1 
HETATM 1346 C  C24   . S9L C 3 .  ? 19.295  -6.484  -6.778  1.00 99.47  ? 26 S9L A C24   1 
HETATM 1347 O  "O3'" . S9L C 3 .  ? 19.180  -6.455  -4.345  1.00 79.86  ? 26 S9L A "O3'" 1 
HETATM 1348 CO CO    . NCO D 4 .  ? 1.486   -10.083 -8.592  1.00 156.59 ? 27 NCO A CO    1 
HETATM 1349 N  N1    . NCO D 4 .  ? -0.236  -9.878  -7.519  1.00 155.08 ? 27 NCO A N1    1 
HETATM 1350 N  N2    . NCO D 4 .  ? 0.315   -10.191 -10.225 1.00 155.15 ? 27 NCO A N2    1 
HETATM 1351 N  N3    . NCO D 4 .  ? 1.821   -8.127  -8.711  1.00 154.55 ? 27 NCO A N3    1 
HETATM 1352 N  N4    . NCO D 4 .  ? 1.319   -12.038 -8.539  1.00 155.39 ? 27 NCO A N4    1 
HETATM 1353 N  N5    . NCO D 4 .  ? 3.136   -10.358 -9.615  1.00 154.54 ? 27 NCO A N5    1 
HETATM 1354 N  N6    . NCO D 4 .  ? 2.569   -10.041 -6.884  1.00 156.15 ? 27 NCO A N6    1 
HETATM 1355 S  S     . SO4 E 5 .  ? 1.899   -13.889 -5.344  1.00 150.32 ? 28 SO4 A S     1 
HETATM 1356 O  O1    . SO4 E 5 .  ? 0.577   -14.141 -5.947  1.00 148.76 ? 28 SO4 A O1    1 
HETATM 1357 O  O2    . SO4 E 5 .  ? 2.851   -13.556 -6.419  1.00 149.70 ? 28 SO4 A O2    1 
HETATM 1358 O  O3    . SO4 E 5 .  ? 1.799   -12.764 -4.391  1.00 149.52 ? 28 SO4 A O3    1 
HETATM 1359 O  O4    . SO4 E 5 .  ? 2.368   -15.095 -4.630  1.00 150.23 ? 28 SO4 A O4    1 
HETATM 1360 CO CO    . NCO F 4 .  ? 8.115   6.953   5.578   1.00 108.08 ? 1  NCO C CO    1 
HETATM 1361 N  N1    . NCO F 4 .  ? 9.584   7.350   6.917   1.00 105.67 ? 1  NCO C N1    1 
HETATM 1362 N  N2    . NCO F 4 .  ? 9.361   7.656   4.169   1.00 104.96 ? 1  NCO C N2    1 
HETATM 1363 N  N3    . NCO F 4 .  ? 8.633   5.037   5.405   1.00 106.10 ? 1  NCO C N3    1 
HETATM 1364 N  N4    . NCO F 4 .  ? 7.458   8.791   5.641   1.00 104.78 ? 1  NCO C N4    1 
HETATM 1365 N  N5    . NCO F 4 .  ? 6.705   6.623   4.254   1.00 105.98 ? 1  NCO C N5    1 
HETATM 1366 N  N6    . NCO F 4 .  ? 6.902   6.334   7.087   1.00 104.17 ? 1  NCO C N6    1 
# 
